data_9U6E
#
_entry.id   9U6E
#
_cell.length_a   1.00
_cell.length_b   1.00
_cell.length_c   1.00
_cell.angle_alpha   90.00
_cell.angle_beta   90.00
_cell.angle_gamma   90.00
#
_symmetry.space_group_name_H-M   'P 1'
#
_entity_poly.entity_id   1
_entity_poly.type   'polypeptide(L)'
_entity_poly.pdbx_seq_one_letter_code
;MDPFLVLLHSVSSSLSSSELTELKFLCLGRVGKRKLERVQSGLDLFSMLLEQNDLEPGHTELLRELLASLRRHDLLRRVD
DFEAGAAAGAAPGEEDLCAAFNVICDNVGKDWRRLARQLKVSDTKIDSIEDRYPRNLTERVRESLRIWKNTEKENATVAH
LVGALRSCQMNLVADLVQEVQQARDLQNRSGAMSPMSWNSDASTSEAS
;
_entity_poly.pdbx_strand_id   B,C,D,E,F,G,H,I,J,K,L,M,N,O,P,Q,R,S,T,U,V,W,X,Y
#
# COMPACT_ATOMS: atom_id res chain seq x y z
N MET A 1 35.25 14.16 3.56
CA MET A 1 33.81 14.16 3.80
C MET A 1 33.32 15.55 4.20
N ASP A 2 32.37 16.08 3.46
CA ASP A 2 31.84 17.40 3.72
C ASP A 2 31.00 17.39 5.00
N PRO A 3 31.36 18.17 6.02
CA PRO A 3 30.55 18.19 7.25
C PRO A 3 29.11 18.64 7.01
N PHE A 4 28.89 19.57 6.09
CA PHE A 4 27.53 19.99 5.79
C PHE A 4 26.71 18.84 5.21
N LEU A 5 27.30 18.07 4.30
CA LEU A 5 26.61 16.91 3.75
C LEU A 5 26.36 15.84 4.80
N VAL A 6 27.32 15.65 5.72
CA VAL A 6 27.10 14.70 6.81
C VAL A 6 25.94 15.15 7.69
N LEU A 7 25.87 16.44 8.03
CA LEU A 7 24.77 16.96 8.83
C LEU A 7 23.43 16.80 8.12
N LEU A 8 23.40 17.09 6.82
CA LEU A 8 22.16 16.95 6.06
C LEU A 8 21.71 15.49 5.99
N HIS A 9 22.66 14.56 5.79
CA HIS A 9 22.31 13.15 5.79
C HIS A 9 21.78 12.70 7.15
N SER A 10 22.40 13.17 8.23
CA SER A 10 21.93 12.82 9.57
C SER A 10 20.53 13.37 9.82
N VAL A 11 20.26 14.59 9.37
CA VAL A 11 18.92 15.17 9.54
C VAL A 11 17.90 14.38 8.73
N SER A 12 18.27 14.00 7.51
CA SER A 12 17.35 13.23 6.66
C SER A 12 17.06 11.85 7.26
N SER A 13 18.02 11.28 7.98
CA SER A 13 17.83 9.96 8.57
C SER A 13 16.84 9.95 9.73
N SER A 14 16.43 11.12 10.24
CA SER A 14 15.59 11.20 11.42
C SER A 14 14.18 11.70 11.13
N LEU A 15 13.71 11.54 9.89
CA LEU A 15 12.41 12.04 9.47
C LEU A 15 11.53 10.88 9.01
N SER A 16 10.22 11.04 9.19
CA SER A 16 9.25 10.06 8.76
C SER A 16 8.56 10.53 7.47
N SER A 17 7.64 9.70 6.98
CA SER A 17 6.95 10.02 5.72
C SER A 17 6.03 11.22 5.90
N SER A 18 5.32 11.31 7.03
CA SER A 18 4.44 12.44 7.27
C SER A 18 5.23 13.74 7.39
N GLU A 19 6.39 13.68 8.05
CA GLU A 19 7.24 14.86 8.14
C GLU A 19 7.74 15.30 6.76
N LEU A 20 8.09 14.34 5.90
CA LEU A 20 8.49 14.68 4.54
C LEU A 20 7.35 15.31 3.77
N THR A 21 6.13 14.78 3.93
CA THR A 21 4.97 15.36 3.26
C THR A 21 4.73 16.79 3.74
N GLU A 22 4.91 17.03 5.05
CA GLU A 22 4.79 18.39 5.58
C GLU A 22 5.86 19.31 5.01
N LEU A 23 7.09 18.80 4.86
CA LEU A 23 8.16 19.62 4.32
C LEU A 23 7.96 19.94 2.85
N LYS A 24 7.32 19.03 2.09
CA LYS A 24 7.08 19.30 0.68
C LYS A 24 5.99 20.36 0.49
N PHE A 25 5.04 20.45 1.43
CA PHE A 25 4.00 21.47 1.34
C PHE A 25 4.58 22.86 1.59
N LEU A 26 5.49 23.00 2.55
CA LEU A 26 6.06 24.29 2.89
C LEU A 26 6.98 24.83 1.82
N CYS A 27 7.38 24.01 0.84
CA CYS A 27 8.23 24.42 -0.26
C CYS A 27 7.45 24.50 -1.57
N LEU A 28 6.15 24.79 -1.49
CA LEU A 28 5.32 24.86 -2.68
C LEU A 28 5.77 25.97 -3.62
N GLY A 29 6.11 27.13 -3.07
CA GLY A 29 6.52 28.26 -3.87
C GLY A 29 7.98 28.30 -4.26
N ARG A 30 8.78 27.34 -3.79
CA ARG A 30 10.21 27.32 -4.05
C ARG A 30 10.61 26.31 -5.12
N VAL A 31 9.95 25.16 -5.15
CA VAL A 31 10.27 24.08 -6.08
C VAL A 31 9.04 23.78 -6.91
N GLY A 32 9.26 23.54 -8.21
CA GLY A 32 8.16 23.27 -9.11
C GLY A 32 7.50 21.94 -8.82
N LYS A 33 6.26 21.81 -9.31
CA LYS A 33 5.47 20.62 -9.04
C LYS A 33 6.09 19.37 -9.65
N ARG A 34 6.61 19.49 -10.87
CA ARG A 34 7.20 18.32 -11.54
C ARG A 34 8.43 17.82 -10.81
N LYS A 35 9.25 18.75 -10.28
CA LYS A 35 10.41 18.35 -9.50
C LYS A 35 10.01 17.77 -8.15
N LEU A 36 9.03 18.38 -7.48
CA LEU A 36 8.62 17.92 -6.16
C LEU A 36 8.02 16.52 -6.19
N GLU A 37 7.54 16.06 -7.34
CA GLU A 37 6.96 14.73 -7.44
C GLU A 37 8.02 13.63 -7.33
N ARG A 38 9.27 13.94 -7.66
CA ARG A 38 10.36 12.97 -7.60
C ARG A 38 11.02 12.88 -6.24
N VAL A 39 10.53 13.63 -5.26
CA VAL A 39 11.13 13.65 -3.92
C VAL A 39 10.57 12.48 -3.12
N GLN A 40 11.46 11.56 -2.75
CA GLN A 40 11.09 10.40 -1.93
C GLN A 40 11.82 10.36 -0.60
N SER A 41 12.71 11.32 -0.33
CA SER A 41 13.42 11.39 0.93
C SER A 41 13.92 12.81 1.11
N GLY A 42 14.40 13.10 2.32
CA GLY A 42 14.92 14.43 2.60
C GLY A 42 16.14 14.78 1.78
N LEU A 43 16.90 13.76 1.35
CA LEU A 43 18.10 14.00 0.57
C LEU A 43 17.78 14.65 -0.78
N ASP A 44 16.71 14.20 -1.44
CA ASP A 44 16.34 14.77 -2.73
C ASP A 44 15.98 16.24 -2.60
N LEU A 45 15.15 16.57 -1.61
CA LEU A 45 14.77 17.96 -1.38
C LEU A 45 15.98 18.81 -1.00
N PHE A 46 16.88 18.28 -0.17
CA PHE A 46 18.06 19.02 0.21
C PHE A 46 18.96 19.29 -0.99
N SER A 47 19.11 18.30 -1.88
CA SER A 47 19.90 18.51 -3.09
C SER A 47 19.27 19.59 -3.96
N MET A 48 17.95 19.54 -4.13
CA MET A 48 17.27 20.55 -4.93
C MET A 48 17.45 21.94 -4.33
N LEU A 49 17.38 22.05 -3.01
CA LEU A 49 17.55 23.35 -2.37
C LEU A 49 19.00 23.83 -2.47
N LEU A 50 19.97 22.91 -2.40
CA LEU A 50 21.37 23.29 -2.56
C LEU A 50 21.64 23.82 -3.95
N GLU A 51 21.07 23.18 -4.98
CA GLU A 51 21.32 23.63 -6.34
C GLU A 51 20.75 25.03 -6.60
N GLN A 52 19.74 25.44 -5.85
CA GLN A 52 19.11 26.73 -6.03
C GLN A 52 19.67 27.81 -5.10
N ASN A 53 20.73 27.50 -4.35
CA ASN A 53 21.36 28.41 -3.39
C ASN A 53 20.44 28.79 -2.24
N ASP A 54 19.36 28.04 -2.02
CA ASP A 54 18.52 28.26 -0.86
C ASP A 54 19.18 27.73 0.41
N LEU A 55 19.97 26.67 0.29
CA LEU A 55 20.67 26.06 1.41
C LEU A 55 22.17 26.16 1.15
N GLU A 56 22.91 26.68 2.13
CA GLU A 56 24.36 26.81 2.04
C GLU A 56 24.96 26.48 3.39
N PRO A 57 26.23 26.08 3.42
CA PRO A 57 26.91 25.88 4.71
C PRO A 57 26.96 27.15 5.56
N GLY A 58 26.97 28.32 4.93
CA GLY A 58 26.96 29.59 5.64
C GLY A 58 25.62 30.26 5.77
N HIS A 59 24.54 29.63 5.30
CA HIS A 59 23.20 30.21 5.38
C HIS A 59 22.22 29.06 5.63
N THR A 60 21.76 28.94 6.88
CA THR A 60 20.89 27.84 7.26
C THR A 60 19.54 28.32 7.78
N GLU A 61 19.13 29.54 7.42
CA GLU A 61 17.89 30.10 7.94
C GLU A 61 16.68 29.30 7.49
N LEU A 62 16.66 28.91 6.21
CA LEU A 62 15.52 28.16 5.68
C LEU A 62 15.39 26.81 6.37
N LEU A 63 16.51 26.13 6.59
CA LEU A 63 16.48 24.84 7.28
C LEU A 63 15.96 25.01 8.71
N ARG A 64 16.41 26.06 9.40
CA ARG A 64 15.94 26.30 10.76
C ARG A 64 14.45 26.59 10.81
N GLU A 65 13.94 27.38 9.87
CA GLU A 65 12.50 27.65 9.84
C GLU A 65 11.72 26.38 9.53
N LEU A 66 12.20 25.56 8.60
CA LEU A 66 11.52 24.30 8.28
C LEU A 66 11.49 23.37 9.48
N LEU A 67 12.61 23.28 10.22
CA LEU A 67 12.63 22.42 11.40
C LEU A 67 11.79 22.98 12.52
N ALA A 68 11.68 24.30 12.64
CA ALA A 68 10.82 24.90 13.64
C ALA A 68 9.35 24.67 13.33
N SER A 69 8.99 24.61 12.05
CA SER A 69 7.62 24.29 11.70
C SER A 69 7.25 22.85 12.09
N LEU A 70 8.19 21.92 11.97
CA LEU A 70 7.96 20.54 12.37
C LEU A 70 8.00 20.34 13.87
N ARG A 71 8.37 21.37 14.64
CA ARG A 71 8.53 21.28 16.09
C ARG A 71 9.57 20.22 16.46
N ARG A 72 10.68 20.20 15.74
CA ARG A 72 11.79 19.28 15.98
C ARG A 72 12.96 20.10 16.50
N HIS A 73 13.01 20.29 17.82
CA HIS A 73 14.08 21.04 18.44
C HIS A 73 15.33 20.21 18.69
N ASP A 74 15.20 18.88 18.73
CA ASP A 74 16.37 18.01 18.85
C ASP A 74 17.25 18.13 17.60
N LEU A 75 16.64 18.26 16.42
CA LEU A 75 17.39 18.47 15.19
C LEU A 75 17.95 19.88 15.09
N LEU A 76 17.21 20.87 15.61
CA LEU A 76 17.75 22.22 15.70
C LEU A 76 18.98 22.26 16.59
N ARG A 77 19.03 21.41 17.61
CA ARG A 77 20.25 21.31 18.43
C ARG A 77 21.42 20.80 17.61
N ARG A 78 21.20 19.82 16.73
CA ARG A 78 22.27 19.35 15.86
C ARG A 78 22.74 20.45 14.92
N VAL A 79 21.80 21.22 14.38
CA VAL A 79 22.17 22.33 13.49
C VAL A 79 22.98 23.36 14.26
N ASP A 80 22.60 23.63 15.52
CA ASP A 80 23.39 24.53 16.35
C ASP A 80 24.80 23.99 16.58
N ASP A 81 24.91 22.69 16.84
CA ASP A 81 26.22 22.09 17.08
C ASP A 81 27.10 22.15 15.84
N PHE A 82 26.50 22.06 14.65
CA PHE A 82 27.29 22.16 13.42
C PHE A 82 27.93 23.53 13.29
N GLU A 83 27.18 24.59 13.57
CA GLU A 83 27.69 25.95 13.36
C GLU A 83 28.72 26.34 14.40
N ALA A 84 28.76 25.67 15.55
CA ALA A 84 29.74 25.99 16.57
C ALA A 84 31.15 25.54 16.17
N GLY A 85 31.26 24.42 15.45
CA GLY A 85 32.55 23.95 15.00
C GLY A 85 32.93 24.49 13.63
N ALA A 86 31.96 25.08 12.94
CA ALA A 86 32.18 25.67 11.62
C ALA A 86 32.31 27.18 11.67
N ALA A 87 32.59 27.75 12.84
CA ALA A 87 32.71 29.19 12.98
C ALA A 87 34.16 29.63 12.74
N MET B 1 21.74 -0.18 27.29
CA MET B 1 20.38 0.35 27.38
C MET B 1 20.39 1.74 28.01
N ASP B 2 19.51 2.60 27.53
CA ASP B 2 19.39 3.95 28.07
C ASP B 2 18.59 3.91 29.37
N PRO B 3 19.17 4.33 30.50
CA PRO B 3 18.39 4.34 31.75
C PRO B 3 17.16 5.22 31.70
N PHE B 4 17.23 6.36 31.00
CA PHE B 4 16.07 7.22 30.87
C PHE B 4 14.95 6.53 30.09
N LEU B 5 15.30 5.84 29.00
CA LEU B 5 14.30 5.12 28.23
C LEU B 5 13.71 3.96 29.04
N VAL B 6 14.54 3.27 29.81
CA VAL B 6 14.03 2.19 30.66
C VAL B 6 13.05 2.74 31.71
N LEU B 7 13.40 3.87 32.33
CA LEU B 7 12.50 4.48 33.31
C LEU B 7 11.19 4.91 32.67
N LEU B 8 11.26 5.50 31.48
CA LEU B 8 10.03 5.92 30.80
C LEU B 8 9.16 4.72 30.43
N HIS B 9 9.77 3.64 29.96
CA HIS B 9 9.00 2.43 29.66
C HIS B 9 8.35 1.87 30.91
N SER B 10 9.08 1.85 32.03
CA SER B 10 8.52 1.35 33.28
C SER B 10 7.35 2.21 33.74
N VAL B 11 7.48 3.53 33.62
CA VAL B 11 6.38 4.43 34.00
C VAL B 11 5.17 4.19 33.10
N SER B 12 5.40 4.07 31.78
CA SER B 12 4.30 3.87 30.85
C SER B 12 3.58 2.56 31.09
N SER B 13 4.30 1.54 31.57
CA SER B 13 3.67 0.24 31.81
C SER B 13 2.78 0.23 33.05
N SER B 14 2.78 1.30 33.85
CA SER B 14 2.02 1.35 35.10
C SER B 14 0.79 2.26 35.01
N LEU B 15 0.35 2.59 33.81
CA LEU B 15 -0.75 3.54 33.62
C LEU B 15 -1.92 2.86 32.93
N SER B 16 -3.13 3.31 33.28
CA SER B 16 -4.34 2.79 32.69
C SER B 16 -4.88 3.74 31.61
N SER B 17 -5.99 3.34 30.99
CA SER B 17 -6.55 4.14 29.90
C SER B 17 -7.06 5.49 30.40
N SER B 18 -7.69 5.52 31.58
CA SER B 18 -8.20 6.78 32.11
C SER B 18 -7.06 7.75 32.42
N GLU B 19 -5.98 7.25 32.99
CA GLU B 19 -4.84 8.12 33.28
C GLU B 19 -4.21 8.65 31.99
N LEU B 20 -4.17 7.82 30.95
CA LEU B 20 -3.67 8.30 29.66
C LEU B 20 -4.58 9.37 29.08
N THR B 21 -5.90 9.21 29.23
CA THR B 21 -6.83 10.23 28.77
C THR B 21 -6.64 11.55 29.52
N GLU B 22 -6.43 11.48 30.84
CA GLU B 22 -6.17 12.69 31.60
C GLU B 22 -4.84 13.32 31.18
N LEU B 23 -3.82 12.51 30.92
CA LEU B 23 -2.53 13.03 30.48
C LEU B 23 -2.63 13.72 29.13
N LYS B 24 -3.42 13.18 28.20
CA LYS B 24 -3.57 13.81 26.90
C LYS B 24 -4.28 15.16 26.99
N PHE B 25 -5.17 15.33 27.99
CA PHE B 25 -5.82 16.62 28.18
C PHE B 25 -4.85 17.66 28.70
N LEU B 26 -3.97 17.28 29.63
CA LEU B 26 -3.02 18.21 30.22
C LEU B 26 -1.96 18.67 29.23
N CYS B 27 -1.80 17.99 28.10
CA CYS B 27 -0.86 18.37 27.06
C CYS B 27 -1.56 18.96 25.85
N LEU B 28 -2.70 19.61 26.07
CA LEU B 28 -3.46 20.18 24.96
C LEU B 28 -2.69 21.29 24.26
N GLY B 29 -2.05 22.17 25.02
CA GLY B 29 -1.32 23.27 24.44
C GLY B 29 0.08 22.95 23.97
N ARG B 30 0.57 21.74 24.23
CA ARG B 30 1.93 21.35 23.90
C ARG B 30 2.02 20.51 22.64
N VAL B 31 1.05 19.64 22.40
CA VAL B 31 1.02 18.77 21.24
C VAL B 31 -0.24 19.08 20.44
N GLY B 32 -0.11 19.11 19.12
CA GLY B 32 -1.25 19.42 18.27
C GLY B 32 -2.29 18.32 18.26
N LYS B 33 -3.48 18.68 17.78
CA LYS B 33 -4.61 17.76 17.82
C LYS B 33 -4.38 16.54 16.93
N ARG B 34 -3.80 16.75 15.74
CA ARG B 34 -3.60 15.64 14.83
C ARG B 34 -2.61 14.61 15.38
N LYS B 35 -1.53 15.09 16.00
CA LYS B 35 -0.55 14.18 16.56
C LYS B 35 -1.08 13.45 17.79
N LEU B 36 -1.87 14.14 18.61
CA LEU B 36 -2.43 13.53 19.81
C LEU B 36 -3.40 12.40 19.48
N GLU B 37 -3.97 12.39 18.28
CA GLU B 37 -4.92 11.35 17.89
C GLU B 37 -4.26 9.99 17.72
N ARG B 38 -2.94 9.95 17.59
CA ARG B 38 -2.22 8.70 17.38
C ARG B 38 -1.66 8.12 18.68
N VAL B 39 -2.00 8.71 19.82
CA VAL B 39 -1.49 8.25 21.11
C VAL B 39 -2.37 7.13 21.63
N GLN B 40 -1.81 5.94 21.76
CA GLN B 40 -2.51 4.79 22.34
C GLN B 40 -1.82 4.27 23.60
N SER B 41 -0.70 4.87 23.99
CA SER B 41 0.01 4.49 25.20
C SER B 41 0.89 5.65 25.63
N GLY B 42 1.47 5.52 26.82
CA GLY B 42 2.36 6.56 27.31
C GLY B 42 3.63 6.70 26.49
N LEU B 43 4.03 5.62 25.82
CA LEU B 43 5.28 5.64 25.05
C LEU B 43 5.22 6.65 23.92
N ASP B 44 4.09 6.70 23.19
CA ASP B 44 3.98 7.63 22.08
C ASP B 44 4.05 9.08 22.55
N LEU B 45 3.32 9.39 23.63
CA LEU B 45 3.35 10.74 24.18
C LEU B 45 4.74 11.11 24.66
N PHE B 46 5.43 10.18 25.33
CA PHE B 46 6.78 10.44 25.81
C PHE B 46 7.75 10.65 24.65
N SER B 47 7.59 9.89 23.57
CA SER B 47 8.43 10.09 22.39
C SER B 47 8.22 11.47 21.79
N MET B 48 6.95 11.89 21.64
CA MET B 48 6.70 13.21 21.08
C MET B 48 7.23 14.31 21.99
N LEU B 49 7.15 14.11 23.30
CA LEU B 49 7.71 15.10 24.23
C LEU B 49 9.23 15.13 24.17
N LEU B 50 9.87 13.98 23.95
CA LEU B 50 11.31 13.95 23.77
C LEU B 50 11.74 14.69 22.51
N GLU B 51 10.98 14.53 21.42
CA GLU B 51 11.34 15.20 20.17
C GLU B 51 11.27 16.72 20.29
N GLN B 52 10.44 17.23 21.19
CA GLN B 52 10.25 18.66 21.35
C GLN B 52 11.09 19.25 22.48
N ASN B 53 11.99 18.47 23.07
CA ASN B 53 12.84 18.88 24.19
C ASN B 53 12.04 19.25 25.43
N ASP B 54 10.79 18.78 25.53
CA ASP B 54 10.01 18.97 26.74
C ASP B 54 10.46 18.03 27.84
N LEU B 55 10.90 16.83 27.47
CA LEU B 55 11.37 15.82 28.40
C LEU B 55 12.82 15.49 28.09
N GLU B 56 13.68 15.60 29.09
CA GLU B 56 15.11 15.39 28.93
C GLU B 56 15.65 14.65 30.14
N PRO B 57 16.75 13.92 29.99
CA PRO B 57 17.35 13.25 31.15
C PRO B 57 17.73 14.19 32.29
N GLY B 58 18.14 15.41 31.98
CA GLY B 58 18.44 16.42 32.98
C GLY B 58 17.34 17.41 33.26
N HIS B 59 16.14 17.21 32.71
CA HIS B 59 15.03 18.16 32.87
C HIS B 59 13.75 17.34 32.93
N THR B 60 13.23 17.12 34.15
CA THR B 60 12.07 16.26 34.36
C THR B 60 10.94 16.98 35.08
N GLU B 61 10.90 18.32 35.02
CA GLU B 61 9.84 19.06 35.71
C GLU B 61 8.47 18.74 35.14
N LEU B 62 8.37 18.66 33.81
CA LEU B 62 7.08 18.39 33.18
C LEU B 62 6.55 17.00 33.57
N LEU B 63 7.43 16.00 33.58
CA LEU B 63 7.03 14.66 33.98
C LEU B 63 6.55 14.65 35.42
N ARG B 64 7.27 15.35 36.30
CA ARG B 64 6.88 15.40 37.71
C ARG B 64 5.54 16.10 37.89
N GLU B 65 5.30 17.19 37.19
CA GLU B 65 4.01 17.87 37.29
C GLU B 65 2.88 16.98 36.77
N LEU B 66 3.11 16.29 35.66
CA LEU B 66 2.08 15.39 35.13
C LEU B 66 1.78 14.27 36.11
N LEU B 67 2.80 13.68 36.73
CA LEU B 67 2.57 12.62 37.69
C LEU B 67 1.90 13.14 38.97
N ALA B 68 2.22 14.36 39.38
CA ALA B 68 1.58 14.94 40.56
C ALA B 68 0.11 15.25 40.30
N SER B 69 -0.24 15.67 39.09
CA SER B 69 -1.65 15.90 38.77
C SER B 69 -2.46 14.62 38.85
N LEU B 70 -1.83 13.47 38.56
CA LEU B 70 -2.48 12.17 38.65
C LEU B 70 -2.50 11.62 40.07
N ARG B 71 -1.85 12.30 41.02
CA ARG B 71 -1.73 11.82 42.41
C ARG B 71 -1.06 10.45 42.47
N ARG B 72 -0.03 10.26 41.64
CA ARG B 72 0.72 9.01 41.57
C ARG B 72 2.09 9.26 42.18
N HIS B 73 2.20 9.10 43.49
CA HIS B 73 3.46 9.34 44.20
C HIS B 73 4.38 8.14 44.17
N ASP B 74 3.85 6.93 43.94
CA ASP B 74 4.71 5.76 43.77
C ASP B 74 5.59 5.89 42.54
N LEU B 75 5.06 6.46 41.46
CA LEU B 75 5.85 6.72 40.26
C LEU B 75 6.83 7.88 40.47
N LEU B 76 6.42 8.88 41.26
CA LEU B 76 7.36 9.94 41.64
C LEU B 76 8.54 9.38 42.42
N ARG B 77 8.31 8.33 43.22
CA ARG B 77 9.42 7.68 43.91
C ARG B 77 10.40 7.05 42.92
N ARG B 78 9.89 6.42 41.87
CA ARG B 78 10.77 5.87 40.83
C ARG B 78 11.55 6.99 40.13
N VAL B 79 10.89 8.11 39.85
CA VAL B 79 11.58 9.23 39.22
C VAL B 79 12.69 9.75 40.11
N ASP B 80 12.42 9.87 41.42
CA ASP B 80 13.45 10.28 42.36
C ASP B 80 14.60 9.29 42.40
N ASP B 81 14.28 7.99 42.37
CA ASP B 81 15.32 6.96 42.40
C ASP B 81 16.20 7.01 41.16
N PHE B 82 15.61 7.39 40.01
CA PHE B 82 16.40 7.52 38.80
C PHE B 82 17.44 8.64 38.94
N GLU B 83 17.04 9.78 39.49
CA GLU B 83 17.94 10.92 39.58
C GLU B 83 19.04 10.72 40.61
N ALA B 84 18.85 9.83 41.57
CA ALA B 84 19.89 9.57 42.56
C ALA B 84 21.06 8.81 41.98
N GLY B 85 20.79 7.84 41.10
CA GLY B 85 21.84 7.06 40.48
C GLY B 85 22.48 7.76 39.30
N ALA B 86 21.85 8.84 38.83
CA ALA B 86 22.35 9.63 37.71
C ALA B 86 22.88 10.99 38.14
N ALA B 87 23.30 11.12 39.40
CA ALA B 87 23.80 12.40 39.90
C ALA B 87 25.26 12.60 39.50
N MET C 1 45.49 26.81 -22.58
CA MET C 1 44.15 26.29 -22.32
C MET C 1 43.14 27.41 -22.18
N ASP C 2 42.09 27.37 -22.99
CA ASP C 2 41.13 28.46 -23.04
C ASP C 2 40.26 28.46 -21.79
N PRO C 3 40.28 29.53 -20.99
CA PRO C 3 39.40 29.58 -19.81
C PRO C 3 37.93 29.50 -20.15
N PHE C 4 37.51 30.06 -21.28
CA PHE C 4 36.10 29.99 -21.66
C PHE C 4 35.68 28.55 -21.96
N LEU C 5 36.53 27.81 -22.68
CA LEU C 5 36.24 26.41 -22.94
C LEU C 5 36.26 25.59 -21.66
N VAL C 6 37.18 25.89 -20.75
CA VAL C 6 37.19 25.20 -19.46
C VAL C 6 35.90 25.46 -18.69
N LEU C 7 35.43 26.71 -18.67
CA LEU C 7 34.18 27.04 -18.00
C LEU C 7 33.00 26.31 -18.63
N LEU C 8 32.95 26.27 -19.97
CA LEU C 8 31.85 25.58 -20.63
C LEU C 8 31.87 24.08 -20.37
N HIS C 9 33.06 23.47 -20.37
CA HIS C 9 33.16 22.06 -20.03
C HIS C 9 32.72 21.80 -18.60
N SER C 10 33.13 22.66 -17.66
CA SER C 10 32.72 22.51 -16.27
C SER C 10 31.21 22.63 -16.10
N VAL C 11 30.59 23.57 -16.81
CA VAL C 11 29.14 23.72 -16.75
C VAL C 11 28.45 22.50 -17.34
N SER C 12 28.95 22.01 -18.48
CA SER C 12 28.36 20.85 -19.12
C SER C 12 28.48 19.60 -18.24
N SER C 13 29.53 19.52 -17.42
CA SER C 13 29.70 18.37 -16.54
C SER C 13 28.72 18.34 -15.37
N SER C 14 27.97 19.42 -15.15
CA SER C 14 27.05 19.51 -14.02
C SER C 14 25.59 19.49 -14.45
N LEU C 15 25.28 18.91 -15.61
CA LEU C 15 23.93 18.86 -16.13
C LEU C 15 23.47 17.42 -16.25
N SER C 16 22.18 17.20 -16.06
CA SER C 16 21.56 15.89 -16.23
C SER C 16 20.90 15.82 -17.62
N SER C 17 20.35 14.65 -17.94
CA SER C 17 19.70 14.48 -19.24
C SER C 17 18.40 15.27 -19.33
N SER C 18 17.64 15.33 -18.23
CA SER C 18 16.41 16.11 -18.23
C SER C 18 16.71 17.60 -18.45
N GLU C 19 17.76 18.11 -17.80
CA GLU C 19 18.13 19.51 -17.99
C GLU C 19 18.56 19.78 -19.42
N LEU C 20 19.26 18.83 -20.04
CA LEU C 20 19.62 18.97 -21.45
C LEU C 20 18.38 19.00 -22.33
N THR C 21 17.39 18.15 -22.01
CA THR C 21 16.13 18.17 -22.76
C THR C 21 15.44 19.52 -22.64
N GLU C 22 15.43 20.09 -21.44
CA GLU C 22 14.84 21.43 -21.26
C GLU C 22 15.63 22.48 -22.03
N LEU C 23 16.96 22.38 -22.05
CA LEU C 23 17.78 23.34 -22.79
C LEU C 23 17.53 23.27 -24.28
N LYS C 24 17.36 22.06 -24.83
CA LYS C 24 17.12 21.92 -26.26
C LYS C 24 15.78 22.52 -26.68
N PHE C 25 14.79 22.50 -25.79
CA PHE C 25 13.50 23.10 -26.10
C PHE C 25 13.59 24.62 -26.19
N LEU C 26 14.39 25.23 -25.31
CA LEU C 26 14.49 26.69 -25.29
C LEU C 26 15.30 27.25 -26.45
N CYS C 27 15.96 26.39 -27.24
CA CYS C 27 16.72 26.81 -28.40
C CYS C 27 16.03 26.41 -29.70
N LEU C 28 14.71 26.26 -29.66
CA LEU C 28 13.97 25.79 -30.84
C LEU C 28 14.08 26.77 -31.99
N GLY C 29 14.00 28.07 -31.71
CA GLY C 29 14.10 29.08 -32.73
C GLY C 29 15.51 29.48 -33.11
N ARG C 30 16.52 28.93 -32.45
CA ARG C 30 17.91 29.31 -32.67
C ARG C 30 18.69 28.26 -33.47
N VAL C 31 18.40 26.98 -33.26
CA VAL C 31 19.09 25.88 -33.92
C VAL C 31 18.07 25.06 -34.68
N GLY C 32 18.44 24.63 -35.88
CA GLY C 32 17.53 23.84 -36.69
C GLY C 32 17.25 22.47 -36.08
N LYS C 33 16.14 21.88 -36.53
CA LYS C 33 15.70 20.59 -35.98
C LYS C 33 16.71 19.48 -36.31
N ARG C 34 17.26 19.50 -37.51
CA ARG C 34 18.20 18.45 -37.91
C ARG C 34 19.47 18.50 -37.07
N LYS C 35 19.99 19.69 -36.80
CA LYS C 35 21.19 19.83 -35.98
C LYS C 35 20.94 19.47 -34.53
N LEU C 36 19.77 19.86 -33.99
CA LEU C 36 19.45 19.59 -32.60
C LEU C 36 19.32 18.09 -32.31
N GLU C 37 19.08 17.28 -33.35
CA GLU C 37 18.94 15.84 -33.15
C GLU C 37 20.27 15.17 -32.81
N ARG C 38 21.39 15.83 -33.09
CA ARG C 38 22.71 15.27 -32.83
C ARG C 38 23.27 15.66 -31.47
N VAL C 39 22.52 16.41 -30.68
CA VAL C 39 23.00 16.91 -29.39
C VAL C 39 22.74 15.86 -28.33
N GLN C 40 23.82 15.34 -27.73
CA GLN C 40 23.74 14.37 -26.65
C GLN C 40 24.36 14.89 -25.35
N SER C 41 24.97 16.07 -25.36
CA SER C 41 25.56 16.65 -24.18
C SER C 41 25.59 18.16 -24.36
N GLY C 42 25.87 18.86 -23.26
CA GLY C 42 25.94 20.31 -23.33
C GLY C 42 27.07 20.81 -24.21
N LEU C 43 28.10 19.99 -24.42
CA LEU C 43 29.23 20.40 -25.24
C LEU C 43 28.82 20.62 -26.69
N ASP C 44 27.97 19.73 -27.22
CA ASP C 44 27.53 19.86 -28.61
C ASP C 44 26.71 21.14 -28.82
N LEU C 45 25.76 21.39 -27.91
CA LEU C 45 24.95 22.59 -28.01
C LEU C 45 25.81 23.84 -27.86
N PHE C 46 26.79 23.81 -26.95
CA PHE C 46 27.66 24.96 -26.78
C PHE C 46 28.50 25.20 -28.02
N SER C 47 28.97 24.13 -28.67
CA SER C 47 29.72 24.27 -29.91
C SER C 47 28.86 24.92 -31.00
N MET C 48 27.62 24.45 -31.13
CA MET C 48 26.72 25.03 -32.12
C MET C 48 26.46 26.51 -31.83
N LEU C 49 26.25 26.86 -30.56
CA LEU C 49 26.01 28.25 -30.22
C LEU C 49 27.24 29.12 -30.42
N LEU C 50 28.44 28.56 -30.21
CA LEU C 50 29.67 29.30 -30.46
C LEU C 50 29.86 29.56 -31.95
N GLU C 51 29.51 28.59 -32.79
CA GLU C 51 29.70 28.77 -34.22
C GLU C 51 28.76 29.84 -34.79
N GLN C 52 27.64 30.09 -34.14
CA GLN C 52 26.68 31.09 -34.61
C GLN C 52 26.87 32.46 -33.95
N ASN C 53 27.92 32.62 -33.15
CA ASN C 53 28.20 33.84 -32.38
C ASN C 53 27.10 34.17 -31.38
N ASP C 54 26.28 33.18 -31.01
CA ASP C 54 25.31 33.38 -29.94
C ASP C 54 26.00 33.37 -28.58
N LEU C 55 27.10 32.63 -28.46
CA LEU C 55 27.91 32.57 -27.25
C LEU C 55 29.30 33.06 -27.56
N GLU C 56 29.79 34.02 -26.78
CA GLU C 56 31.13 34.58 -26.92
C GLU C 56 31.71 34.79 -25.53
N PRO C 57 33.04 34.78 -25.40
CA PRO C 57 33.65 35.04 -24.09
C PRO C 57 33.26 36.38 -23.48
N GLY C 58 33.04 37.40 -24.31
CA GLY C 58 32.58 38.69 -23.84
C GLY C 58 31.08 38.92 -23.92
N HIS C 59 30.29 37.88 -24.21
CA HIS C 59 28.85 38.01 -24.40
C HIS C 59 28.21 36.73 -23.88
N THR C 60 27.78 36.75 -22.61
CA THR C 60 27.29 35.55 -21.94
C THR C 60 25.84 35.68 -21.47
N GLU C 61 25.08 36.63 -22.03
CA GLU C 61 23.71 36.86 -21.57
C GLU C 61 22.81 35.68 -21.88
N LEU C 62 22.99 35.05 -23.03
CA LEU C 62 22.17 33.89 -23.38
C LEU C 62 22.42 32.72 -22.44
N LEU C 63 23.70 32.48 -22.09
CA LEU C 63 24.02 31.44 -21.13
C LEU C 63 23.39 31.71 -19.78
N ARG C 64 23.46 32.96 -19.32
CA ARG C 64 22.85 33.32 -18.04
C ARG C 64 21.35 33.15 -18.08
N GLU C 65 20.70 33.51 -19.18
CA GLU C 65 19.26 33.33 -19.29
C GLU C 65 18.88 31.85 -19.27
N LEU C 66 19.64 31.02 -19.98
CA LEU C 66 19.37 29.59 -19.98
C LEU C 66 19.55 28.97 -18.60
N LEU C 67 20.60 29.40 -17.88
CA LEU C 67 20.82 28.88 -16.54
C LEU C 67 19.78 29.39 -15.55
N ALA C 68 19.29 30.61 -15.73
CA ALA C 68 18.24 31.13 -14.87
C ALA C 68 16.91 30.44 -15.12
N SER C 69 16.64 30.04 -16.37
CA SER C 69 15.42 29.29 -16.64
C SER C 69 15.43 27.91 -15.98
N LEU C 70 16.62 27.31 -15.84
CA LEU C 70 16.76 26.03 -15.16
C LEU C 70 16.82 26.17 -13.64
N ARG C 71 16.87 27.41 -13.13
CA ARG C 71 16.98 27.68 -11.69
C ARG C 71 18.25 27.07 -11.09
N ARG C 72 19.36 27.18 -11.83
CA ARG C 72 20.66 26.70 -11.37
C ARG C 72 21.53 27.91 -11.06
N HIS C 73 21.39 28.44 -9.84
CA HIS C 73 22.17 29.60 -9.43
C HIS C 73 23.60 29.26 -9.04
N ASP C 74 23.87 28.01 -8.69
CA ASP C 74 25.25 27.60 -8.41
C ASP C 74 26.11 27.70 -9.65
N LEU C 75 25.54 27.38 -10.82
CA LEU C 75 26.26 27.55 -12.08
C LEU C 75 26.39 29.01 -12.47
N LEU C 76 25.38 29.83 -12.16
CA LEU C 76 25.49 31.27 -12.36
C LEU C 76 26.62 31.85 -11.52
N ARG C 77 26.86 31.30 -10.33
CA ARG C 77 28.00 31.74 -9.54
C ARG C 77 29.32 31.42 -10.24
N ARG C 78 29.43 30.25 -10.87
CA ARG C 78 30.63 29.92 -11.62
C ARG C 78 30.81 30.88 -12.80
N VAL C 79 29.73 31.20 -13.50
CA VAL C 79 29.81 32.16 -14.60
C VAL C 79 30.28 33.52 -14.08
N ASP C 80 29.78 33.93 -12.91
CA ASP C 80 30.21 35.19 -12.32
C ASP C 80 31.69 35.15 -11.96
N ASP C 81 32.15 34.02 -11.41
CA ASP C 81 33.57 33.89 -11.06
C ASP C 81 34.46 33.96 -12.29
N PHE C 82 33.99 33.43 -13.42
CA PHE C 82 34.79 33.48 -14.64
C PHE C 82 35.04 34.91 -15.08
N GLU C 83 34.00 35.75 -15.06
CA GLU C 83 34.14 37.12 -15.55
C GLU C 83 34.93 37.98 -14.59
N ALA C 84 35.03 37.59 -13.31
CA ALA C 84 35.81 38.38 -12.35
C ALA C 84 37.30 38.37 -12.69
N GLY C 85 37.83 37.23 -13.12
CA GLY C 85 39.23 37.14 -13.47
C GLY C 85 39.51 37.54 -14.91
N ALA C 86 38.45 37.69 -15.71
CA ALA C 86 38.58 38.05 -17.11
C ALA C 86 38.27 39.52 -17.37
N ALA C 87 38.15 40.33 -16.33
CA ALA C 87 37.85 41.75 -16.49
C ALA C 87 39.03 42.50 -17.09
N MET D 1 4.01 -14.87 47.78
CA MET D 1 2.87 -14.00 48.04
C MET D 1 3.26 -12.87 48.99
N ASP D 2 2.71 -11.68 48.75
CA ASP D 2 3.03 -10.53 49.57
C ASP D 2 2.25 -10.59 50.89
N PRO D 3 2.93 -10.61 52.04
CA PRO D 3 2.19 -10.60 53.32
C PRO D 3 1.31 -9.39 53.50
N PHE D 4 1.75 -8.22 53.06
CA PHE D 4 0.93 -7.01 53.19
C PHE D 4 -0.35 -7.12 52.36
N LEU D 5 -0.23 -7.63 51.13
CA LEU D 5 -1.41 -7.82 50.29
C LEU D 5 -2.34 -8.88 50.88
N VAL D 6 -1.78 -9.94 51.46
CA VAL D 6 -2.62 -10.94 52.12
C VAL D 6 -3.37 -10.33 53.30
N LEU D 7 -2.69 -9.50 54.10
CA LEU D 7 -3.35 -8.85 55.24
C LEU D 7 -4.46 -7.92 54.76
N LEU D 8 -4.20 -7.15 53.71
CA LEU D 8 -5.23 -6.25 53.19
C LEU D 8 -6.42 -7.03 52.65
N HIS D 9 -6.18 -8.15 51.96
CA HIS D 9 -7.27 -8.97 51.46
C HIS D 9 -8.09 -9.56 52.61
N SER D 10 -7.42 -10.01 53.68
CA SER D 10 -8.11 -10.54 54.84
C SER D 10 -8.97 -9.46 55.51
N VAL D 11 -8.44 -8.25 55.65
CA VAL D 11 -9.21 -7.17 56.25
C VAL D 11 -10.42 -6.83 55.36
N SER D 12 -10.22 -6.77 54.06
CA SER D 12 -11.32 -6.45 53.14
C SER D 12 -12.40 -7.53 53.17
N SER D 13 -12.04 -8.78 53.39
CA SER D 13 -13.02 -9.85 53.43
C SER D 13 -13.90 -9.83 54.68
N SER D 14 -13.58 -9.00 55.67
CA SER D 14 -14.31 -8.96 56.93
C SER D 14 -15.12 -7.69 57.11
N LEU D 15 -15.53 -7.03 56.02
CA LEU D 15 -16.26 -5.79 56.10
C LEU D 15 -17.60 -5.92 55.39
N SER D 16 -18.59 -5.18 55.87
CA SER D 16 -19.92 -5.15 55.27
C SER D 16 -20.07 -3.90 54.42
N SER D 17 -21.24 -3.78 53.77
CA SER D 17 -21.48 -2.64 52.89
C SER D 17 -21.59 -1.33 53.68
N SER D 18 -22.22 -1.38 54.87
CA SER D 18 -22.30 -0.19 55.70
C SER D 18 -20.92 0.26 56.14
N GLU D 19 -20.05 -0.68 56.50
CA GLU D 19 -18.68 -0.34 56.87
C GLU D 19 -17.93 0.29 55.69
N LEU D 20 -18.14 -0.23 54.49
CA LEU D 20 -17.52 0.37 53.31
C LEU D 20 -18.02 1.79 53.08
N THR D 21 -19.32 2.01 53.25
CA THR D 21 -19.87 3.35 53.11
C THR D 21 -19.28 4.30 54.13
N GLU D 22 -19.11 3.84 55.38
CA GLU D 22 -18.49 4.67 56.40
C GLU D 22 -17.03 4.97 56.05
N LEU D 23 -16.30 3.97 55.54
CA LEU D 23 -14.91 4.20 55.15
C LEU D 23 -14.79 5.21 54.02
N LYS D 24 -15.67 5.13 53.02
CA LYS D 24 -15.61 6.07 51.90
C LYS D 24 -15.88 7.50 52.35
N PHE D 25 -16.71 7.69 53.37
CA PHE D 25 -16.98 9.03 53.87
C PHE D 25 -15.74 9.64 54.54
N LEU D 26 -15.00 8.83 55.30
CA LEU D 26 -13.83 9.35 56.01
C LEU D 26 -12.66 9.67 55.09
N CYS D 27 -12.70 9.22 53.83
CA CYS D 27 -11.66 9.51 52.86
C CYS D 27 -12.11 10.56 51.84
N LEU D 28 -13.00 11.47 52.26
CA LEU D 28 -13.52 12.48 51.35
C LEU D 28 -12.41 13.43 50.89
N GLY D 29 -11.52 13.83 51.80
CA GLY D 29 -10.45 14.74 51.47
C GLY D 29 -9.20 14.10 50.88
N ARG D 30 -9.18 12.77 50.73
CA ARG D 30 -8.02 12.07 50.22
C ARG D 30 -8.20 11.56 48.80
N VAL D 31 -9.41 11.11 48.45
CA VAL D 31 -9.71 10.56 47.13
C VAL D 31 -10.78 11.42 46.48
N GLY D 32 -10.63 11.66 45.19
CA GLY D 32 -11.60 12.48 44.48
C GLY D 32 -12.94 11.79 44.35
N LYS D 33 -13.96 12.60 44.07
CA LYS D 33 -15.32 12.09 43.98
C LYS D 33 -15.48 11.13 42.82
N ARG D 34 -14.86 11.44 41.67
CA ARG D 34 -14.99 10.56 40.51
C ARG D 34 -14.36 9.20 40.76
N LYS D 35 -13.21 9.17 41.44
CA LYS D 35 -12.56 7.90 41.75
C LYS D 35 -13.34 7.11 42.79
N LEU D 36 -13.94 7.80 43.76
CA LEU D 36 -14.67 7.13 44.82
C LEU D 36 -15.92 6.42 44.32
N GLU D 37 -16.44 6.81 43.16
CA GLU D 37 -17.63 6.17 42.61
C GLU D 37 -17.36 4.75 42.14
N ARG D 38 -16.10 4.39 41.92
CA ARG D 38 -15.73 3.07 41.43
C ARG D 38 -15.41 2.09 42.54
N VAL D 39 -15.60 2.48 43.79
CA VAL D 39 -15.26 1.64 44.93
C VAL D 39 -16.47 0.78 45.29
N GLN D 40 -16.33 -0.54 45.13
CA GLN D 40 -17.37 -1.49 45.50
C GLN D 40 -16.91 -2.47 46.55
N SER D 41 -15.65 -2.42 46.96
CA SER D 41 -15.12 -3.29 48.00
C SER D 41 -13.90 -2.62 48.60
N GLY D 42 -13.43 -3.18 49.72
CA GLY D 42 -12.27 -2.61 50.38
C GLY D 42 -11.00 -2.69 49.54
N LEU D 43 -10.94 -3.65 48.62
CA LEU D 43 -9.75 -3.81 47.78
C LEU D 43 -9.53 -2.60 46.89
N ASP D 44 -10.60 -2.05 46.31
CA ASP D 44 -10.47 -0.90 45.43
C ASP D 44 -9.93 0.31 46.19
N LEU D 45 -10.50 0.59 47.36
CA LEU D 45 -10.05 1.70 48.19
C LEU D 45 -8.61 1.48 48.64
N PHE D 46 -8.26 0.26 49.01
CA PHE D 46 -6.89 -0.02 49.43
C PHE D 46 -5.91 0.17 48.29
N SER D 47 -6.29 -0.22 47.07
CA SER D 47 -5.42 0.02 45.92
C SER D 47 -5.23 1.51 45.67
N MET D 48 -6.31 2.29 45.74
CA MET D 48 -6.19 3.73 45.56
C MET D 48 -5.29 4.35 46.63
N LEU D 49 -5.42 3.90 47.87
CA LEU D 49 -4.57 4.45 48.93
C LEU D 49 -3.12 4.00 48.80
N LEU D 50 -2.89 2.79 48.28
CA LEU D 50 -1.52 2.34 48.04
C LEU D 50 -0.84 3.16 46.95
N GLU D 51 -1.58 3.51 45.90
CA GLU D 51 -0.99 4.28 44.81
C GLU D 51 -0.60 5.69 45.25
N GLN D 52 -1.28 6.22 46.26
CA GLN D 52 -1.02 7.58 46.73
C GLN D 52 -0.01 7.62 47.88
N ASN D 53 0.59 6.49 48.24
CA ASN D 53 1.53 6.36 49.35
C ASN D 53 0.91 6.69 50.69
N ASP D 54 -0.42 6.65 50.79
CA ASP D 54 -1.08 6.80 52.08
C ASP D 54 -0.99 5.53 52.91
N LEU D 55 -0.84 4.38 52.25
CA LEU D 55 -0.74 3.09 52.91
C LEU D 55 0.56 2.41 52.47
N GLU D 56 1.36 1.99 53.44
CA GLU D 56 2.63 1.33 53.17
C GLU D 56 2.83 0.22 54.19
N PRO D 57 3.60 -0.82 53.83
CA PRO D 57 3.91 -1.86 54.82
C PRO D 57 4.65 -1.35 56.05
N GLY D 58 5.40 -0.26 55.92
CA GLY D 58 6.05 0.37 57.05
C GLY D 58 5.34 1.58 57.60
N HIS D 59 4.12 1.87 57.17
CA HIS D 59 3.36 3.03 57.65
C HIS D 59 1.88 2.68 57.54
N THR D 60 1.28 2.28 58.67
CA THR D 60 -0.11 1.83 58.69
C THR D 60 -0.97 2.68 59.63
N GLU D 61 -0.56 3.91 59.93
CA GLU D 61 -1.29 4.73 60.89
C GLU D 61 -2.70 5.05 60.39
N LEU D 62 -2.83 5.35 59.10
CA LEU D 62 -4.14 5.66 58.54
C LEU D 62 -5.07 4.45 58.62
N LEU D 63 -4.54 3.25 58.35
CA LEU D 63 -5.35 2.04 58.47
C LEU D 63 -5.84 1.84 59.90
N ARG D 64 -4.96 2.06 60.88
CA ARG D 64 -5.36 1.92 62.28
C ARG D 64 -6.41 2.95 62.67
N GLU D 65 -6.26 4.20 62.22
CA GLU D 65 -7.27 5.21 62.52
C GLU D 65 -8.62 4.85 61.89
N LEU D 66 -8.60 4.39 60.64
CA LEU D 66 -9.85 4.01 59.98
C LEU D 66 -10.51 2.84 60.69
N LEU D 67 -9.73 1.84 61.12
CA LEU D 67 -10.32 0.70 61.83
C LEU D 67 -10.80 1.09 63.22
N ALA D 68 -10.15 2.07 63.85
CA ALA D 68 -10.60 2.53 65.16
C ALA D 68 -11.89 3.33 65.06
N SER D 69 -12.08 4.09 63.99
CA SER D 69 -13.34 4.79 63.80
C SER D 69 -14.50 3.82 63.64
N LEU D 70 -14.25 2.66 63.05
CA LEU D 70 -15.29 1.63 62.88
C LEU D 70 -15.51 0.80 64.12
N ARG D 71 -14.69 0.98 65.16
CA ARG D 71 -14.76 0.19 66.38
C ARG D 71 -14.57 -1.30 66.10
N ARG D 72 -13.64 -1.62 65.19
CA ARG D 72 -13.32 -2.99 64.84
C ARG D 72 -11.93 -3.30 65.41
N HIS D 73 -11.90 -3.70 66.68
CA HIS D 73 -10.65 -4.05 67.33
C HIS D 73 -10.16 -5.45 66.98
N ASP D 74 -11.06 -6.32 66.50
CA ASP D 74 -10.63 -7.63 66.04
C ASP D 74 -9.70 -7.52 64.83
N LEU D 75 -9.98 -6.57 63.94
CA LEU D 75 -9.10 -6.33 62.79
C LEU D 75 -7.83 -5.59 63.21
N LEU D 76 -7.92 -4.70 64.19
CA LEU D 76 -6.71 -4.08 64.73
C LEU D 76 -5.79 -5.12 65.34
N ARG D 77 -6.34 -6.18 65.92
CA ARG D 77 -5.51 -7.27 66.43
C ARG D 77 -4.74 -7.95 65.30
N ARG D 78 -5.40 -8.16 64.16
CA ARG D 78 -4.70 -8.75 63.00
C ARG D 78 -3.60 -7.83 62.50
N VAL D 79 -3.88 -6.53 62.45
CA VAL D 79 -2.86 -5.57 62.02
C VAL D 79 -1.67 -5.59 62.98
N ASP D 80 -1.95 -5.70 64.28
CA ASP D 80 -0.89 -5.80 65.27
C ASP D 80 -0.07 -7.07 65.06
N ASP D 81 -0.75 -8.19 64.76
CA ASP D 81 -0.05 -9.45 64.53
C ASP D 81 0.82 -9.38 63.29
N PHE D 82 0.39 -8.64 62.27
CA PHE D 82 1.20 -8.49 61.06
C PHE D 82 2.51 -7.77 61.35
N GLU D 83 2.47 -6.72 62.16
CA GLU D 83 3.66 -5.92 62.41
C GLU D 83 4.68 -6.65 63.28
N ALA D 84 4.23 -7.58 64.13
CA ALA D 84 5.17 -8.29 64.99
C ALA D 84 6.07 -9.23 64.21
N GLY D 85 5.54 -9.89 63.18
CA GLY D 85 6.33 -10.79 62.38
C GLY D 85 7.19 -10.10 61.36
N ALA D 86 6.92 -8.82 61.11
CA ALA D 86 7.66 -8.03 60.12
C ALA D 86 8.65 -7.07 60.77
N ALA D 87 8.98 -7.27 62.04
CA ALA D 87 9.93 -6.41 62.72
C ALA D 87 11.32 -7.03 62.70
N MET E 1 44.01 -12.34 -9.60
CA MET E 1 42.84 -11.72 -9.02
C MET E 1 43.23 -10.72 -7.93
N ASP E 2 42.84 -9.46 -8.12
CA ASP E 2 43.21 -8.42 -7.19
C ASP E 2 42.39 -8.52 -5.91
N PRO E 3 43.03 -8.69 -4.75
CA PRO E 3 42.26 -8.74 -3.49
C PRO E 3 41.46 -7.47 -3.22
N PHE E 4 41.98 -6.30 -3.62
CA PHE E 4 41.24 -5.06 -3.45
C PHE E 4 39.96 -5.06 -4.28
N LEU E 5 40.05 -5.51 -5.54
CA LEU E 5 38.87 -5.59 -6.38
C LEU E 5 37.87 -6.62 -5.84
N VAL E 6 38.37 -7.75 -5.32
CA VAL E 6 37.49 -8.73 -4.71
C VAL E 6 36.77 -8.15 -3.50
N LEU E 7 37.48 -7.42 -2.65
CA LEU E 7 36.86 -6.79 -1.49
C LEU E 7 35.81 -5.77 -1.90
N LEU E 8 36.11 -4.96 -2.91
CA LEU E 8 35.15 -3.97 -3.38
C LEU E 8 33.90 -4.63 -3.95
N HIS E 9 34.07 -5.71 -4.72
CA HIS E 9 32.92 -6.44 -5.26
C HIS E 9 32.07 -7.04 -4.15
N SER E 10 32.72 -7.61 -3.13
CA SER E 10 32.00 -8.19 -2.01
C SER E 10 31.22 -7.12 -1.24
N VAL E 11 31.83 -5.95 -1.04
CA VAL E 11 31.14 -4.86 -0.35
C VAL E 11 29.95 -4.39 -1.17
N SER E 12 30.13 -4.26 -2.49
CA SER E 12 29.04 -3.80 -3.35
C SER E 12 27.88 -4.80 -3.37
N SER E 13 28.18 -6.09 -3.28
CA SER E 13 27.13 -7.10 -3.30
C SER E 13 26.27 -7.10 -2.05
N SER E 14 26.65 -6.35 -1.01
CA SER E 14 25.94 -6.34 0.26
C SER E 14 25.21 -5.02 0.52
N LEU E 15 24.93 -4.25 -0.53
CA LEU E 15 24.26 -2.98 -0.41
C LEU E 15 22.91 -3.03 -1.12
N SER E 16 21.96 -2.24 -0.61
CA SER E 16 20.64 -2.12 -1.22
C SER E 16 20.54 -0.80 -1.98
N SER E 17 19.40 -0.58 -2.62
CA SER E 17 19.22 0.62 -3.45
C SER E 17 19.20 1.89 -2.60
N SER E 18 18.57 1.84 -1.42
CA SER E 18 18.52 3.01 -0.57
C SER E 18 19.90 3.40 -0.07
N GLU E 19 20.73 2.41 0.28
CA GLU E 19 22.10 2.70 0.68
C GLU E 19 22.89 3.29 -0.48
N LEU E 20 22.65 2.82 -1.70
CA LEU E 20 23.31 3.41 -2.86
C LEU E 20 22.89 4.87 -3.05
N THR E 21 21.60 5.16 -2.87
CA THR E 21 21.13 6.53 -2.97
C THR E 21 21.77 7.41 -1.90
N GLU E 22 21.92 6.87 -0.68
CA GLU E 22 22.59 7.62 0.38
C GLU E 22 24.07 7.86 0.05
N LEU E 23 24.75 6.85 -0.50
CA LEU E 23 26.15 7.00 -0.87
C LEU E 23 26.34 8.03 -1.97
N LYS E 24 25.45 8.06 -2.96
CA LYS E 24 25.57 9.03 -4.03
C LYS E 24 25.38 10.46 -3.53
N PHE E 25 24.67 10.63 -2.42
CA PHE E 25 24.49 11.96 -1.85
C PHE E 25 25.76 12.46 -1.17
N LEU E 26 26.45 11.57 -0.45
CA LEU E 26 27.67 11.96 0.25
C LEU E 26 28.85 12.21 -0.68
N CYS E 27 28.76 11.80 -1.94
CA CYS E 27 29.80 12.04 -2.93
C CYS E 27 29.42 13.16 -3.90
N LEU E 28 28.55 14.07 -3.45
CA LEU E 28 28.10 15.16 -4.32
C LEU E 28 29.25 16.08 -4.71
N GLY E 29 30.14 16.38 -3.76
CA GLY E 29 31.26 17.25 -4.01
C GLY E 29 32.48 16.61 -4.64
N ARG E 30 32.45 15.30 -4.87
CA ARG E 30 33.59 14.60 -5.45
C ARG E 30 33.35 14.17 -6.89
N VAL E 31 32.12 13.81 -7.24
CA VAL E 31 31.77 13.33 -8.57
C VAL E 31 30.74 14.29 -9.17
N GLY E 32 30.89 14.57 -10.46
CA GLY E 32 29.97 15.47 -11.13
C GLY E 32 28.58 14.90 -11.27
N LYS E 33 27.62 15.79 -11.52
CA LYS E 33 26.22 15.39 -11.61
C LYS E 33 25.98 14.47 -12.80
N ARG E 34 26.61 14.77 -13.94
CA ARG E 34 26.42 13.94 -15.12
C ARG E 34 26.98 12.54 -14.93
N LYS E 35 28.13 12.41 -14.29
CA LYS E 35 28.71 11.10 -14.02
C LYS E 35 27.89 10.33 -13.00
N LEU E 36 27.39 11.01 -11.97
CA LEU E 36 26.63 10.34 -10.91
C LEU E 36 25.33 9.73 -11.43
N GLU E 37 24.83 10.21 -12.57
CA GLU E 37 23.58 9.69 -13.12
C GLU E 37 23.71 8.26 -13.62
N ARG E 38 24.90 7.84 -14.03
CA ARG E 38 25.12 6.52 -14.60
C ARG E 38 25.37 5.44 -13.56
N VAL E 39 25.37 5.80 -12.28
CA VAL E 39 25.68 4.86 -11.21
C VAL E 39 24.41 4.07 -10.88
N GLN E 40 24.47 2.75 -11.07
CA GLN E 40 23.38 1.85 -10.72
C GLN E 40 23.78 0.80 -9.70
N SER E 41 25.04 0.77 -9.29
CA SER E 41 25.51 -0.18 -8.28
C SER E 41 26.76 0.39 -7.65
N GLY E 42 27.20 -0.25 -6.56
CA GLY E 42 28.40 0.20 -5.89
C GLY E 42 29.65 0.11 -6.73
N LEU E 43 29.66 -0.83 -7.70
CA LEU E 43 30.85 -1.02 -8.53
C LEU E 43 31.15 0.20 -9.37
N ASP E 44 30.12 0.83 -9.95
CA ASP E 44 30.32 2.01 -10.78
C ASP E 44 30.92 3.16 -9.99
N LEU E 45 30.36 3.43 -8.81
CA LEU E 45 30.89 4.47 -7.95
C LEU E 45 32.30 4.16 -7.50
N PHE E 46 32.58 2.90 -7.18
CA PHE E 46 33.92 2.51 -6.75
C PHE E 46 34.94 2.70 -7.87
N SER E 47 34.58 2.34 -9.11
CA SER E 47 35.49 2.53 -10.22
C SER E 47 35.73 4.02 -10.48
N MET E 48 34.67 4.83 -10.39
CA MET E 48 34.83 6.27 -10.56
C MET E 48 35.75 6.85 -9.50
N LEU E 49 35.62 6.39 -8.25
CA LEU E 49 36.51 6.86 -7.18
C LEU E 49 37.94 6.36 -7.37
N LEU E 50 38.10 5.15 -7.91
CA LEU E 50 39.44 4.62 -8.18
C LEU E 50 40.15 5.45 -9.25
N GLU E 51 39.42 5.88 -10.28
CA GLU E 51 40.05 6.68 -11.33
C GLU E 51 40.50 8.03 -10.81
N GLN E 52 39.81 8.60 -9.83
CA GLN E 52 40.15 9.90 -9.28
C GLN E 52 41.13 9.83 -8.12
N ASN E 53 41.65 8.64 -7.81
CA ASN E 53 42.62 8.40 -6.75
C ASN E 53 42.08 8.70 -5.36
N ASP E 54 40.75 8.73 -5.21
CA ASP E 54 40.16 8.86 -3.88
C ASP E 54 40.19 7.54 -3.13
N LEU E 55 40.25 6.42 -3.85
CA LEU E 55 40.29 5.09 -3.26
C LEU E 55 41.51 4.34 -3.78
N GLU E 56 42.34 3.86 -2.86
CA GLU E 56 43.55 3.13 -3.19
C GLU E 56 43.68 1.95 -2.23
N PRO E 57 44.40 0.90 -2.64
CA PRO E 57 44.60 -0.24 -1.73
C PRO E 57 45.23 0.12 -0.39
N GLY E 58 46.14 1.09 -0.38
CA GLY E 58 46.71 1.59 0.86
C GLY E 58 46.08 2.85 1.39
N HIS E 59 44.92 3.25 0.87
CA HIS E 59 44.29 4.54 1.21
C HIS E 59 42.78 4.30 1.23
N THR E 60 42.24 3.99 2.41
CA THR E 60 40.85 3.54 2.51
C THR E 60 40.05 4.33 3.55
N GLU E 61 40.48 5.54 3.90
CA GLU E 61 39.73 6.31 4.90
C GLU E 61 38.39 6.76 4.37
N LEU E 62 38.31 7.07 3.08
CA LEU E 62 37.03 7.50 2.51
C LEU E 62 36.01 6.36 2.54
N LEU E 63 36.43 5.15 2.21
CA LEU E 63 35.54 4.00 2.28
C LEU E 63 35.07 3.77 3.71
N ARG E 64 35.99 3.88 4.68
CA ARG E 64 35.62 3.71 6.07
C ARG E 64 34.61 4.75 6.53
N GLU E 65 34.80 6.01 6.14
CA GLU E 65 33.86 7.05 6.51
C GLU E 65 32.49 6.82 5.87
N LEU E 66 32.48 6.41 4.59
CA LEU E 66 31.21 6.13 3.92
C LEU E 66 30.47 4.97 4.60
N LEU E 67 31.20 3.92 5.00
CA LEU E 67 30.56 2.81 5.68
C LEU E 67 30.10 3.19 7.09
N ALA E 68 30.84 4.07 7.76
CA ALA E 68 30.44 4.49 9.10
C ALA E 68 29.23 5.39 9.07
N SER E 69 29.08 6.21 8.03
CA SER E 69 27.86 7.01 7.89
C SER E 69 26.64 6.12 7.70
N LEU E 70 26.76 5.03 6.95
CA LEU E 70 25.68 4.09 6.76
C LEU E 70 25.44 3.19 7.98
N ARG E 71 26.30 3.27 8.99
CA ARG E 71 26.22 2.44 10.19
C ARG E 71 26.32 0.95 9.85
N ARG E 72 27.14 0.64 8.85
CA ARG E 72 27.38 -0.74 8.44
C ARG E 72 28.74 -1.16 9.00
N HIS E 73 28.73 -1.63 10.25
CA HIS E 73 29.95 -2.08 10.90
C HIS E 73 30.37 -3.48 10.50
N ASP E 74 29.43 -4.31 10.01
CA ASP E 74 29.79 -5.63 9.51
C ASP E 74 30.69 -5.54 8.29
N LEU E 75 30.47 -4.52 7.45
CA LEU E 75 31.36 -4.29 6.31
C LEU E 75 32.68 -3.66 6.73
N LEU E 76 32.65 -2.83 7.78
CA LEU E 76 33.89 -2.29 8.33
C LEU E 76 34.77 -3.40 8.88
N ARG E 77 34.17 -4.46 9.42
CA ARG E 77 34.97 -5.61 9.84
C ARG E 77 35.68 -6.27 8.67
N ARG E 78 34.99 -6.39 7.53
CA ARG E 78 35.64 -6.94 6.33
C ARG E 78 36.79 -6.04 5.88
N VAL E 79 36.58 -4.72 5.91
CA VAL E 79 37.63 -3.79 5.51
C VAL E 79 38.84 -3.94 6.44
N ASP E 80 38.58 -4.05 7.74
CA ASP E 80 39.67 -4.27 8.69
C ASP E 80 40.40 -5.57 8.40
N ASP E 81 39.65 -6.62 8.06
CA ASP E 81 40.27 -7.91 7.73
C ASP E 81 41.18 -7.80 6.52
N PHE E 82 40.77 -7.01 5.52
CA PHE E 82 41.58 -6.87 4.31
C PHE E 82 42.94 -6.26 4.63
N GLU E 83 42.96 -5.20 5.45
CA GLU E 83 44.21 -4.49 5.73
C GLU E 83 45.19 -5.34 6.54
N ALA E 84 44.70 -6.23 7.40
CA ALA E 84 45.59 -7.07 8.18
C ALA E 84 46.32 -8.08 7.31
N GLY E 85 45.64 -8.64 6.31
CA GLY E 85 46.25 -9.59 5.41
C GLY E 85 47.17 -8.94 4.40
N ALA E 86 46.97 -7.65 4.17
CA ALA E 86 47.78 -6.89 3.23
C ALA E 86 48.89 -6.09 3.91
N ALA E 87 49.10 -6.33 5.21
CA ALA E 87 50.14 -5.62 5.96
C ALA E 87 51.52 -6.15 5.58
N MET F 1 21.69 -24.74 8.09
CA MET F 1 20.88 -23.78 8.82
C MET F 1 21.66 -23.14 9.96
N ASP F 2 21.63 -21.82 10.04
CA ASP F 2 22.30 -21.10 11.10
C ASP F 2 21.51 -21.22 12.40
N PRO F 3 22.10 -21.78 13.46
CA PRO F 3 21.36 -21.87 14.73
C PRO F 3 20.97 -20.51 15.30
N PHE F 4 21.82 -19.50 15.14
CA PHE F 4 21.48 -18.16 15.63
C PHE F 4 20.28 -17.60 14.88
N LEU F 5 20.25 -17.77 13.56
CA LEU F 5 19.12 -17.29 12.78
C LEU F 5 17.84 -18.05 13.13
N VAL F 6 17.96 -19.37 13.36
CA VAL F 6 16.79 -20.15 13.78
C VAL F 6 16.27 -19.66 15.12
N LEU F 7 17.17 -19.41 16.07
CA LEU F 7 16.74 -18.91 17.38
C LEU F 7 16.08 -17.54 17.26
N LEU F 8 16.64 -16.65 16.44
CA LEU F 8 16.04 -15.33 16.25
C LEU F 8 14.65 -15.43 15.62
N HIS F 9 14.49 -16.30 14.63
CA HIS F 9 13.18 -16.50 14.01
C HIS F 9 12.18 -17.03 15.02
N SER F 10 12.58 -18.00 15.85
CA SER F 10 11.67 -18.55 16.85
C SER F 10 11.28 -17.50 17.89
N VAL F 11 12.24 -16.67 18.30
CA VAL F 11 11.91 -15.59 19.24
C VAL F 11 10.95 -14.60 18.60
N SER F 12 11.17 -14.26 17.33
CA SER F 12 10.29 -13.31 16.65
C SER F 12 8.88 -13.86 16.49
N SER F 13 8.74 -15.18 16.33
CA SER F 13 7.42 -15.77 16.17
C SER F 13 6.61 -15.80 17.46
N SER F 14 7.21 -15.46 18.60
CA SER F 14 6.53 -15.52 19.90
C SER F 14 6.20 -14.14 20.46
N LEU F 15 6.14 -13.12 19.62
CA LEU F 15 5.91 -11.75 20.07
C LEU F 15 4.63 -11.20 19.44
N SER F 16 3.93 -10.36 20.20
CA SER F 16 2.73 -9.69 19.72
C SER F 16 3.08 -8.29 19.23
N SER F 17 2.07 -7.60 18.68
CA SER F 17 2.31 -6.27 18.13
C SER F 17 2.63 -5.26 19.23
N SER F 18 2.00 -5.40 20.39
CA SER F 18 2.28 -4.49 21.51
C SER F 18 3.72 -4.67 21.99
N GLU F 19 4.20 -5.91 22.05
CA GLU F 19 5.58 -6.15 22.44
C GLU F 19 6.55 -5.58 21.42
N LEU F 20 6.21 -5.68 20.13
CA LEU F 20 7.05 -5.07 19.10
C LEU F 20 7.09 -3.55 19.24
N THR F 21 5.95 -2.93 19.54
CA THR F 21 5.91 -1.50 19.78
C THR F 21 6.78 -1.12 20.98
N GLU F 22 6.73 -1.90 22.04
CA GLU F 22 7.59 -1.65 23.19
C GLU F 22 9.07 -1.79 22.84
N LEU F 23 9.41 -2.81 22.04
CA LEU F 23 10.80 -3.02 21.64
C LEU F 23 11.32 -1.88 20.77
N LYS F 24 10.48 -1.34 19.87
CA LYS F 24 10.91 -0.24 19.04
C LYS F 24 11.17 1.02 19.84
N PHE F 25 10.46 1.21 20.96
CA PHE F 25 10.71 2.36 21.81
C PHE F 25 12.05 2.25 22.54
N LEU F 26 12.43 1.05 22.94
CA LEU F 26 13.68 0.85 23.67
C LEU F 26 14.91 0.94 22.77
N CYS F 27 14.73 0.96 21.45
CA CYS F 27 15.82 1.09 20.50
C CYS F 27 15.83 2.47 19.85
N LEU F 28 15.31 3.48 20.55
CA LEU F 28 15.25 4.82 19.99
C LEU F 28 16.63 5.40 19.75
N GLY F 29 17.57 5.15 20.67
CA GLY F 29 18.91 5.67 20.54
C GLY F 29 19.86 4.86 19.69
N ARG F 30 19.41 3.75 19.12
CA ARG F 30 20.27 2.88 18.33
C ARG F 30 19.93 2.89 16.84
N VAL F 31 18.65 3.04 16.50
CA VAL F 31 18.18 3.01 15.12
C VAL F 31 17.49 4.34 14.82
N GLY F 32 17.73 4.86 13.63
CA GLY F 32 17.11 6.12 13.23
C GLY F 32 15.62 6.00 13.04
N LYS F 33 14.94 7.15 13.08
CA LYS F 33 13.49 7.19 12.98
C LYS F 33 13.00 6.67 11.64
N ARG F 34 13.69 7.04 10.56
CA ARG F 34 13.27 6.60 9.23
C ARG F 34 13.40 5.08 9.08
N LYS F 35 14.48 4.49 9.62
CA LYS F 35 14.65 3.05 9.55
C LYS F 35 13.65 2.31 10.42
N LEU F 36 13.37 2.84 11.62
CA LEU F 36 12.42 2.19 12.52
C LEU F 36 11.00 2.16 11.96
N GLU F 37 10.67 3.08 11.06
CA GLU F 37 9.33 3.11 10.48
C GLU F 37 9.02 1.88 9.64
N ARG F 38 10.04 1.18 9.15
CA ARG F 38 9.86 0.03 8.27
C ARG F 38 9.81 -1.29 9.04
N VAL F 39 9.84 -1.26 10.36
CA VAL F 39 9.84 -2.48 11.17
C VAL F 39 8.39 -2.92 11.37
N GLN F 40 8.06 -4.10 10.84
CA GLN F 40 6.73 -4.67 10.98
C GLN F 40 6.76 -5.99 11.76
N SER F 41 7.95 -6.49 12.10
CA SER F 41 8.09 -7.72 12.85
C SER F 41 9.46 -7.72 13.50
N GLY F 42 9.67 -8.67 14.41
CA GLY F 42 10.95 -8.76 15.09
C GLY F 42 12.11 -9.06 14.16
N LEU F 43 11.83 -9.70 13.02
CA LEU F 43 12.89 -10.07 12.09
C LEU F 43 13.57 -8.84 11.50
N ASP F 44 12.80 -7.82 11.16
CA ASP F 44 13.38 -6.60 10.60
C ASP F 44 14.31 -5.92 11.61
N LEU F 45 13.84 -5.78 12.85
CA LEU F 45 14.66 -5.17 13.89
C LEU F 45 15.91 -5.99 14.16
N PHE F 46 15.78 -7.31 14.17
CA PHE F 46 16.95 -8.17 14.40
C PHE F 46 17.96 -8.06 13.27
N SER F 47 17.49 -7.96 12.03
CA SER F 47 18.40 -7.76 10.91
C SER F 47 19.11 -6.43 11.01
N MET F 48 18.38 -5.37 11.38
CA MET F 48 19.00 -4.06 11.54
C MET F 48 20.06 -4.08 12.64
N LEU F 49 19.77 -4.77 13.74
CA LEU F 49 20.73 -4.85 14.85
C LEU F 49 21.93 -5.73 14.48
N LEU F 50 21.73 -6.77 13.68
CA LEU F 50 22.84 -7.59 13.22
C LEU F 50 23.77 -6.78 12.31
N GLU F 51 23.20 -5.92 11.47
CA GLU F 51 24.04 -5.12 10.59
C GLU F 51 24.92 -4.15 11.36
N GLN F 52 24.46 -3.67 12.52
CA GLN F 52 25.20 -2.71 13.33
C GLN F 52 26.11 -3.37 14.36
N ASN F 53 26.21 -4.70 14.35
CA ASN F 53 27.00 -5.48 15.31
C ASN F 53 26.51 -5.31 16.74
N ASP F 54 25.26 -4.89 16.93
CA ASP F 54 24.68 -4.87 18.26
C ASP F 54 24.31 -6.28 18.72
N LEU F 55 23.98 -7.15 17.77
CA LEU F 55 23.58 -8.52 18.03
C LEU F 55 24.57 -9.46 17.34
N GLU F 56 25.12 -10.40 18.10
CA GLU F 56 26.09 -11.34 17.58
C GLU F 56 25.87 -12.70 18.23
N PRO F 57 26.24 -13.79 17.55
CA PRO F 57 26.11 -15.12 18.19
C PRO F 57 26.92 -15.26 19.46
N GLY F 58 28.03 -14.54 19.60
CA GLY F 58 28.82 -14.56 20.80
C GLY F 58 28.59 -13.43 21.77
N HIS F 59 27.66 -12.51 21.48
CA HIS F 59 27.35 -11.38 22.36
C HIS F 59 25.85 -11.13 22.30
N THR F 60 25.14 -11.56 23.33
CA THR F 60 23.68 -11.49 23.34
C THR F 60 23.15 -10.61 24.48
N GLU F 61 23.98 -9.72 25.02
CA GLU F 61 23.58 -8.93 26.18
C GLU F 61 22.37 -8.05 25.87
N LEU F 62 22.41 -7.37 24.72
CA LEU F 62 21.31 -6.46 24.37
C LEU F 62 19.99 -7.22 24.22
N LEU F 63 20.03 -8.39 23.59
CA LEU F 63 18.83 -9.22 23.48
C LEU F 63 18.31 -9.60 24.85
N ARG F 64 19.21 -9.94 25.77
CA ARG F 64 18.78 -10.33 27.12
C ARG F 64 18.13 -9.17 27.86
N GLU F 65 18.70 -7.96 27.80
CA GLU F 65 18.04 -6.84 28.46
C GLU F 65 16.71 -6.51 27.81
N LEU F 66 16.63 -6.59 26.47
CA LEU F 66 15.37 -6.30 25.80
C LEU F 66 14.30 -7.30 26.20
N LEU F 67 14.65 -8.59 26.29
CA LEU F 67 13.67 -9.60 26.71
C LEU F 67 13.32 -9.48 28.18
N ALA F 68 14.26 -9.05 29.02
CA ALA F 68 13.97 -8.88 30.44
C ALA F 68 13.07 -7.69 30.68
N SER F 69 13.19 -6.62 29.88
CA SER F 69 12.29 -5.48 30.02
C SER F 69 10.85 -5.87 29.68
N LEU F 70 10.67 -6.82 28.76
CA LEU F 70 9.34 -7.31 28.41
C LEU F 70 8.81 -8.33 29.41
N ARG F 71 9.62 -8.73 30.40
CA ARG F 71 9.25 -9.72 31.40
C ARG F 71 8.90 -11.06 30.75
N ARG F 72 9.66 -11.44 29.74
CA ARG F 72 9.47 -12.69 29.02
C ARG F 72 10.63 -13.61 29.39
N HIS F 73 10.47 -14.34 30.49
CA HIS F 73 11.50 -15.26 30.95
C HIS F 73 11.46 -16.60 30.24
N ASP F 74 10.33 -16.96 29.62
CA ASP F 74 10.29 -18.17 28.80
C ASP F 74 11.20 -18.05 27.59
N LEU F 75 11.24 -16.87 26.97
CA LEU F 75 12.17 -16.64 25.86
C LEU F 75 13.61 -16.52 26.33
N LEU F 76 13.82 -15.96 27.53
CA LEU F 76 15.15 -15.98 28.12
C LEU F 76 15.64 -17.40 28.33
N ARG F 77 14.73 -18.34 28.64
CA ARG F 77 15.12 -19.74 28.76
C ARG F 77 15.60 -20.30 27.42
N ARG F 78 14.93 -19.93 26.32
CA ARG F 78 15.40 -20.37 25.01
C ARG F 78 16.77 -19.80 24.69
N VAL F 79 16.98 -18.52 25.02
CA VAL F 79 18.29 -17.90 24.80
C VAL F 79 19.36 -18.61 25.62
N ASP F 80 19.02 -18.99 26.85
CA ASP F 80 19.95 -19.77 27.67
C ASP F 80 20.25 -21.12 27.04
N ASP F 81 19.23 -21.76 26.48
CA ASP F 81 19.43 -23.06 25.84
C ASP F 81 20.34 -22.96 24.63
N PHE F 82 20.24 -21.86 23.88
CA PHE F 82 21.09 -21.68 22.71
C PHE F 82 22.57 -21.60 23.12
N GLU F 83 22.87 -20.85 24.18
CA GLU F 83 24.26 -20.65 24.56
C GLU F 83 24.87 -21.87 25.22
N ALA F 84 24.06 -22.74 25.81
CA ALA F 84 24.59 -23.96 26.41
C ALA F 84 25.08 -24.95 25.36
N GLY F 85 24.40 -25.03 24.22
CA GLY F 85 24.80 -25.94 23.17
C GLY F 85 25.89 -25.40 22.28
N ALA F 86 26.13 -24.08 22.37
CA ALA F 86 27.15 -23.41 21.58
C ALA F 86 28.43 -23.16 22.36
N ALA F 87 28.68 -23.94 23.40
CA ALA F 87 29.89 -23.78 24.21
C ALA F 87 31.11 -24.31 23.47
N MET G 1 62.31 1.60 -29.66
CA MET G 1 61.00 2.03 -29.16
C MET G 1 61.11 3.35 -28.40
N ASP G 2 60.31 4.33 -28.80
CA ASP G 2 60.32 5.63 -28.15
C ASP G 2 59.51 5.59 -26.86
N PRO G 3 60.12 5.90 -25.72
CA PRO G 3 59.34 5.91 -24.46
C PRO G 3 58.19 6.90 -24.46
N PHE G 4 58.35 8.05 -25.11
CA PHE G 4 57.26 9.01 -25.18
C PHE G 4 56.09 8.44 -25.97
N LEU G 5 56.36 7.78 -27.10
CA LEU G 5 55.30 7.14 -27.87
C LEU G 5 54.65 6.02 -27.09
N VAL G 6 55.43 5.24 -26.34
CA VAL G 6 54.86 4.18 -25.52
C VAL G 6 53.93 4.75 -24.46
N LEU G 7 54.34 5.85 -23.80
CA LEU G 7 53.49 6.49 -22.80
C LEU G 7 52.20 7.02 -23.43
N LEU G 8 52.31 7.65 -24.61
CA LEU G 8 51.12 8.18 -25.26
C LEU G 8 50.16 7.07 -25.68
N HIS G 9 50.69 5.96 -26.19
CA HIS G 9 49.83 4.82 -26.53
C HIS G 9 49.16 4.25 -25.29
N SER G 10 49.90 4.14 -24.19
CA SER G 10 49.33 3.65 -22.94
C SER G 10 48.21 4.57 -22.44
N VAL G 11 48.41 5.88 -22.52
CA VAL G 11 47.37 6.82 -22.10
C VAL G 11 46.15 6.70 -23.00
N SER G 12 46.36 6.59 -24.32
CA SER G 12 45.24 6.46 -25.25
C SER G 12 44.47 5.17 -25.02
N SER G 13 45.15 4.12 -24.55
CA SER G 13 44.47 2.84 -24.30
C SER G 13 43.52 2.88 -23.11
N SER G 14 43.56 3.92 -22.28
CA SER G 14 42.80 3.97 -21.05
C SER G 14 41.66 4.99 -21.09
N LEU G 15 41.29 5.46 -22.27
CA LEU G 15 40.24 6.46 -22.43
C LEU G 15 39.05 5.87 -23.17
N SER G 16 37.86 6.33 -22.81
CA SER G 16 36.63 5.90 -23.47
C SER G 16 36.22 6.95 -24.51
N SER G 17 35.11 6.65 -25.22
CA SER G 17 34.66 7.54 -26.27
C SER G 17 34.14 8.86 -25.72
N SER G 18 33.50 8.82 -24.54
CA SER G 18 33.02 10.06 -23.91
C SER G 18 34.18 10.98 -23.56
N GLU G 19 35.25 10.43 -22.99
CA GLU G 19 36.42 11.25 -22.67
C GLU G 19 37.07 11.80 -23.93
N LEU G 20 37.08 11.02 -25.01
CA LEU G 20 37.59 11.52 -26.28
C LEU G 20 36.75 12.69 -26.78
N THR G 21 35.43 12.59 -26.66
CA THR G 21 34.56 13.69 -27.06
C THR G 21 34.84 14.94 -26.23
N GLU G 22 35.04 14.77 -24.93
CA GLU G 22 35.38 15.92 -24.07
C GLU G 22 36.74 16.50 -24.46
N LEU G 23 37.70 15.66 -24.80
CA LEU G 23 39.01 16.14 -25.20
C LEU G 23 38.95 16.91 -26.52
N LYS G 24 38.12 16.47 -27.46
CA LYS G 24 38.01 17.17 -28.74
C LYS G 24 37.37 18.54 -28.56
N PHE G 25 36.53 18.72 -27.55
CA PHE G 25 35.95 20.03 -27.27
C PHE G 25 36.99 20.98 -26.69
N LEU G 26 37.86 20.49 -25.82
CA LEU G 26 38.88 21.33 -25.21
C LEU G 26 39.96 21.74 -26.18
N CYS G 27 40.07 21.09 -27.34
CA CYS G 27 41.04 21.44 -28.37
C CYS G 27 40.38 22.15 -29.55
N LEU G 28 39.25 22.83 -29.30
CA LEU G 28 38.53 23.50 -30.38
C LEU G 28 39.37 24.61 -30.99
N GLY G 29 40.07 25.39 -30.17
CA GLY G 29 40.87 26.48 -30.66
C GLY G 29 42.24 26.12 -31.15
N ARG G 30 42.67 24.87 -31.02
CA ARG G 30 43.99 24.43 -31.42
C ARG G 30 44.00 23.68 -32.73
N VAL G 31 42.95 22.90 -33.02
CA VAL G 31 42.86 22.09 -34.22
C VAL G 31 41.62 22.51 -35.00
N GLY G 32 41.74 22.55 -36.33
CA GLY G 32 40.62 22.95 -37.16
C GLY G 32 39.52 21.90 -37.18
N LYS G 33 38.34 22.35 -37.63
CA LYS G 33 37.17 21.50 -37.60
C LYS G 33 37.32 20.29 -38.53
N ARG G 34 37.89 20.50 -39.71
CA ARG G 34 38.01 19.40 -40.68
C ARG G 34 38.97 18.33 -40.18
N LYS G 35 40.06 18.73 -39.53
CA LYS G 35 41.00 17.76 -38.97
C LYS G 35 40.40 17.03 -37.78
N LEU G 36 39.65 17.75 -36.93
CA LEU G 36 39.07 17.14 -35.74
C LEU G 36 38.02 16.08 -36.08
N GLU G 37 37.45 16.13 -37.28
CA GLU G 37 36.45 15.15 -37.67
C GLU G 37 37.06 13.78 -37.96
N ARG G 38 38.37 13.71 -38.16
CA ARG G 38 39.06 12.46 -38.46
C ARG G 38 39.60 11.78 -37.20
N VAL G 39 39.34 12.34 -36.02
CA VAL G 39 39.86 11.81 -34.77
C VAL G 39 38.88 10.76 -34.25
N GLN G 40 39.32 9.51 -34.21
CA GLN G 40 38.53 8.41 -33.67
C GLN G 40 39.17 7.76 -32.45
N SER G 41 40.36 8.19 -32.07
CA SER G 41 41.05 7.68 -30.90
C SER G 41 42.01 8.74 -30.41
N GLY G 42 42.53 8.54 -29.19
CA GLY G 42 43.49 9.47 -28.64
C GLY G 42 44.79 9.54 -29.44
N LEU G 43 45.11 8.46 -30.16
CA LEU G 43 46.34 8.44 -30.94
C LEU G 43 46.34 9.48 -32.04
N ASP G 44 45.20 9.65 -32.73
CA ASP G 44 45.11 10.62 -33.82
C ASP G 44 45.28 12.05 -33.29
N LEU G 45 44.59 12.37 -32.20
CA LEU G 45 44.71 13.69 -31.60
C LEU G 45 46.13 13.94 -31.10
N PHE G 46 46.75 12.93 -30.49
CA PHE G 46 48.12 13.10 -30.02
C PHE G 46 49.09 13.30 -31.17
N SER G 47 48.88 12.60 -32.29
CA SER G 47 49.72 12.81 -33.46
C SER G 47 49.59 14.23 -33.99
N MET G 48 48.34 14.71 -34.08
CA MET G 48 48.12 16.09 -34.53
C MET G 48 48.80 17.09 -33.61
N LEU G 49 48.70 16.87 -32.30
CA LEU G 49 49.35 17.77 -31.34
C LEU G 49 50.86 17.70 -31.43
N LEU G 50 51.42 16.51 -31.69
CA LEU G 50 52.85 16.38 -31.87
C LEU G 50 53.33 17.14 -33.10
N GLU G 51 52.58 17.09 -34.19
CA GLU G 51 52.99 17.77 -35.41
C GLU G 51 53.04 19.29 -35.23
N GLN G 52 52.21 19.83 -34.35
CA GLN G 52 52.10 21.27 -34.16
C GLN G 52 52.99 21.80 -33.04
N ASN G 53 53.84 20.95 -32.46
CA ASN G 53 54.70 21.29 -31.33
C ASN G 53 53.91 21.69 -30.09
N ASP G 54 52.63 21.32 -30.02
CA ASP G 54 51.86 21.54 -28.80
C ASP G 54 52.23 20.51 -27.73
N LEU G 55 52.68 19.33 -28.16
CA LEU G 55 53.09 18.25 -27.26
C LEU G 55 54.49 17.80 -27.63
N GLU G 56 55.39 17.84 -26.66
CA GLU G 56 56.78 17.44 -26.85
C GLU G 56 57.21 16.56 -25.70
N PRO G 57 58.19 15.69 -25.92
CA PRO G 57 58.69 14.86 -24.80
C PRO G 57 59.25 15.67 -23.64
N GLY G 58 59.74 16.88 -23.90
CA GLY G 58 60.22 17.77 -22.86
C GLY G 58 59.24 18.83 -22.40
N HIS G 59 58.02 18.85 -22.94
CA HIS G 59 57.02 19.85 -22.57
C HIS G 59 55.66 19.15 -22.57
N THR G 60 55.17 18.80 -21.38
CA THR G 60 53.92 18.06 -21.25
C THR G 60 52.87 18.84 -20.45
N GLU G 61 52.92 20.17 -20.50
CA GLU G 61 51.95 20.97 -19.76
C GLU G 61 50.53 20.76 -20.28
N LEU G 62 50.36 20.82 -21.61
CA LEU G 62 49.03 20.72 -22.19
C LEU G 62 48.39 19.37 -21.88
N LEU G 63 49.17 18.29 -21.96
CA LEU G 63 48.66 16.98 -21.60
C LEU G 63 48.21 16.95 -20.15
N ARG G 64 48.97 17.57 -19.26
CA ARG G 64 48.60 17.59 -17.85
C ARG G 64 47.31 18.37 -17.61
N GLU G 65 47.14 19.52 -18.27
CA GLU G 65 45.86 20.25 -18.11
C GLU G 65 44.70 19.43 -18.68
N LEU G 66 44.89 18.78 -19.82
CA LEU G 66 43.82 17.98 -20.40
C LEU G 66 43.44 16.82 -19.48
N LEU G 67 44.43 16.18 -18.86
CA LEU G 67 44.14 15.07 -17.96
C LEU G 67 43.54 15.55 -16.64
N ALA G 68 43.89 16.77 -16.20
CA ALA G 68 43.32 17.31 -14.98
C ALA G 68 41.87 17.74 -15.19
N SER G 69 41.53 18.22 -16.38
CA SER G 69 40.13 18.57 -16.66
C SER G 69 39.25 17.33 -16.66
N LEU G 70 39.79 16.17 -17.02
CA LEU G 70 39.03 14.93 -17.02
C LEU G 70 38.99 14.26 -15.66
N ARG G 71 39.67 14.81 -14.66
CA ARG G 71 39.72 14.25 -13.30
C ARG G 71 40.31 12.84 -13.31
N ARG G 72 41.35 12.63 -14.12
CA ARG G 72 42.03 11.34 -14.24
C ARG G 72 43.43 11.49 -13.65
N HIS G 73 43.54 11.30 -12.34
CA HIS G 73 44.83 11.41 -11.66
C HIS G 73 45.69 10.17 -11.77
N ASP G 74 45.08 9.01 -12.04
CA ASP G 74 45.86 7.79 -12.25
C ASP G 74 46.74 7.91 -13.49
N LEU G 75 46.23 8.52 -14.56
CA LEU G 75 47.04 8.77 -15.74
C LEU G 75 48.08 9.86 -15.49
N LEU G 76 47.74 10.85 -14.68
CA LEU G 76 48.73 11.85 -14.29
C LEU G 76 49.88 11.22 -13.53
N ARG G 77 49.62 10.16 -12.76
CA ARG G 77 50.71 9.43 -12.11
C ARG G 77 51.63 8.78 -13.13
N ARG G 78 51.08 8.22 -14.21
CA ARG G 78 51.92 7.65 -15.25
C ARG G 78 52.76 8.73 -15.92
N VAL G 79 52.16 9.89 -16.17
CA VAL G 79 52.91 11.00 -16.76
C VAL G 79 54.04 11.43 -15.82
N ASP G 80 53.76 11.46 -14.51
CA ASP G 80 54.79 11.80 -13.54
C ASP G 80 55.93 10.79 -13.55
N ASP G 81 55.59 9.50 -13.63
CA ASP G 81 56.62 8.47 -13.64
C ASP G 81 57.46 8.55 -14.91
N PHE G 82 56.86 8.97 -16.03
CA PHE G 82 57.63 9.11 -17.27
C PHE G 82 58.71 10.19 -17.12
N GLU G 83 58.37 11.31 -16.50
CA GLU G 83 59.32 12.41 -16.38
C GLU G 83 60.46 12.11 -15.42
N ALA G 84 60.21 11.30 -14.39
CA ALA G 84 61.28 10.97 -13.45
C ALA G 84 62.35 10.11 -14.10
N GLY G 85 61.97 9.19 -14.98
CA GLY G 85 62.93 8.34 -15.66
C GLY G 85 63.55 9.00 -16.88
N ALA G 86 63.02 10.17 -17.26
CA ALA G 86 63.53 10.93 -18.39
C ALA G 86 64.38 12.11 -17.97
N ALA G 87 64.73 12.21 -16.69
CA ALA G 87 65.53 13.31 -16.19
C ALA G 87 67.00 13.15 -16.60
N MET H 1 -3.36 -33.25 23.72
CA MET H 1 -3.83 -32.23 24.65
C MET H 1 -2.90 -32.10 25.86
N ASP H 2 -2.62 -30.87 26.25
CA ASP H 2 -1.76 -30.62 27.39
C ASP H 2 -2.55 -30.76 28.69
N PRO H 3 -2.19 -31.70 29.57
CA PRO H 3 -2.92 -31.83 30.85
C PRO H 3 -2.86 -30.58 31.70
N PHE H 4 -1.74 -29.87 31.70
CA PHE H 4 -1.64 -28.64 32.50
C PHE H 4 -2.59 -27.57 31.98
N LEU H 5 -2.67 -27.42 30.66
CA LEU H 5 -3.60 -26.45 30.09
C LEU H 5 -5.05 -26.86 30.35
N VAL H 6 -5.35 -28.15 30.29
CA VAL H 6 -6.70 -28.61 30.62
C VAL H 6 -7.05 -28.30 32.07
N LEU H 7 -6.10 -28.53 32.99
CA LEU H 7 -6.35 -28.22 34.40
C LEU H 7 -6.57 -26.72 34.61
N LEU H 8 -5.76 -25.90 33.95
CA LEU H 8 -5.93 -24.45 34.09
C LEU H 8 -7.27 -23.99 33.53
N HIS H 9 -7.68 -24.53 32.38
CA HIS H 9 -8.99 -24.19 31.83
C HIS H 9 -10.12 -24.62 32.74
N SER H 10 -10.00 -25.82 33.34
CA SER H 10 -11.02 -26.28 34.28
C SER H 10 -11.10 -25.39 35.50
N VAL H 11 -9.96 -24.97 36.03
CA VAL H 11 -9.97 -24.05 37.17
C VAL H 11 -10.60 -22.73 36.80
N SER H 12 -10.24 -22.20 35.62
CA SER H 12 -10.80 -20.92 35.18
C SER H 12 -12.32 -21.01 34.98
N SER H 13 -12.83 -22.17 34.60
CA SER H 13 -14.27 -22.32 34.40
C SER H 13 -15.06 -22.35 35.70
N SER H 14 -14.40 -22.41 36.86
CA SER H 14 -15.06 -22.55 38.15
C SER H 14 -14.92 -21.30 39.01
N LEU H 15 -14.73 -20.14 38.41
CA LEU H 15 -14.54 -18.90 39.14
C LEU H 15 -15.61 -17.88 38.74
N SER H 16 -15.94 -16.99 39.67
CA SER H 16 -16.88 -15.92 39.43
C SER H 16 -16.15 -14.60 39.24
N SER H 17 -16.91 -13.53 39.00
CA SER H 17 -16.30 -12.22 38.75
C SER H 17 -15.64 -11.67 40.01
N SER H 18 -16.26 -11.86 41.17
CA SER H 18 -15.68 -11.36 42.41
C SER H 18 -14.37 -12.09 42.74
N GLU H 19 -14.33 -13.40 42.49
CA GLU H 19 -13.09 -14.14 42.69
C GLU H 19 -11.99 -13.65 41.76
N LEU H 20 -12.35 -13.34 40.51
CA LEU H 20 -11.35 -12.80 39.59
C LEU H 20 -10.84 -11.45 40.06
N THR H 21 -11.74 -10.59 40.56
CA THR H 21 -11.33 -9.30 41.09
C THR H 21 -10.38 -9.47 42.28
N GLU H 22 -10.68 -10.44 43.16
CA GLU H 22 -9.79 -10.71 44.28
C GLU H 22 -8.44 -11.23 43.81
N LEU H 23 -8.44 -12.09 42.79
CA LEU H 23 -7.18 -12.62 42.26
C LEU H 23 -6.32 -11.52 41.65
N LYS H 24 -6.93 -10.58 40.93
CA LYS H 24 -6.17 -9.49 40.33
C LYS H 24 -5.52 -8.61 41.39
N PHE H 25 -6.12 -8.49 42.57
CA PHE H 25 -5.54 -7.70 43.64
C PHE H 25 -4.29 -8.36 44.21
N LEU H 26 -4.30 -9.69 44.36
CA LEU H 26 -3.17 -10.40 44.93
C LEU H 26 -1.98 -10.50 43.98
N CYS H 27 -2.17 -10.15 42.71
CA CYS H 27 -1.09 -10.13 41.73
C CYS H 27 -0.63 -8.72 41.41
N LEU H 28 -0.83 -7.78 42.35
CA LEU H 28 -0.47 -6.40 42.11
C LEU H 28 1.03 -6.23 41.93
N GLY H 29 1.83 -6.96 42.68
CA GLY H 29 3.27 -6.89 42.58
C GLY H 29 3.90 -7.75 41.52
N ARG H 30 3.11 -8.51 40.77
CA ARG H 30 3.62 -9.42 39.76
C ARG H 30 3.30 -9.00 38.33
N VAL H 31 2.14 -8.38 38.11
CA VAL H 31 1.70 -7.94 36.79
C VAL H 31 1.46 -6.44 36.83
N GLY H 32 1.90 -5.75 35.78
CA GLY H 32 1.74 -4.32 35.72
C GLY H 32 0.29 -3.90 35.56
N LYS H 33 0.03 -2.62 35.86
CA LYS H 33 -1.34 -2.11 35.84
C LYS H 33 -1.92 -2.14 34.43
N ARG H 34 -1.11 -1.82 33.42
CA ARG H 34 -1.60 -1.81 32.05
C ARG H 34 -2.01 -3.21 31.61
N LYS H 35 -1.22 -4.23 31.95
CA LYS H 35 -1.54 -5.59 31.54
C LYS H 35 -2.71 -6.16 32.34
N LEU H 36 -2.79 -5.85 33.63
CA LEU H 36 -3.89 -6.35 34.46
C LEU H 36 -5.24 -5.80 34.02
N GLU H 37 -5.26 -4.65 33.34
CA GLU H 37 -6.51 -4.05 32.89
C GLU H 37 -7.20 -4.88 31.82
N ARG H 38 -6.44 -5.66 31.05
CA ARG H 38 -6.98 -6.47 29.96
C ARG H 38 -7.46 -7.84 30.40
N VAL H 39 -7.34 -8.16 31.69
CA VAL H 39 -7.73 -9.47 32.21
C VAL H 39 -9.24 -9.47 32.43
N GLN H 40 -9.94 -10.34 31.70
CA GLN H 40 -11.37 -10.49 31.83
C GLN H 40 -11.78 -11.89 32.26
N SER H 41 -10.84 -12.81 32.38
CA SER H 41 -11.12 -14.16 32.85
C SER H 41 -9.83 -14.74 33.41
N GLY H 42 -9.94 -15.92 34.02
CA GLY H 42 -8.78 -16.55 34.61
C GLY H 42 -7.75 -16.99 33.59
N LEU H 43 -8.19 -17.25 32.36
CA LEU H 43 -7.27 -17.71 31.32
C LEU H 43 -6.24 -16.64 30.97
N ASP H 44 -6.66 -15.38 30.91
CA ASP H 44 -5.73 -14.29 30.61
C ASP H 44 -4.64 -14.17 31.66
N LEU H 45 -5.04 -14.17 32.93
CA LEU H 45 -4.07 -14.08 34.02
C LEU H 45 -3.16 -15.30 34.04
N PHE H 46 -3.72 -16.49 33.78
CA PHE H 46 -2.90 -17.71 33.79
C PHE H 46 -1.87 -17.67 32.67
N SER H 47 -2.25 -17.21 31.47
CA SER H 47 -1.29 -17.10 30.39
C SER H 47 -0.21 -16.07 30.73
N MET H 48 -0.61 -14.94 31.32
CA MET H 48 0.37 -13.94 31.72
C MET H 48 1.36 -14.51 32.73
N LEU H 49 0.87 -15.29 33.70
CA LEU H 49 1.77 -15.89 34.68
C LEU H 49 2.64 -16.97 34.06
N LEU H 50 2.12 -17.68 33.05
CA LEU H 50 2.93 -18.68 32.35
C LEU H 50 4.09 -18.03 31.62
N GLU H 51 3.85 -16.88 30.97
CA GLU H 51 4.91 -16.24 30.21
C GLU H 51 6.02 -15.71 31.10
N GLN H 52 5.73 -15.47 32.38
CA GLN H 52 6.72 -14.93 33.32
C GLN H 52 7.39 -16.02 34.15
N ASN H 53 7.16 -17.29 33.85
CA ASN H 53 7.71 -18.43 34.58
C ASN H 53 7.27 -18.46 36.04
N ASP H 54 6.19 -17.75 36.38
CA ASP H 54 5.65 -17.84 37.74
C ASP H 54 4.86 -19.13 37.93
N LEU H 55 4.28 -19.65 36.87
CA LEU H 55 3.47 -20.86 36.91
C LEU H 55 4.02 -21.85 35.89
N GLU H 56 4.37 -23.05 36.36
CA GLU H 56 4.90 -24.12 35.53
C GLU H 56 4.24 -25.42 35.91
N PRO H 57 4.20 -26.40 35.00
CA PRO H 57 3.62 -27.71 35.36
C PRO H 57 4.31 -28.37 36.53
N GLY H 58 5.62 -28.19 36.69
CA GLY H 58 6.33 -28.69 37.85
C GLY H 58 6.52 -27.70 38.96
N HIS H 59 5.84 -26.55 38.93
CA HIS H 59 6.00 -25.51 39.94
C HIS H 59 4.64 -24.83 40.10
N THR H 60 3.85 -25.29 41.07
CA THR H 60 2.46 -24.86 41.22
C THR H 60 2.19 -24.23 42.58
N GLU H 61 3.21 -23.75 43.27
CA GLU H 61 3.01 -23.23 44.62
C GLU H 61 2.16 -21.96 44.62
N LEU H 62 2.43 -21.05 43.67
CA LEU H 62 1.70 -19.79 43.62
C LEU H 62 0.22 -20.02 43.38
N LEU H 63 -0.12 -20.97 42.50
CA LEU H 63 -1.52 -21.32 42.28
C LEU H 63 -2.17 -21.82 43.56
N ARG H 64 -1.44 -22.65 44.31
CA ARG H 64 -1.98 -23.18 45.56
C ARG H 64 -2.21 -22.08 46.59
N GLU H 65 -1.29 -21.12 46.71
CA GLU H 65 -1.50 -20.03 47.65
C GLU H 65 -2.67 -19.15 47.23
N LEU H 66 -2.79 -18.89 45.92
CA LEU H 66 -3.91 -18.09 45.43
C LEU H 66 -5.24 -18.79 45.70
N LEU H 67 -5.30 -20.11 45.51
CA LEU H 67 -6.53 -20.85 45.78
C LEU H 67 -6.82 -20.94 47.28
N ALA H 68 -5.79 -21.01 48.10
CA ALA H 68 -6.00 -21.05 49.55
C ALA H 68 -6.49 -19.71 50.08
N SER H 69 -6.02 -18.60 49.51
CA SER H 69 -6.52 -17.30 49.91
C SER H 69 -7.99 -17.13 49.57
N LEU H 70 -8.45 -17.78 48.49
CA LEU H 70 -9.85 -17.74 48.12
C LEU H 70 -10.70 -18.75 48.87
N ARG H 71 -10.07 -19.61 49.68
CA ARG H 71 -10.75 -20.64 50.46
C ARG H 71 -11.52 -21.60 49.55
N ARG H 72 -10.91 -21.95 48.42
CA ARG H 72 -11.50 -22.88 47.46
C ARG H 72 -10.69 -24.18 47.52
N HIS H 73 -11.06 -25.06 48.45
CA HIS H 73 -10.35 -26.32 48.62
C HIS H 73 -10.78 -27.39 47.62
N ASP H 74 -11.96 -27.24 47.03
CA ASP H 74 -12.37 -28.17 45.97
C ASP H 74 -11.46 -28.04 44.75
N LEU H 75 -11.03 -26.82 44.43
CA LEU H 75 -10.08 -26.62 43.34
C LEU H 75 -8.68 -27.09 43.73
N LEU H 76 -8.30 -26.92 44.99
CA LEU H 76 -7.04 -27.48 45.46
C LEU H 76 -7.02 -28.99 45.34
N ARG H 77 -8.18 -29.64 45.52
CA ARG H 77 -8.24 -31.08 45.32
C ARG H 77 -7.95 -31.45 43.87
N ARG H 78 -8.48 -30.68 42.91
CA ARG H 78 -8.18 -30.92 41.50
C ARG H 78 -6.70 -30.73 41.23
N VAL H 79 -6.10 -29.69 41.82
CA VAL H 79 -4.67 -29.46 41.65
C VAL H 79 -3.86 -30.63 42.21
N ASP H 80 -4.29 -31.15 43.36
CA ASP H 80 -3.63 -32.33 43.93
C ASP H 80 -3.76 -33.54 43.01
N ASP H 81 -4.94 -33.72 42.42
CA ASP H 81 -5.15 -34.86 41.52
C ASP H 81 -4.27 -34.73 40.27
N PHE H 82 -4.05 -33.51 39.78
CA PHE H 82 -3.19 -33.33 38.63
C PHE H 82 -1.77 -33.78 38.92
N GLU H 83 -1.23 -33.41 40.09
CA GLU H 83 0.15 -33.75 40.41
C GLU H 83 0.33 -35.24 40.68
N ALA H 84 -0.73 -35.96 41.00
CA ALA H 84 -0.61 -37.39 41.24
C ALA H 84 -0.42 -38.17 39.94
N GLY H 85 -1.08 -37.76 38.87
CA GLY H 85 -0.96 -38.44 37.59
C GLY H 85 0.23 -37.98 36.78
N ALA H 86 0.87 -36.90 37.22
CA ALA H 86 2.04 -36.34 36.53
C ALA H 86 3.33 -36.61 37.28
N ALA H 87 3.37 -37.62 38.14
CA ALA H 87 4.56 -37.95 38.89
C ALA H 87 5.30 -39.12 38.28
N MET I 1 15.93 35.49 -25.84
CA MET I 1 15.07 34.38 -25.41
C MET I 1 13.62 34.64 -25.80
N ASP I 2 12.96 33.61 -26.31
CA ASP I 2 11.58 33.74 -26.76
C ASP I 2 10.63 33.73 -25.57
N PRO I 3 9.83 34.79 -25.36
CA PRO I 3 8.88 34.78 -24.25
C PRO I 3 7.87 33.66 -24.34
N PHE I 4 7.43 33.30 -25.55
CA PHE I 4 6.47 32.22 -25.70
C PHE I 4 7.06 30.88 -25.27
N LEU I 5 8.30 30.62 -25.68
CA LEU I 5 8.99 29.40 -25.26
C LEU I 5 9.22 29.39 -23.76
N VAL I 6 9.56 30.54 -23.17
CA VAL I 6 9.72 30.63 -21.73
C VAL I 6 8.41 30.32 -21.01
N LEU I 7 7.30 30.86 -21.51
CA LEU I 7 6.00 30.59 -20.89
C LEU I 7 5.63 29.12 -21.00
N LEU I 8 5.87 28.51 -22.17
CA LEU I 8 5.58 27.09 -22.34
C LEU I 8 6.42 26.22 -21.41
N HIS I 9 7.70 26.55 -21.28
CA HIS I 9 8.57 25.81 -20.35
C HIS I 9 8.08 25.95 -18.91
N SER I 10 7.70 27.16 -18.52
CA SER I 10 7.20 27.38 -17.16
C SER I 10 5.91 26.60 -16.90
N VAL I 11 5.01 26.58 -17.89
CA VAL I 11 3.79 25.80 -17.75
C VAL I 11 4.10 24.31 -17.64
N SER I 12 5.02 23.82 -18.47
CA SER I 12 5.36 22.41 -18.45
C SER I 12 6.02 22.00 -17.13
N SER I 13 6.76 22.90 -16.50
CA SER I 13 7.42 22.59 -15.25
C SER I 13 6.46 22.51 -14.07
N SER I 14 5.20 22.90 -14.25
CA SER I 14 4.22 22.91 -13.17
C SER I 14 3.13 21.85 -13.35
N LEU I 15 3.46 20.74 -14.00
CA LEU I 15 2.51 19.66 -14.24
C LEU I 15 3.04 18.35 -13.69
N SER I 16 2.12 17.47 -13.31
CA SER I 16 2.48 16.15 -12.81
C SER I 16 2.22 15.10 -13.89
N SER I 17 2.55 13.85 -13.56
CA SER I 17 2.42 12.76 -14.53
C SER I 17 0.95 12.50 -14.88
N SER I 18 0.06 12.56 -13.89
CA SER I 18 -1.35 12.31 -14.14
C SER I 18 -1.95 13.36 -15.06
N GLU I 19 -1.59 14.63 -14.86
CA GLU I 19 -2.09 15.68 -15.74
C GLU I 19 -1.54 15.52 -17.16
N LEU I 20 -0.30 15.06 -17.29
CA LEU I 20 0.23 14.76 -18.63
C LEU I 20 -0.54 13.64 -19.29
N THR I 21 -0.88 12.59 -18.53
CA THR I 21 -1.69 11.51 -19.08
C THR I 21 -3.07 12.01 -19.50
N GLU I 22 -3.65 12.90 -18.72
CA GLU I 22 -4.95 13.49 -19.09
C GLU I 22 -4.82 14.35 -20.36
N LEU I 23 -3.73 15.11 -20.48
CA LEU I 23 -3.52 15.93 -21.67
C LEU I 23 -3.34 15.08 -22.91
N LYS I 24 -2.63 13.97 -22.80
CA LYS I 24 -2.45 13.10 -23.97
C LYS I 24 -3.77 12.49 -24.44
N PHE I 25 -4.72 12.31 -23.52
CA PHE I 25 -6.02 11.77 -23.91
C PHE I 25 -6.84 12.79 -24.69
N LEU I 26 -6.82 14.06 -24.28
CA LEU I 26 -7.59 15.08 -24.96
C LEU I 26 -7.04 15.46 -26.32
N CYS I 27 -5.83 14.98 -26.66
CA CYS I 27 -5.23 15.23 -27.96
C CYS I 27 -5.24 13.98 -28.83
N LEU I 28 -6.18 13.06 -28.58
CA LEU I 28 -6.24 11.82 -29.34
C LEU I 28 -6.52 12.07 -30.82
N GLY I 29 -7.41 13.01 -31.12
CA GLY I 29 -7.76 13.33 -32.49
C GLY I 29 -6.86 14.31 -33.18
N ARG I 30 -5.81 14.79 -32.52
CA ARG I 30 -4.90 15.76 -33.10
C ARG I 30 -3.52 15.18 -33.38
N VAL I 31 -3.03 14.27 -32.55
CA VAL I 31 -1.72 13.68 -32.68
C VAL I 31 -1.87 12.17 -32.83
N GLY I 32 -1.06 11.59 -33.70
CA GLY I 32 -1.14 10.16 -33.94
C GLY I 32 -0.63 9.34 -32.77
N LYS I 33 -0.97 8.05 -32.80
CA LYS I 33 -0.64 7.17 -31.68
C LYS I 33 0.86 6.92 -31.58
N ARG I 34 1.54 6.77 -32.71
CA ARG I 34 2.98 6.53 -32.68
C ARG I 34 3.73 7.73 -32.11
N LYS I 35 3.33 8.94 -32.49
CA LYS I 35 3.99 10.14 -31.98
C LYS I 35 3.67 10.37 -30.51
N LEU I 36 2.44 10.07 -30.09
CA LEU I 36 2.05 10.26 -28.70
C LEU I 36 2.77 9.33 -27.75
N GLU I 37 3.30 8.21 -28.25
CA GLU I 37 4.02 7.27 -27.40
C GLU I 37 5.35 7.83 -26.91
N ARG I 38 5.91 8.82 -27.61
CA ARG I 38 7.20 9.38 -27.27
C ARG I 38 7.10 10.58 -26.34
N VAL I 39 5.91 10.92 -25.88
CA VAL I 39 5.71 12.09 -25.02
C VAL I 39 5.95 11.70 -23.58
N GLN I 40 6.96 12.30 -22.95
CA GLN I 40 7.26 12.08 -21.55
C GLN I 40 7.17 13.36 -20.73
N SER I 41 6.89 14.50 -21.36
CA SER I 41 6.75 15.76 -20.66
C SER I 41 5.87 16.68 -21.50
N GLY I 42 5.46 17.79 -20.88
CA GLY I 42 4.64 18.75 -21.60
C GLY I 42 5.36 19.42 -22.75
N LEU I 43 6.69 19.51 -22.66
CA LEU I 43 7.47 20.16 -23.72
C LEU I 43 7.34 19.42 -25.05
N ASP I 44 7.35 18.09 -25.01
CA ASP I 44 7.24 17.30 -26.24
C ASP I 44 5.90 17.55 -26.93
N LEU I 45 4.81 17.50 -26.14
CA LEU I 45 3.49 17.76 -26.69
C LEU I 45 3.38 19.18 -27.22
N PHE I 46 3.96 20.15 -26.51
CA PHE I 46 3.90 21.53 -26.96
C PHE I 46 4.66 21.71 -28.26
N SER I 47 5.82 21.07 -28.40
CA SER I 47 6.57 21.17 -29.66
C SER I 47 5.79 20.53 -30.81
N MET I 48 5.17 19.37 -30.55
CA MET I 48 4.34 18.75 -31.59
C MET I 48 3.19 19.66 -32.00
N LEU I 49 2.54 20.30 -31.04
CA LEU I 49 1.44 21.21 -31.37
C LEU I 49 1.93 22.45 -32.10
N LEU I 50 3.13 22.93 -31.77
CA LEU I 50 3.70 24.06 -32.49
C LEU I 50 3.99 23.70 -33.94
N GLU I 51 4.49 22.49 -34.19
CA GLU I 51 4.81 22.08 -35.55
C GLU I 51 3.56 21.95 -36.42
N GLN I 52 2.41 21.69 -35.81
CA GLN I 52 1.16 21.55 -36.54
C GLN I 52 0.34 22.84 -36.60
N ASN I 53 0.90 23.95 -36.12
CA ASN I 53 0.22 25.25 -36.07
C ASN I 53 -1.04 25.22 -35.21
N ASP I 54 -1.18 24.23 -34.32
CA ASP I 54 -2.26 24.26 -33.35
C ASP I 54 -1.99 25.27 -32.25
N LEU I 55 -0.72 25.54 -31.97
CA LEU I 55 -0.31 26.48 -30.94
C LEU I 55 0.53 27.57 -31.57
N GLU I 56 0.24 28.82 -31.23
CA GLU I 56 0.94 29.98 -31.77
C GLU I 56 0.97 31.08 -30.72
N PRO I 57 1.97 31.96 -30.77
CA PRO I 57 2.01 33.07 -29.82
C PRO I 57 0.78 33.96 -29.88
N GLY I 58 0.15 34.10 -31.05
CA GLY I 58 -1.07 34.84 -31.18
C GLY I 58 -2.35 34.03 -31.13
N HIS I 59 -2.26 32.70 -31.10
CA HIS I 59 -3.44 31.84 -31.02
C HIS I 59 -3.20 30.84 -29.88
N THR I 60 -3.83 31.08 -28.73
CA THR I 60 -3.64 30.24 -27.55
C THR I 60 -4.94 29.65 -27.04
N GLU I 61 -5.96 29.53 -27.91
CA GLU I 61 -7.26 29.06 -27.46
C GLU I 61 -7.22 27.59 -27.04
N LEU I 62 -6.48 26.76 -27.80
CA LEU I 62 -6.39 25.35 -27.46
C LEU I 62 -5.69 25.14 -26.11
N LEU I 63 -4.63 25.91 -25.86
CA LEU I 63 -3.93 25.82 -24.57
C LEU I 63 -4.86 26.22 -23.43
N ARG I 64 -5.66 27.27 -23.63
CA ARG I 64 -6.62 27.68 -22.63
C ARG I 64 -7.66 26.60 -22.36
N GLU I 65 -8.17 25.96 -23.42
CA GLU I 65 -9.13 24.88 -23.23
C GLU I 65 -8.51 23.71 -22.48
N LEU I 66 -7.27 23.34 -22.83
CA LEU I 66 -6.61 22.23 -22.15
C LEU I 66 -6.39 22.53 -20.68
N LEU I 67 -5.98 23.76 -20.36
CA LEU I 67 -5.77 24.12 -18.96
C LEU I 67 -7.09 24.22 -18.20
N ALA I 68 -8.17 24.65 -18.87
CA ALA I 68 -9.47 24.73 -18.21
C ALA I 68 -10.04 23.34 -17.93
N SER I 69 -9.80 22.38 -18.82
CA SER I 69 -10.25 21.03 -18.56
C SER I 69 -9.56 20.43 -17.34
N LEU I 70 -8.29 20.75 -17.13
CA LEU I 70 -7.55 20.27 -15.96
C LEU I 70 -7.85 21.07 -14.70
N ARG I 71 -8.64 22.13 -14.80
CA ARG I 71 -8.98 22.99 -13.66
C ARG I 71 -7.74 23.60 -13.04
N ARG I 72 -6.82 24.07 -13.89
CA ARG I 72 -5.60 24.75 -13.45
C ARG I 72 -5.74 26.23 -13.81
N HIS I 73 -6.37 26.99 -12.90
CA HIS I 73 -6.60 28.41 -13.13
C HIS I 73 -5.38 29.27 -12.81
N ASP I 74 -4.49 28.79 -11.94
CA ASP I 74 -3.25 29.52 -11.67
C ASP I 74 -2.38 29.59 -12.91
N LEU I 75 -2.37 28.53 -13.71
CA LEU I 75 -1.65 28.56 -14.98
C LEU I 75 -2.37 29.41 -16.02
N LEU I 76 -3.70 29.43 -15.99
CA LEU I 76 -4.45 30.32 -16.86
C LEU I 76 -4.14 31.78 -16.54
N ARG I 77 -3.87 32.10 -15.27
CA ARG I 77 -3.44 33.46 -14.94
C ARG I 77 -2.11 33.80 -15.58
N ARG I 78 -1.16 32.85 -15.60
CA ARG I 78 0.10 33.10 -16.27
C ARG I 78 -0.10 33.31 -17.77
N VAL I 79 -0.99 32.50 -18.38
CA VAL I 79 -1.28 32.67 -19.80
C VAL I 79 -1.88 34.05 -20.06
N ASP I 80 -2.78 34.50 -19.17
CA ASP I 80 -3.37 35.82 -19.31
C ASP I 80 -2.31 36.91 -19.18
N ASP I 81 -1.37 36.74 -18.24
CA ASP I 81 -0.33 37.74 -18.03
C ASP I 81 0.61 37.81 -19.22
N PHE I 82 0.85 36.68 -19.89
CA PHE I 82 1.73 36.68 -21.06
C PHE I 82 1.16 37.55 -22.18
N GLU I 83 -0.14 37.41 -22.45
CA GLU I 83 -0.75 38.18 -23.54
C GLU I 83 -0.84 39.66 -23.21
N ALA I 84 -0.82 40.03 -21.92
CA ALA I 84 -0.86 41.45 -21.56
C ALA I 84 0.42 42.16 -21.93
N GLY I 85 1.57 41.50 -21.80
CA GLY I 85 2.84 42.10 -22.15
C GLY I 85 3.19 41.96 -23.61
N ALA I 86 2.40 41.18 -24.34
CA ALA I 86 2.62 40.96 -25.77
C ALA I 86 1.62 41.71 -26.65
N ALA I 87 0.98 42.73 -26.12
CA ALA I 87 0.02 43.52 -26.88
C ALA I 87 0.63 44.84 -27.33
N MET J 1 10.03 32.02 4.23
CA MET J 1 8.83 31.19 4.40
C MET J 1 7.57 31.99 4.13
N ASP J 2 6.67 31.41 3.34
CA ASP J 2 5.42 32.08 3.02
C ASP J 2 4.50 32.09 4.24
N PRO J 3 4.07 33.26 4.72
CA PRO J 3 3.16 33.29 5.86
C PRO J 3 1.83 32.57 5.61
N PHE J 4 1.32 32.65 4.39
CA PHE J 4 0.07 31.96 4.06
C PHE J 4 0.25 30.44 4.15
N LEU J 5 1.36 29.93 3.63
CA LEU J 5 1.64 28.50 3.73
C LEU J 5 1.84 28.08 5.17
N VAL J 6 2.51 28.91 5.97
CA VAL J 6 2.68 28.58 7.39
C VAL J 6 1.33 28.55 8.10
N LEU J 7 0.44 29.50 7.80
CA LEU J 7 -0.88 29.51 8.40
C LEU J 7 -1.67 28.27 8.00
N LEU J 8 -1.62 27.89 6.73
CA LEU J 8 -2.34 26.70 6.28
C LEU J 8 -1.80 25.44 6.94
N HIS J 9 -0.49 25.33 7.08
CA HIS J 9 0.10 24.18 7.77
C HIS J 9 -0.32 24.14 9.23
N SER J 10 -0.33 25.30 9.89
CA SER J 10 -0.76 25.34 11.29
C SER J 10 -2.23 24.94 11.44
N VAL J 11 -3.09 25.40 10.53
CA VAL J 11 -4.50 25.02 10.58
C VAL J 11 -4.66 23.53 10.33
N SER J 12 -3.91 22.98 9.37
CA SER J 12 -3.99 21.55 9.11
C SER J 12 -3.51 20.72 10.30
N SER J 13 -2.56 21.25 11.06
CA SER J 13 -2.03 20.51 12.21
C SER J 13 -3.04 20.36 13.35
N SER J 14 -4.15 21.09 13.32
CA SER J 14 -5.11 21.10 14.42
C SER J 14 -6.43 20.43 14.05
N LEU J 15 -6.42 19.49 13.10
CA LEU J 15 -7.63 18.82 12.65
C LEU J 15 -7.52 17.33 12.88
N SER J 16 -8.67 16.70 13.17
CA SER J 16 -8.75 15.26 13.33
C SER J 16 -9.32 14.63 12.06
N SER J 17 -9.42 13.30 12.07
CA SER J 17 -9.91 12.58 10.90
C SER J 17 -11.38 12.86 10.64
N SER J 18 -12.18 12.97 11.70
CA SER J 18 -13.60 13.25 11.52
C SER J 18 -13.82 14.62 10.89
N GLU J 19 -13.06 15.62 11.33
CA GLU J 19 -13.17 16.96 10.73
C GLU J 19 -12.73 16.95 9.28
N LEU J 20 -11.70 16.16 8.94
CA LEU J 20 -11.27 16.04 7.56
C LEU J 20 -12.36 15.40 6.70
N THR J 21 -13.02 14.37 7.23
CA THR J 21 -14.13 13.75 6.50
C THR J 21 -15.27 14.74 6.31
N GLU J 22 -15.55 15.56 7.33
CA GLU J 22 -16.56 16.61 7.19
C GLU J 22 -16.17 17.61 6.10
N LEU J 23 -14.89 18.01 6.06
CA LEU J 23 -14.45 18.99 5.08
C LEU J 23 -14.48 18.43 3.66
N LYS J 24 -14.18 17.14 3.49
CA LYS J 24 -14.24 16.55 2.16
C LYS J 24 -15.67 16.49 1.63
N PHE J 25 -16.65 16.27 2.51
CA PHE J 25 -18.05 16.25 2.09
C PHE J 25 -18.51 17.62 1.61
N LEU J 26 -18.10 18.69 2.29
CA LEU J 26 -18.53 20.03 1.93
C LEU J 26 -17.87 20.54 0.65
N CYS J 27 -16.86 19.84 0.14
CA CYS J 27 -16.21 20.19 -1.13
C CYS J 27 -16.57 19.21 -2.24
N LEU J 28 -17.76 18.60 -2.15
CA LEU J 28 -18.19 17.62 -3.16
C LEU J 28 -18.35 18.27 -4.52
N GLY J 29 -18.94 19.45 -4.58
CA GLY J 29 -19.18 20.14 -5.83
C GLY J 29 -18.01 20.91 -6.38
N ARG J 30 -16.89 20.97 -5.66
CA ARG J 30 -15.72 21.73 -6.08
C ARG J 30 -14.59 20.86 -6.57
N VAL J 31 -14.40 19.67 -5.98
CA VAL J 31 -13.31 18.77 -6.33
C VAL J 31 -13.93 17.45 -6.82
N GLY J 32 -13.33 16.88 -7.86
CA GLY J 32 -13.82 15.64 -8.40
C GLY J 32 -13.62 14.47 -7.44
N LYS J 33 -14.40 13.41 -7.67
CA LYS J 33 -14.38 12.26 -6.78
C LYS J 33 -13.03 11.56 -6.81
N ARG J 34 -12.42 11.44 -8.00
CA ARG J 34 -11.12 10.77 -8.10
C ARG J 34 -10.05 11.52 -7.33
N LYS J 35 -10.04 12.86 -7.44
CA LYS J 35 -9.05 13.66 -6.72
C LYS J 35 -9.28 13.62 -5.21
N LEU J 36 -10.54 13.65 -4.78
CA LEU J 36 -10.84 13.66 -3.35
C LEU J 36 -10.47 12.36 -2.67
N GLU J 37 -10.36 11.26 -3.43
CA GLU J 37 -9.96 9.98 -2.86
C GLU J 37 -8.51 9.98 -2.39
N ARG J 38 -7.69 10.90 -2.91
CA ARG J 38 -6.28 10.99 -2.56
C ARG J 38 -6.01 11.95 -1.41
N VAL J 39 -7.05 12.49 -0.79
CA VAL J 39 -6.89 13.44 0.32
C VAL J 39 -6.80 12.66 1.62
N GLN J 40 -5.65 12.76 2.28
CA GLN J 40 -5.43 12.10 3.56
C GLN J 40 -5.09 13.09 4.68
N SER J 41 -5.02 14.38 4.38
CA SER J 41 -4.74 15.40 5.37
C SER J 41 -5.25 16.74 4.84
N GLY J 42 -5.24 17.74 5.70
CA GLY J 42 -5.67 19.07 5.27
C GLY J 42 -4.76 19.68 4.21
N LEU J 43 -3.49 19.28 4.21
CA LEU J 43 -2.54 19.86 3.27
C LEU J 43 -2.89 19.52 1.82
N ASP J 44 -3.30 18.28 1.56
CA ASP J 44 -3.66 17.89 0.20
C ASP J 44 -4.86 18.67 -0.31
N LEU J 45 -5.90 18.78 0.52
CA LEU J 45 -7.08 19.54 0.13
C LEU J 45 -6.73 21.01 -0.08
N PHE J 46 -5.89 21.57 0.78
CA PHE J 46 -5.51 22.97 0.63
C PHE J 46 -4.70 23.20 -0.65
N SER J 47 -3.83 22.24 -0.99
CA SER J 47 -3.08 22.35 -2.25
C SER J 47 -4.03 22.33 -3.44
N MET J 48 -4.99 21.40 -3.44
CA MET J 48 -5.95 21.35 -4.53
C MET J 48 -6.75 22.64 -4.63
N LEU J 49 -7.18 23.19 -3.49
CA LEU J 49 -7.94 24.42 -3.51
C LEU J 49 -7.10 25.61 -3.97
N LEU J 50 -5.81 25.62 -3.62
CA LEU J 50 -4.91 26.67 -4.10
C LEU J 50 -4.75 26.60 -5.61
N GLU J 51 -4.65 25.39 -6.17
CA GLU J 51 -4.48 25.27 -7.62
C GLU J 51 -5.67 25.81 -8.39
N GLN J 52 -6.88 25.72 -7.82
CA GLN J 52 -8.09 26.14 -8.50
C GLN J 52 -8.46 27.60 -8.23
N ASN J 53 -7.61 28.35 -7.53
CA ASN J 53 -7.85 29.73 -7.13
C ASN J 53 -9.04 29.86 -6.18
N ASP J 54 -9.47 28.77 -5.55
CA ASP J 54 -10.51 28.86 -4.54
C ASP J 54 -9.98 29.46 -3.24
N LEU J 55 -8.69 29.30 -2.99
CA LEU J 55 -8.03 29.82 -1.80
C LEU J 55 -6.85 30.68 -2.21
N GLU J 56 -6.78 31.88 -1.67
CA GLU J 56 -5.72 32.83 -2.01
C GLU J 56 -5.33 33.62 -0.76
N PRO J 57 -4.11 34.14 -0.71
CA PRO J 57 -3.72 34.97 0.44
C PRO J 57 -4.59 36.19 0.64
N GLY J 58 -5.18 36.74 -0.42
CA GLY J 58 -6.09 37.86 -0.32
C GLY J 58 -7.55 37.51 -0.38
N HIS J 59 -7.92 36.24 -0.44
CA HIS J 59 -9.33 35.82 -0.49
C HIS J 59 -9.46 34.54 0.34
N THR J 60 -10.03 34.67 1.55
CA THR J 60 -10.13 33.55 2.47
C THR J 60 -11.57 33.26 2.88
N GLU J 61 -12.55 33.67 2.07
CA GLU J 61 -13.95 33.48 2.45
C GLU J 61 -14.31 32.01 2.53
N LEU J 62 -13.82 31.21 1.59
CA LEU J 62 -14.13 29.78 1.59
C LEU J 62 -13.56 29.09 2.82
N LEU J 63 -12.32 29.42 3.19
CA LEU J 63 -11.71 28.85 4.38
C LEU J 63 -12.49 29.25 5.63
N ARG J 64 -12.88 30.52 5.72
CA ARG J 64 -13.65 30.98 6.87
C ARG J 64 -14.98 30.27 6.98
N GLU J 65 -15.68 30.09 5.85
CA GLU J 65 -16.95 29.37 5.87
C GLU J 65 -16.76 27.92 6.27
N LEU J 66 -15.72 27.26 5.75
CA LEU J 66 -15.46 25.87 6.11
C LEU J 66 -15.17 25.74 7.60
N LEU J 67 -14.38 26.67 8.16
CA LEU J 67 -14.07 26.61 9.58
C LEU J 67 -15.30 26.95 10.43
N ALA J 68 -16.18 27.82 9.94
CA ALA J 68 -17.42 28.11 10.65
C ALA J 68 -18.34 26.91 10.68
N SER J 69 -18.39 26.13 9.59
CA SER J 69 -19.21 24.93 9.60
C SER J 69 -18.73 23.92 10.63
N LEU J 70 -17.43 23.78 10.81
CA LEU J 70 -16.86 22.90 11.82
C LEU J 70 -17.01 23.45 13.24
N ARG J 71 -17.44 24.71 13.38
CA ARG J 71 -17.55 25.39 14.68
C ARG J 71 -16.19 25.46 15.38
N ARG J 72 -15.15 25.76 14.62
CA ARG J 72 -13.80 25.92 15.15
C ARG J 72 -13.47 27.40 15.12
N HIS J 73 -13.87 28.11 16.18
CA HIS J 73 -13.61 29.54 16.29
C HIS J 73 -12.19 29.86 16.73
N ASP J 74 -11.51 28.92 17.40
CA ASP J 74 -10.11 29.12 17.74
C ASP J 74 -9.26 29.25 16.48
N LEU J 75 -9.57 28.48 15.44
CA LEU J 75 -8.86 28.58 14.17
C LEU J 75 -9.27 29.83 13.39
N LEU J 76 -10.54 30.23 13.50
CA LEU J 76 -10.95 31.50 12.93
C LEU J 76 -10.19 32.66 13.55
N ARG J 77 -9.83 32.55 14.83
CA ARG J 77 -9.00 33.58 15.45
C ARG J 77 -7.61 33.64 14.80
N ARG J 78 -7.01 32.48 14.50
CA ARG J 78 -5.73 32.47 13.81
C ARG J 78 -5.85 33.09 12.42
N VAL J 79 -6.92 32.76 11.70
CA VAL J 79 -7.12 33.33 10.36
C VAL J 79 -7.29 34.85 10.46
N ASP J 80 -8.00 35.31 11.48
CA ASP J 80 -8.13 36.75 11.71
C ASP J 80 -6.79 37.39 12.00
N ASP J 81 -5.95 36.71 12.79
CA ASP J 81 -4.64 37.25 13.11
C ASP J 81 -3.76 37.35 11.86
N PHE J 82 -3.87 36.40 10.95
CA PHE J 82 -3.06 36.45 9.74
C PHE J 82 -3.40 37.68 8.89
N GLU J 83 -4.70 37.95 8.71
CA GLU J 83 -5.10 39.06 7.85
C GLU J 83 -4.79 40.42 8.45
N ALA J 84 -4.72 40.52 9.78
CA ALA J 84 -4.39 41.79 10.41
C ALA J 84 -2.95 42.19 10.18
N GLY J 85 -2.03 41.22 10.18
CA GLY J 85 -0.63 41.51 9.97
C GLY J 85 -0.24 41.56 8.50
N ALA J 86 -1.15 41.15 7.63
CA ALA J 86 -0.90 41.14 6.20
C ALA J 86 -1.58 42.30 5.48
N ALA J 87 -2.13 43.26 6.23
CA ALA J 87 -2.82 44.39 5.62
C ALA J 87 -1.83 45.46 5.17
N MET K 1 22.12 33.90 -55.78
CA MET K 1 21.68 32.72 -55.04
C MET K 1 20.22 32.40 -55.38
N ASP K 2 19.97 31.16 -55.76
CA ASP K 2 18.64 30.77 -56.22
C ASP K 2 17.66 30.71 -55.06
N PRO K 3 16.57 31.48 -55.10
CA PRO K 3 15.58 31.40 -54.00
C PRO K 3 14.96 30.03 -53.84
N PHE K 4 14.72 29.33 -54.95
CA PHE K 4 14.15 27.99 -54.85
C PHE K 4 15.09 27.04 -54.12
N LEU K 5 16.38 27.09 -54.46
CA LEU K 5 17.37 26.27 -53.76
C LEU K 5 17.49 26.65 -52.30
N VAL K 6 17.43 27.95 -51.99
CA VAL K 6 17.48 28.37 -50.59
C VAL K 6 16.28 27.82 -49.82
N LEU K 7 15.08 27.90 -50.40
CA LEU K 7 13.89 27.38 -49.74
C LEU K 7 14.00 25.87 -49.54
N LEU K 8 14.47 25.15 -50.55
CA LEU K 8 14.61 23.71 -50.41
C LEU K 8 15.63 23.34 -49.33
N HIS K 9 16.76 24.04 -49.27
CA HIS K 9 17.75 23.78 -48.23
C HIS K 9 17.18 24.07 -46.85
N SER K 10 16.43 25.17 -46.71
CA SER K 10 15.84 25.51 -45.42
C SER K 10 14.81 24.46 -45.00
N VAL K 11 14.01 23.97 -45.93
CA VAL K 11 13.05 22.92 -45.62
C VAL K 11 13.77 21.65 -45.21
N SER K 12 14.85 21.30 -45.91
CA SER K 12 15.63 20.11 -45.56
C SER K 12 16.25 20.23 -44.18
N SER K 13 16.63 21.45 -43.77
CA SER K 13 17.25 21.65 -42.47
C SER K 13 16.29 21.47 -41.30
N SER K 14 14.99 21.35 -41.55
CA SER K 14 13.99 21.28 -40.49
C SER K 14 13.34 19.91 -40.38
N LEU K 15 13.98 18.87 -40.90
CA LEU K 15 13.42 17.53 -40.90
C LEU K 15 14.32 16.58 -40.11
N SER K 16 13.70 15.61 -39.45
CA SER K 16 14.42 14.63 -38.65
C SER K 16 14.62 13.34 -39.46
N SER K 17 15.28 12.36 -38.84
CA SER K 17 15.54 11.10 -39.51
C SER K 17 14.25 10.33 -39.78
N SER K 18 13.33 10.30 -38.80
CA SER K 18 12.08 9.57 -38.98
C SER K 18 11.25 10.19 -40.10
N GLU K 19 11.20 11.51 -40.15
CA GLU K 19 10.46 12.18 -41.23
C GLU K 19 11.08 11.89 -42.59
N LEU K 20 12.40 11.83 -42.66
CA LEU K 20 13.06 11.45 -43.91
C LEU K 20 12.70 10.02 -44.30
N THR K 21 12.64 9.11 -43.33
CA THR K 21 12.24 7.74 -43.61
C THR K 21 10.82 7.67 -44.15
N GLU K 22 9.91 8.45 -43.55
CA GLU K 22 8.53 8.49 -44.06
C GLU K 22 8.47 9.09 -45.46
N LEU K 23 9.29 10.11 -45.72
CA LEU K 23 9.33 10.72 -47.05
C LEU K 23 9.82 9.73 -48.11
N LYS K 24 10.83 8.93 -47.78
CA LYS K 24 11.34 7.95 -48.73
C LYS K 24 10.31 6.88 -49.06
N PHE K 25 9.45 6.53 -48.09
CA PHE K 25 8.40 5.55 -48.34
C PHE K 25 7.36 6.10 -49.32
N LEU K 26 6.97 7.36 -49.18
CA LEU K 26 5.95 7.94 -50.04
C LEU K 26 6.43 8.15 -51.46
N CYS K 27 7.73 8.06 -51.73
CA CYS K 27 8.29 8.21 -53.06
C CYS K 27 8.71 6.86 -53.65
N LEU K 28 8.08 5.78 -53.20
CA LEU K 28 8.45 4.44 -53.67
C LEU K 28 8.21 4.29 -55.16
N GLY K 29 7.09 4.80 -55.66
CA GLY K 29 6.75 4.69 -57.06
C GLY K 29 7.39 5.71 -57.97
N ARG K 30 8.20 6.61 -57.43
CA ARG K 30 8.83 7.68 -58.21
C ARG K 30 10.33 7.50 -58.35
N VAL K 31 11.00 6.96 -57.34
CA VAL K 31 12.44 6.78 -57.33
C VAL K 31 12.75 5.31 -57.16
N GLY K 32 13.74 4.81 -57.91
CA GLY K 32 14.10 3.42 -57.83
C GLY K 32 14.77 3.06 -56.53
N LYS K 33 14.82 1.75 -56.26
CA LYS K 33 15.31 1.26 -54.97
C LYS K 33 16.80 1.57 -54.79
N ARG K 34 17.59 1.44 -55.86
CA ARG K 34 19.02 1.69 -55.73
C ARG K 34 19.32 3.17 -55.52
N LYS K 35 18.57 4.06 -56.16
CA LYS K 35 18.76 5.49 -55.96
C LYS K 35 18.29 5.93 -54.58
N LEU K 36 17.19 5.34 -54.09
CA LEU K 36 16.68 5.70 -52.77
C LEU K 36 17.62 5.27 -51.65
N GLU K 37 18.51 4.31 -51.90
CA GLU K 37 19.44 3.85 -50.88
C GLU K 37 20.51 4.88 -50.55
N ARG K 38 20.76 5.84 -51.45
CA ARG K 38 21.81 6.83 -51.27
C ARG K 38 21.31 8.10 -50.59
N VAL K 39 20.05 8.14 -50.18
CA VAL K 39 19.47 9.33 -49.56
C VAL K 39 19.76 9.31 -48.07
N GLN K 40 20.50 10.31 -47.59
CA GLN K 40 20.76 10.50 -46.17
C GLN K 40 20.26 11.85 -45.67
N SER K 41 19.68 12.66 -46.54
CA SER K 41 19.11 13.94 -46.16
C SER K 41 18.07 14.33 -47.20
N GLY K 42 17.29 15.36 -46.87
CA GLY K 42 16.27 15.83 -47.80
C GLY K 42 16.85 16.41 -49.07
N LEU K 43 18.09 16.89 -49.02
CA LEU K 43 18.70 17.51 -50.19
C LEU K 43 18.90 16.51 -51.32
N ASP K 44 19.30 15.27 -51.01
CA ASP K 44 19.48 14.26 -52.04
C ASP K 44 18.16 13.93 -52.73
N LEU K 45 17.10 13.72 -51.95
CA LEU K 45 15.79 13.44 -52.52
C LEU K 45 15.30 14.61 -53.36
N PHE K 46 15.50 15.84 -52.88
CA PHE K 46 15.06 17.01 -53.65
C PHE K 46 15.85 17.13 -54.95
N SER K 47 17.14 16.83 -54.93
CA SER K 47 17.93 16.86 -56.15
C SER K 47 17.43 15.85 -57.17
N MET K 48 17.15 14.62 -56.73
CA MET K 48 16.65 13.62 -57.67
C MET K 48 15.27 13.97 -58.19
N LEU K 49 14.43 14.58 -57.33
CA LEU K 49 13.11 15.02 -57.81
C LEU K 49 13.22 16.17 -58.79
N LEU K 50 14.19 17.07 -58.59
CA LEU K 50 14.42 18.14 -59.55
C LEU K 50 14.88 17.59 -60.89
N GLU K 51 15.74 16.57 -60.87
CA GLU K 51 16.24 16.00 -62.12
C GLU K 51 15.13 15.36 -62.94
N GLN K 52 14.12 14.81 -62.28
CA GLN K 52 13.01 14.14 -62.95
C GLN K 52 11.86 15.08 -63.28
N ASN K 53 12.02 16.38 -63.05
CA ASN K 53 10.99 17.40 -63.28
C ASN K 53 9.76 17.19 -62.42
N ASP K 54 9.87 16.43 -61.32
CA ASP K 54 8.77 16.33 -60.37
C ASP K 54 8.66 17.58 -59.53
N LEU K 55 9.78 18.27 -59.28
CA LEU K 55 9.83 19.48 -58.49
C LEU K 55 10.39 20.61 -59.35
N GLU K 56 9.61 21.67 -59.51
CA GLU K 56 10.01 22.84 -60.29
C GLU K 56 9.65 24.10 -59.52
N PRO K 57 10.36 25.19 -59.76
CA PRO K 57 10.02 26.45 -59.07
C PRO K 57 8.59 26.91 -59.31
N GLY K 58 8.03 26.65 -60.50
CA GLY K 58 6.65 26.97 -60.78
C GLY K 58 5.68 25.83 -60.59
N HIS K 59 6.10 24.70 -60.03
CA HIS K 59 5.25 23.53 -59.86
C HIS K 59 5.68 22.83 -58.57
N THR K 60 4.98 23.14 -57.48
CA THR K 60 5.36 22.65 -56.15
C THR K 60 4.26 21.82 -55.50
N GLU K 61 3.38 21.21 -56.29
CA GLU K 61 2.26 20.47 -55.72
C GLU K 61 2.73 19.23 -54.97
N LEU K 62 3.72 18.52 -55.53
CA LEU K 62 4.23 17.31 -54.88
C LEU K 62 4.86 17.64 -53.53
N LEU K 63 5.62 18.73 -53.46
CA LEU K 63 6.21 19.16 -52.19
C LEU K 63 5.12 19.46 -51.17
N ARG K 64 4.07 20.15 -51.60
CA ARG K 64 2.97 20.47 -50.68
C ARG K 64 2.28 19.22 -50.18
N GLU K 65 2.03 18.25 -51.05
CA GLU K 65 1.39 17.01 -50.62
C GLU K 65 2.29 16.24 -49.65
N LEU K 66 3.59 16.18 -49.93
CA LEU K 66 4.51 15.50 -49.02
C LEU K 66 4.55 16.16 -47.66
N LEU K 67 4.56 17.50 -47.63
CA LEU K 67 4.58 18.20 -46.35
C LEU K 67 3.26 18.06 -45.60
N ALA K 68 2.14 18.01 -46.33
CA ALA K 68 0.85 17.81 -45.67
C ALA K 68 0.73 16.40 -45.10
N SER K 69 1.33 15.40 -45.76
CA SER K 69 1.33 14.05 -45.20
C SER K 69 2.07 13.98 -43.88
N LEU K 70 3.10 14.80 -43.71
CA LEU K 70 3.85 14.86 -42.46
C LEU K 70 3.18 15.72 -41.39
N ARG K 71 2.08 16.39 -41.74
CA ARG K 71 1.39 17.32 -40.84
C ARG K 71 2.32 18.44 -40.38
N ARG K 72 3.15 18.93 -41.29
CA ARG K 72 4.09 20.02 -41.02
C ARG K 72 3.56 21.26 -41.73
N HIS K 73 2.67 21.99 -41.05
CA HIS K 73 2.07 23.19 -41.61
C HIS K 73 2.98 24.42 -41.51
N ASP K 74 3.93 24.41 -40.58
CA ASP K 74 4.89 25.51 -40.51
C ASP K 74 5.77 25.57 -41.76
N LEU K 75 6.15 24.41 -42.30
CA LEU K 75 6.89 24.37 -43.55
C LEU K 75 6.01 24.75 -44.74
N LEU K 76 4.74 24.36 -44.71
CA LEU K 76 3.81 24.80 -45.73
C LEU K 76 3.67 26.32 -45.74
N ARG K 77 3.77 26.95 -44.56
CA ARG K 77 3.74 28.41 -44.52
C ARG K 77 4.95 29.02 -45.22
N ARG K 78 6.13 28.42 -45.05
CA ARG K 78 7.31 28.88 -45.78
C ARG K 78 7.13 28.71 -47.28
N VAL K 79 6.55 27.59 -47.69
CA VAL K 79 6.29 27.37 -49.12
C VAL K 79 5.34 28.43 -49.65
N ASP K 80 4.30 28.76 -48.88
CA ASP K 80 3.37 29.81 -49.27
C ASP K 80 4.08 31.15 -49.38
N ASP K 81 4.96 31.45 -48.44
CA ASP K 81 5.69 32.72 -48.46
C ASP K 81 6.59 32.82 -49.68
N PHE K 82 7.23 31.72 -50.07
CA PHE K 82 8.08 31.75 -51.26
C PHE K 82 7.27 32.10 -52.50
N GLU K 83 6.10 31.49 -52.67
CA GLU K 83 5.31 31.71 -53.87
C GLU K 83 4.73 33.11 -53.93
N ALA K 84 4.58 33.79 -52.80
CA ALA K 84 4.07 35.16 -52.81
C ALA K 84 5.07 36.13 -53.41
N GLY K 85 6.35 36.00 -53.06
CA GLY K 85 7.37 36.89 -53.57
C GLY K 85 7.88 36.49 -54.94
N ALA K 86 7.50 35.29 -55.39
CA ALA K 86 7.90 34.80 -56.70
C ALA K 86 6.78 34.91 -57.73
N ALA K 87 5.72 35.64 -57.42
CA ALA K 87 4.59 35.80 -58.32
C ALA K 87 4.96 36.63 -59.55
N MET L 1 3.26 23.79 32.62
CA MET L 1 1.90 23.40 32.99
C MET L 1 0.95 24.58 32.93
N ASP L 2 -0.15 24.41 32.22
CA ASP L 2 -1.14 25.47 32.09
C ASP L 2 -2.04 25.51 33.32
N PRO L 3 -2.05 26.61 34.08
CA PRO L 3 -2.93 26.67 35.26
C PRO L 3 -4.40 26.50 34.93
N PHE L 4 -4.86 27.03 33.80
CA PHE L 4 -6.27 26.87 33.42
C PHE L 4 -6.60 25.41 33.17
N LEU L 5 -5.73 24.69 32.45
CA LEU L 5 -5.95 23.28 32.22
C LEU L 5 -5.90 22.48 33.51
N VAL L 6 -5.00 22.85 34.44
CA VAL L 6 -4.96 22.16 35.73
C VAL L 6 -6.25 22.39 36.50
N LEU L 7 -6.77 23.62 36.49
CA LEU L 7 -8.03 23.90 37.17
C LEU L 7 -9.17 23.09 36.56
N LEU L 8 -9.23 23.04 35.23
CA LEU L 8 -10.29 22.27 34.57
C LEU L 8 -10.18 20.79 34.88
N HIS L 9 -8.97 20.24 34.90
CA HIS L 9 -8.79 18.83 35.26
C HIS L 9 -9.24 18.56 36.69
N SER L 10 -8.88 19.45 37.61
CA SER L 10 -9.29 19.28 39.01
C SER L 10 -10.80 19.36 39.16
N VAL L 11 -11.45 20.28 38.43
CA VAL L 11 -12.90 20.37 38.47
C VAL L 11 -13.53 19.10 37.91
N SER L 12 -12.97 18.59 36.81
CA SER L 12 -13.50 17.35 36.22
C SER L 12 -13.35 16.16 37.16
N SER L 13 -12.30 16.15 37.98
CA SER L 13 -12.09 15.04 38.91
C SER L 13 -13.09 15.02 40.06
N SER L 14 -13.90 16.06 40.23
CA SER L 14 -14.81 16.17 41.36
C SER L 14 -16.27 16.02 40.96
N LEU L 15 -16.54 15.36 39.83
CA LEU L 15 -17.90 15.21 39.33
C LEU L 15 -18.28 13.73 39.29
N SER L 16 -19.57 13.47 39.41
CA SER L 16 -20.10 12.11 39.32
C SER L 16 -20.76 11.90 37.95
N SER L 17 -21.22 10.67 37.72
CA SER L 17 -21.88 10.36 36.45
C SER L 17 -23.19 11.12 36.31
N SER L 18 -23.97 11.21 37.38
CA SER L 18 -25.23 11.95 37.33
C SER L 18 -24.99 13.43 37.04
N GLU L 19 -23.96 14.01 37.69
CA GLU L 19 -23.64 15.42 37.44
C GLU L 19 -23.21 15.64 36.00
N LEU L 20 -22.44 14.70 35.44
CA LEU L 20 -22.06 14.80 34.03
C LEU L 20 -23.28 14.72 33.14
N THR L 21 -24.22 13.83 33.45
CA THR L 21 -25.45 13.73 32.66
C THR L 21 -26.24 15.03 32.70
N GLU L 22 -26.34 15.65 33.88
CA GLU L 22 -27.04 16.93 33.96
C GLU L 22 -26.30 18.02 33.20
N LEU L 23 -24.97 18.01 33.25
CA LEU L 23 -24.19 19.00 32.49
C LEU L 23 -24.39 18.85 30.99
N LYS L 24 -24.48 17.61 30.49
CA LYS L 24 -24.69 17.42 29.06
C LYS L 24 -26.05 17.93 28.60
N PHE L 25 -27.08 17.80 29.46
CA PHE L 25 -28.40 18.33 29.12
C PHE L 25 -28.40 19.84 28.98
N LEU L 26 -27.66 20.53 29.87
CA LEU L 26 -27.64 21.99 29.84
C LEU L 26 -26.83 22.56 28.67
N CYS L 27 -26.07 21.73 27.97
CA CYS L 27 -25.32 22.14 26.79
C CYS L 27 -25.96 21.64 25.50
N LEU L 28 -27.27 21.43 25.51
CA LEU L 28 -27.95 20.88 24.35
C LEU L 28 -27.90 21.83 23.16
N GLY L 29 -28.06 23.13 23.41
CA GLY L 29 -28.02 24.11 22.35
C GLY L 29 -26.65 24.56 21.92
N ARG L 30 -25.59 24.05 22.55
CA ARG L 30 -24.22 24.46 22.25
C ARG L 30 -23.42 23.39 21.52
N VAL L 31 -23.68 22.12 21.82
CA VAL L 31 -22.94 21.00 21.23
C VAL L 31 -23.92 20.10 20.52
N GLY L 32 -23.53 19.60 19.34
CA GLY L 32 -24.40 18.73 18.58
C GLY L 32 -24.57 17.37 19.23
N LYS L 33 -25.65 16.69 18.82
CA LYS L 33 -25.98 15.40 19.41
C LYS L 33 -24.91 14.36 19.13
N ARG L 34 -24.35 14.36 17.92
CA ARG L 34 -23.32 13.38 17.57
C ARG L 34 -22.06 13.59 18.39
N LYS L 35 -21.66 14.83 18.60
CA LYS L 35 -20.49 15.12 19.42
C LYS L 35 -20.75 14.84 20.91
N LEU L 36 -21.96 15.14 21.37
CA LEU L 36 -22.30 14.93 22.78
C LEU L 36 -22.30 13.45 23.16
N GLU L 37 -22.52 12.56 22.20
CA GLU L 37 -22.56 11.13 22.49
C GLU L 37 -21.19 10.58 22.88
N ARG L 38 -20.12 11.28 22.53
CA ARG L 38 -18.76 10.83 22.79
C ARG L 38 -18.18 11.35 24.10
N VAL L 39 -18.98 12.05 24.91
CA VAL L 39 -18.52 12.62 26.15
C VAL L 39 -18.75 11.62 27.27
N GLN L 40 -17.66 11.12 27.86
CA GLN L 40 -17.72 10.23 29.00
C GLN L 40 -17.11 10.83 30.26
N SER L 41 -16.57 12.04 30.18
CA SER L 41 -16.02 12.73 31.34
C SER L 41 -16.10 14.22 31.09
N GLY L 42 -15.86 14.99 32.16
CA GLY L 42 -15.89 16.43 32.03
C GLY L 42 -14.80 16.97 31.13
N LEU L 43 -13.70 16.23 30.99
CA LEU L 43 -12.59 16.69 30.16
C LEU L 43 -13.01 16.82 28.69
N ASP L 44 -13.79 15.85 28.18
CA ASP L 44 -14.23 15.90 26.79
C ASP L 44 -15.11 17.12 26.54
N LEU L 45 -16.08 17.37 27.42
CA LEU L 45 -16.95 18.52 27.28
C LEU L 45 -16.15 19.81 27.37
N PHE L 46 -15.19 19.88 28.30
CA PHE L 46 -14.37 21.07 28.43
C PHE L 46 -13.53 21.32 27.18
N SER L 47 -12.99 20.25 26.59
CA SER L 47 -12.24 20.40 25.34
C SER L 47 -13.14 20.93 24.22
N MET L 48 -14.34 20.37 24.10
CA MET L 48 -15.25 20.83 23.06
C MET L 48 -15.64 22.29 23.26
N LEU L 49 -15.85 22.69 24.51
CA LEU L 49 -16.19 24.09 24.79
C LEU L 49 -15.01 25.02 24.56
N LEU L 50 -13.79 24.53 24.80
CA LEU L 50 -12.61 25.33 24.51
C LEU L 50 -12.42 25.56 23.02
N GLU L 51 -12.70 24.55 22.21
CA GLU L 51 -12.56 24.72 20.76
C GLU L 51 -13.58 25.70 20.19
N GLN L 52 -14.75 25.83 20.82
CA GLN L 52 -15.79 26.71 20.33
C GLN L 52 -15.72 28.12 20.90
N ASN L 53 -14.66 28.43 21.66
CA ASN L 53 -14.46 29.73 22.30
C ASN L 53 -15.54 30.05 23.33
N ASP L 54 -16.30 29.05 23.76
CA ASP L 54 -17.28 29.26 24.83
C ASP L 54 -16.61 29.34 26.19
N LEU L 55 -15.45 28.71 26.33
CA LEU L 55 -14.67 28.72 27.56
C LEU L 55 -13.28 29.24 27.26
N GLU L 56 -12.83 30.23 28.03
CA GLU L 56 -11.52 30.83 27.88
C GLU L 56 -10.92 31.08 29.25
N PRO L 57 -9.59 31.15 29.37
CA PRO L 57 -8.99 31.45 30.67
C PRO L 57 -9.42 32.79 31.25
N GLY L 58 -9.70 33.78 30.41
CA GLY L 58 -10.19 35.06 30.86
C GLY L 58 -11.68 35.27 30.74
N HIS L 59 -12.45 34.24 30.42
CA HIS L 59 -13.90 34.36 30.26
C HIS L 59 -14.52 33.05 30.76
N THR L 60 -14.96 33.06 32.03
CA THR L 60 -15.42 31.84 32.69
C THR L 60 -16.89 31.93 33.12
N GLU L 61 -17.70 32.72 32.42
CA GLU L 61 -19.09 32.92 32.84
C GLU L 61 -19.91 31.64 32.67
N LEU L 62 -19.75 30.96 31.54
CA LEU L 62 -20.52 29.74 31.29
C LEU L 62 -20.19 28.65 32.31
N LEU L 63 -18.90 28.52 32.67
CA LEU L 63 -18.52 27.56 33.69
C LEU L 63 -19.18 27.88 35.03
N ARG L 64 -19.20 29.15 35.41
CA ARG L 64 -19.83 29.54 36.67
C ARG L 64 -21.32 29.27 36.66
N GLU L 65 -22.00 29.56 35.54
CA GLU L 65 -23.43 29.26 35.46
C GLU L 65 -23.70 27.76 35.55
N LEU L 66 -22.88 26.95 34.87
CA LEU L 66 -23.06 25.51 34.92
C LEU L 66 -22.83 24.98 36.34
N LEU L 67 -21.81 25.49 37.04
CA LEU L 67 -21.55 25.03 38.39
C LEU L 67 -22.60 25.54 39.38
N ALA L 68 -23.21 26.69 39.10
CA ALA L 68 -24.28 27.17 39.95
C ALA L 68 -25.57 26.38 39.76
N SER L 69 -25.82 25.89 38.54
CA SER L 69 -26.98 25.04 38.31
C SER L 69 -26.85 23.71 39.04
N LEU L 70 -25.64 23.21 39.21
CA LEU L 70 -25.41 21.98 39.96
C LEU L 70 -25.39 22.19 41.46
N ARG L 71 -25.43 23.45 41.92
CA ARG L 71 -25.34 23.78 43.34
C ARG L 71 -24.05 23.24 43.96
N ARG L 72 -22.93 23.45 43.27
CA ARG L 72 -21.61 23.05 43.75
C ARG L 72 -20.82 24.33 44.01
N HIS L 73 -21.00 24.90 45.20
CA HIS L 73 -20.31 26.13 45.58
C HIS L 73 -18.85 25.90 45.96
N ASP L 74 -18.48 24.68 46.36
CA ASP L 74 -17.09 24.38 46.64
C ASP L 74 -16.24 24.48 45.37
N LEU L 75 -16.77 24.03 44.23
CA LEU L 75 -16.08 24.18 42.96
C LEU L 75 -16.03 25.64 42.51
N LEU L 76 -17.11 26.39 42.76
CA LEU L 76 -17.10 27.82 42.49
C LEU L 76 -16.02 28.52 43.31
N ARG L 77 -15.75 28.04 44.52
CA ARG L 77 -14.66 28.62 45.31
C ARG L 77 -13.31 28.37 44.66
N ARG L 78 -13.09 27.18 44.11
CA ARG L 78 -11.85 26.92 43.38
C ARG L 78 -11.72 27.82 42.17
N VAL L 79 -12.81 28.02 41.43
CA VAL L 79 -12.80 28.92 40.29
C VAL L 79 -12.47 30.34 40.74
N ASP L 80 -13.05 30.76 41.86
CA ASP L 80 -12.76 32.09 42.39
C ASP L 80 -11.28 32.24 42.76
N ASP L 81 -10.71 31.21 43.40
CA ASP L 81 -9.30 31.27 43.76
C ASP L 81 -8.41 31.31 42.53
N PHE L 82 -8.79 30.61 41.46
CA PHE L 82 -7.99 30.65 40.24
C PHE L 82 -7.94 32.06 39.65
N GLU L 83 -9.09 32.75 39.62
CA GLU L 83 -9.14 34.06 38.99
C GLU L 83 -8.37 35.12 39.78
N ALA L 84 -8.35 35.02 41.10
CA ALA L 84 -7.63 36.00 41.91
C ALA L 84 -6.12 35.93 41.69
N GLY L 85 -5.56 34.73 41.57
CA GLY L 85 -4.14 34.57 41.37
C GLY L 85 -3.70 34.80 39.94
N ALA L 86 -4.66 34.92 39.03
CA ALA L 86 -4.39 35.17 37.62
C ALA L 86 -4.62 36.62 37.23
N ALA L 87 -4.81 37.51 38.20
CA ALA L 87 -5.04 38.92 37.92
C ALA L 87 -3.73 39.63 37.59
N MET M 1 -11.49 21.41 -29.58
CA MET M 1 -11.73 20.42 -28.54
C MET M 1 -12.87 19.49 -28.91
N ASP M 2 -12.64 18.19 -28.78
CA ASP M 2 -13.66 17.20 -29.08
C ASP M 2 -14.68 17.13 -27.94
N PRO M 3 -15.95 17.41 -28.19
CA PRO M 3 -16.96 17.28 -27.12
C PRO M 3 -17.05 15.88 -26.55
N PHE M 4 -16.94 14.86 -27.40
CA PHE M 4 -17.01 13.48 -26.92
C PHE M 4 -15.84 13.16 -25.98
N LEU M 5 -14.63 13.59 -26.36
CA LEU M 5 -13.48 13.37 -25.50
C LEU M 5 -13.59 14.14 -24.20
N VAL M 6 -14.12 15.37 -24.25
CA VAL M 6 -14.34 16.14 -23.03
C VAL M 6 -15.33 15.42 -22.12
N LEU M 7 -16.41 14.88 -22.68
CA LEU M 7 -17.38 14.14 -21.88
C LEU M 7 -16.76 12.90 -21.25
N LEU M 8 -15.95 12.17 -22.03
CA LEU M 8 -15.31 10.98 -21.48
C LEU M 8 -14.32 11.33 -20.37
N HIS M 9 -13.56 12.41 -20.54
CA HIS M 9 -12.65 12.85 -19.49
C HIS M 9 -13.40 13.25 -18.23
N SER M 10 -14.53 13.97 -18.39
CA SER M 10 -15.33 14.36 -17.24
C SER M 10 -15.90 13.15 -16.51
N VAL M 11 -16.35 12.14 -17.27
CA VAL M 11 -16.86 10.93 -16.65
C VAL M 11 -15.75 10.18 -15.91
N SER M 12 -14.57 10.11 -16.51
CA SER M 12 -13.45 9.43 -15.87
C SER M 12 -12.99 10.14 -14.61
N SER M 13 -13.15 11.46 -14.54
CA SER M 13 -12.74 12.20 -13.35
C SER M 13 -13.67 11.98 -12.16
N SER M 14 -14.82 11.35 -12.35
CA SER M 14 -15.81 11.17 -11.29
C SER M 14 -15.92 9.73 -10.81
N LEU M 15 -14.88 8.93 -10.99
CA LEU M 15 -14.90 7.52 -10.61
C LEU M 15 -13.79 7.24 -9.60
N SER M 16 -14.04 6.25 -8.74
CA SER M 16 -13.07 5.82 -7.75
C SER M 16 -12.42 4.51 -8.19
N SER M 17 -11.53 3.99 -7.34
CA SER M 17 -10.81 2.76 -7.68
C SER M 17 -11.73 1.55 -7.67
N SER M 18 -12.68 1.50 -6.72
CA SER M 18 -13.63 0.39 -6.68
C SER M 18 -14.53 0.38 -7.91
N GLU M 19 -14.98 1.55 -8.34
CA GLU M 19 -15.81 1.62 -9.54
C GLU M 19 -15.02 1.20 -10.78
N LEU M 20 -13.74 1.58 -10.86
CA LEU M 20 -12.91 1.13 -11.96
C LEU M 20 -12.72 -0.38 -11.94
N THR M 21 -12.53 -0.95 -10.76
CA THR M 21 -12.41 -2.41 -10.64
C THR M 21 -13.70 -3.10 -11.10
N GLU M 22 -14.85 -2.54 -10.74
CA GLU M 22 -16.12 -3.09 -11.20
C GLU M 22 -16.26 -2.97 -12.71
N LEU M 23 -15.82 -1.85 -13.28
CA LEU M 23 -15.89 -1.67 -14.73
C LEU M 23 -14.98 -2.64 -15.47
N LYS M 24 -13.80 -2.93 -14.91
CA LYS M 24 -12.89 -3.87 -15.57
C LYS M 24 -13.44 -5.29 -15.56
N PHE M 25 -14.18 -5.67 -14.52
CA PHE M 25 -14.78 -7.00 -14.47
C PHE M 25 -15.87 -7.15 -15.53
N LEU M 26 -16.68 -6.12 -15.74
CA LEU M 26 -17.78 -6.18 -16.70
C LEU M 26 -17.31 -6.17 -18.14
N CYS M 27 -16.03 -5.88 -18.39
CA CYS M 27 -15.45 -5.91 -19.73
C CYS M 27 -14.51 -7.10 -19.92
N LEU M 28 -14.74 -8.19 -19.19
CA LEU M 28 -13.86 -9.35 -19.28
C LEU M 28 -13.86 -9.96 -20.67
N GLY M 29 -15.04 -10.05 -21.29
CA GLY M 29 -15.17 -10.63 -22.60
C GLY M 29 -14.92 -9.71 -23.76
N ARG M 30 -14.56 -8.45 -23.49
CA ARG M 30 -14.34 -7.46 -24.54
C ARG M 30 -12.87 -7.09 -24.70
N VAL M 31 -12.11 -7.08 -23.61
CA VAL M 31 -10.69 -6.71 -23.64
C VAL M 31 -9.88 -7.88 -23.07
N GLY M 32 -8.75 -8.15 -23.69
CA GLY M 32 -7.91 -9.24 -23.23
C GLY M 32 -7.28 -8.97 -21.88
N LYS M 33 -6.84 -10.05 -21.24
CA LYS M 33 -6.30 -9.94 -19.89
C LYS M 33 -5.02 -9.13 -19.86
N ARG M 34 -4.16 -9.30 -20.88
CA ARG M 34 -2.91 -8.55 -20.93
C ARG M 34 -3.15 -7.06 -21.07
N LYS M 35 -4.13 -6.68 -21.91
CA LYS M 35 -4.45 -5.27 -22.09
C LYS M 35 -5.12 -4.69 -20.85
N LEU M 36 -6.01 -5.45 -20.20
CA LEU M 36 -6.70 -4.96 -19.02
C LEU M 36 -5.75 -4.71 -17.85
N GLU M 37 -4.58 -5.34 -17.84
CA GLU M 37 -3.62 -5.15 -16.76
C GLU M 37 -3.03 -3.74 -16.76
N ARG M 38 -3.04 -3.05 -17.90
CA ARG M 38 -2.46 -1.72 -18.02
C ARG M 38 -3.44 -0.61 -17.72
N VAL M 39 -4.68 -0.94 -17.34
CA VAL M 39 -5.71 0.06 -17.09
C VAL M 39 -5.59 0.54 -15.65
N GLN M 40 -5.23 1.81 -15.47
CA GLN M 40 -5.18 2.43 -14.16
C GLN M 40 -6.14 3.60 -14.01
N SER M 41 -6.94 3.88 -15.02
CA SER M 41 -7.94 4.94 -14.96
C SER M 41 -8.99 4.67 -16.03
N GLY M 42 -10.10 5.42 -15.94
CA GLY M 42 -11.17 5.24 -16.91
C GLY M 42 -10.77 5.64 -18.32
N LEU M 43 -9.81 6.55 -18.45
CA LEU M 43 -9.37 7.00 -19.77
C LEU M 43 -8.74 5.87 -20.57
N ASP M 44 -7.95 5.02 -19.90
CA ASP M 44 -7.34 3.88 -20.59
C ASP M 44 -8.40 2.96 -21.18
N LEU M 45 -9.39 2.58 -20.37
CA LEU M 45 -10.45 1.71 -20.83
C LEU M 45 -11.27 2.38 -21.94
N PHE M 46 -11.54 3.68 -21.80
CA PHE M 46 -12.32 4.38 -22.82
C PHE M 46 -11.59 4.42 -24.15
N SER M 47 -10.27 4.67 -24.13
CA SER M 47 -9.51 4.66 -25.37
C SER M 47 -9.46 3.27 -25.99
N MET M 48 -9.31 2.24 -25.15
CA MET M 48 -9.33 0.88 -25.65
C MET M 48 -10.66 0.55 -26.32
N LEU M 49 -11.77 0.97 -25.71
CA LEU M 49 -13.08 0.73 -26.31
C LEU M 49 -13.28 1.55 -27.57
N LEU M 50 -12.71 2.76 -27.64
CA LEU M 50 -12.80 3.55 -28.85
C LEU M 50 -12.08 2.89 -30.01
N GLU M 51 -10.89 2.31 -29.76
CA GLU M 51 -10.16 1.66 -30.84
C GLU M 51 -10.90 0.45 -31.40
N GLN M 52 -11.73 -0.21 -30.60
CA GLN M 52 -12.46 -1.39 -31.03
C GLN M 52 -13.85 -1.07 -31.57
N ASN M 53 -14.19 0.21 -31.72
CA ASN M 53 -15.49 0.68 -32.18
C ASN M 53 -16.63 0.28 -31.24
N ASP M 54 -16.30 -0.10 -30.00
CA ASP M 54 -17.33 -0.37 -29.00
C ASP M 54 -17.95 0.92 -28.48
N LEU M 55 -17.17 1.99 -28.46
CA LEU M 55 -17.63 3.31 -28.04
C LEU M 55 -17.47 4.29 -29.20
N GLU M 56 -18.55 4.98 -29.53
CA GLU M 56 -18.56 5.95 -30.62
C GLU M 56 -19.36 7.17 -30.20
N PRO M 57 -19.08 8.34 -30.78
CA PRO M 57 -19.89 9.53 -30.45
C PRO M 57 -21.37 9.36 -30.73
N GLY M 58 -21.74 8.60 -31.76
CA GLY M 58 -23.13 8.32 -32.05
C GLY M 58 -23.60 6.95 -31.59
N HIS M 59 -22.85 6.25 -30.76
CA HIS M 59 -23.15 4.88 -30.34
C HIS M 59 -22.67 4.77 -28.89
N THR M 60 -23.59 4.96 -27.94
CA THR M 60 -23.23 5.05 -26.53
C THR M 60 -24.06 4.11 -25.65
N GLU M 61 -24.61 3.04 -26.22
CA GLU M 61 -25.37 2.08 -25.41
C GLU M 61 -24.50 1.40 -24.38
N LEU M 62 -23.29 0.99 -24.77
CA LEU M 62 -22.41 0.27 -23.86
C LEU M 62 -22.05 1.12 -22.64
N LEU M 63 -21.76 2.40 -22.86
CA LEU M 63 -21.46 3.30 -21.76
C LEU M 63 -22.67 3.44 -20.84
N ARG M 64 -23.86 3.49 -21.42
CA ARG M 64 -25.08 3.60 -20.61
C ARG M 64 -25.29 2.37 -19.75
N GLU M 65 -25.10 1.16 -20.31
CA GLU M 65 -25.23 -0.04 -19.48
C GLU M 65 -24.16 -0.10 -18.40
N LEU M 66 -22.93 0.28 -18.73
CA LEU M 66 -21.87 0.27 -17.72
C LEU M 66 -22.18 1.24 -16.59
N LEU M 67 -22.68 2.44 -16.90
CA LEU M 67 -23.04 3.39 -15.86
C LEU M 67 -24.26 2.95 -15.08
N ALA M 68 -25.21 2.27 -15.73
CA ALA M 68 -26.39 1.77 -15.02
C ALA M 68 -26.03 0.64 -14.06
N SER M 69 -25.04 -0.18 -14.41
CA SER M 69 -24.61 -1.23 -13.48
C SER M 69 -23.97 -0.63 -12.23
N LEU M 70 -23.23 0.46 -12.36
CA LEU M 70 -22.63 1.14 -11.22
C LEU M 70 -23.64 1.94 -10.40
N ARG M 71 -24.88 2.06 -10.88
CA ARG M 71 -25.92 2.84 -10.22
C ARG M 71 -25.52 4.32 -10.11
N ARG M 72 -24.90 4.84 -11.16
CA ARG M 72 -24.48 6.24 -11.22
C ARG M 72 -25.39 6.95 -12.22
N HIS M 73 -26.53 7.42 -11.73
CA HIS M 73 -27.48 8.14 -12.57
C HIS M 73 -27.10 9.60 -12.78
N ASP M 74 -26.29 10.17 -11.90
CA ASP M 74 -25.79 11.53 -12.12
C ASP M 74 -24.91 11.60 -13.37
N LEU M 75 -24.12 10.56 -13.63
CA LEU M 75 -23.30 10.51 -14.84
C LEU M 75 -24.15 10.19 -16.07
N LEU M 76 -25.20 9.38 -15.90
CA LEU M 76 -26.14 9.17 -16.99
C LEU M 76 -26.83 10.47 -17.38
N ARG M 77 -27.06 11.37 -16.42
CA ARG M 77 -27.60 12.68 -16.76
C ARG M 77 -26.64 13.48 -17.62
N ARG M 78 -25.34 13.42 -17.33
CA ARG M 78 -24.35 14.09 -18.17
C ARG M 78 -24.33 13.51 -19.56
N VAL M 79 -24.42 12.18 -19.67
CA VAL M 79 -24.46 11.54 -20.98
C VAL M 79 -25.70 12.00 -21.75
N ASP M 80 -26.84 12.11 -21.07
CA ASP M 80 -28.04 12.64 -21.70
C ASP M 80 -27.83 14.07 -22.17
N ASP M 81 -27.15 14.89 -21.37
CA ASP M 81 -26.90 16.27 -21.75
C ASP M 81 -26.02 16.35 -22.99
N PHE M 82 -25.04 15.44 -23.13
CA PHE M 82 -24.16 15.48 -24.27
C PHE M 82 -24.92 15.25 -25.58
N GLU M 83 -25.79 14.26 -25.61
CA GLU M 83 -26.49 13.92 -26.84
C GLU M 83 -27.53 14.95 -27.25
N ALA M 84 -28.05 15.72 -26.29
CA ALA M 84 -29.01 16.76 -26.62
C ALA M 84 -28.38 17.88 -27.45
N GLY M 85 -27.15 18.26 -27.15
CA GLY M 85 -26.47 19.30 -27.89
C GLY M 85 -25.84 18.82 -29.18
N ALA M 86 -25.86 17.49 -29.39
CA ALA M 86 -25.30 16.89 -30.59
C ALA M 86 -26.37 16.38 -31.55
N ALA M 87 -27.61 16.84 -31.41
CA ALA M 87 -28.70 16.37 -32.26
C ALA M 87 -28.77 17.17 -33.55
N MET N 1 -20.34 28.15 -1.41
CA MET N 1 -20.75 27.07 -0.52
C MET N 1 -22.17 26.63 -0.84
N ASP N 2 -22.37 25.34 -1.02
CA ASP N 2 -23.67 24.82 -1.42
C ASP N 2 -24.62 24.78 -0.23
N PRO N 3 -25.74 25.50 -0.28
CA PRO N 3 -26.71 25.44 0.83
C PRO N 3 -27.27 24.05 1.07
N PHE N 4 -27.47 23.26 0.00
CA PHE N 4 -27.95 21.89 0.18
C PHE N 4 -26.95 21.05 0.94
N LEU N 5 -25.66 21.18 0.59
CA LEU N 5 -24.62 20.45 1.31
C LEU N 5 -24.52 20.91 2.77
N VAL N 6 -24.65 22.21 3.01
CA VAL N 6 -24.64 22.71 4.38
C VAL N 6 -25.80 22.14 5.19
N LEU N 7 -27.00 22.10 4.59
CA LEU N 7 -28.16 21.54 5.27
C LEU N 7 -27.96 20.06 5.57
N LEU N 8 -27.43 19.31 4.60
CA LEU N 8 -27.20 17.88 4.83
C LEU N 8 -26.17 17.64 5.92
N HIS N 9 -25.10 18.45 5.96
CA HIS N 9 -24.10 18.31 7.01
C HIS N 9 -24.70 18.64 8.37
N SER N 10 -25.54 19.69 8.44
CA SER N 10 -26.19 20.04 9.69
C SER N 10 -27.12 18.93 10.17
N VAL N 11 -27.88 18.32 9.25
CA VAL N 11 -28.75 17.21 9.63
C VAL N 11 -27.92 16.03 10.12
N SER N 12 -26.82 15.72 9.43
CA SER N 12 -25.99 14.59 9.83
C SER N 12 -25.35 14.81 11.20
N SER N 13 -25.00 16.04 11.54
CA SER N 13 -24.37 16.31 12.83
C SER N 13 -25.33 16.20 14.01
N SER N 14 -26.62 16.03 13.75
CA SER N 14 -27.63 15.97 14.81
C SER N 14 -28.23 14.58 14.97
N LEU N 15 -27.52 13.53 14.57
CA LEU N 15 -28.01 12.17 14.63
C LEU N 15 -27.08 11.30 15.46
N SER N 16 -27.66 10.34 16.17
CA SER N 16 -26.92 9.40 16.99
C SER N 16 -26.62 8.13 16.20
N SER N 17 -25.90 7.20 16.83
CA SER N 17 -25.53 5.95 16.17
C SER N 17 -26.75 5.05 16.00
N SER N 18 -27.66 5.04 16.97
CA SER N 18 -28.88 4.25 16.84
C SER N 18 -29.75 4.78 15.71
N GLU N 19 -29.82 6.11 15.56
CA GLU N 19 -30.57 6.69 14.45
C GLU N 19 -29.95 6.31 13.11
N LEU N 20 -28.62 6.28 13.03
CA LEU N 20 -27.97 5.85 11.81
C LEU N 20 -28.25 4.38 11.51
N THR N 21 -28.26 3.55 12.55
CA THR N 21 -28.59 2.14 12.37
C THR N 21 -30.02 1.98 11.85
N GLU N 22 -30.95 2.75 12.39
CA GLU N 22 -32.33 2.71 11.89
C GLU N 22 -32.40 3.20 10.45
N LEU N 23 -31.64 4.23 10.09
CA LEU N 23 -31.64 4.74 8.73
C LEU N 23 -31.10 3.72 7.74
N LYS N 24 -30.02 3.01 8.11
CA LYS N 24 -29.45 2.01 7.21
C LYS N 24 -30.40 0.85 6.95
N PHE N 25 -31.29 0.57 7.90
CA PHE N 25 -32.29 -0.49 7.69
C PHE N 25 -33.35 -0.05 6.70
N LEU N 26 -33.80 1.20 6.78
CA LEU N 26 -34.85 1.70 5.90
C LEU N 26 -34.37 1.89 4.46
N CYS N 27 -33.07 1.80 4.20
CA CYS N 27 -32.51 1.91 2.86
C CYS N 27 -31.99 0.57 2.36
N LEU N 28 -32.55 -0.54 2.85
CA LEU N 28 -32.09 -1.86 2.45
C LEU N 28 -32.31 -2.11 0.97
N GLY N 29 -33.46 -1.72 0.45
CA GLY N 29 -33.75 -1.94 -0.95
C GLY N 29 -33.20 -0.91 -1.91
N ARG N 30 -32.60 0.15 -1.40
CA ARG N 30 -32.08 1.23 -2.23
C ARG N 30 -30.57 1.15 -2.44
N VAL N 31 -29.82 0.70 -1.43
CA VAL N 31 -28.37 0.61 -1.50
C VAL N 31 -27.97 -0.84 -1.28
N GLY N 32 -26.92 -1.28 -1.97
CA GLY N 32 -26.46 -2.65 -1.82
C GLY N 32 -25.82 -2.90 -0.47
N LYS N 33 -25.74 -4.18 -0.12
CA LYS N 33 -25.22 -4.57 1.19
C LYS N 33 -23.76 -4.20 1.35
N ARG N 34 -22.95 -4.42 0.30
CA ARG N 34 -21.53 -4.14 0.39
C ARG N 34 -21.25 -2.66 0.59
N LYS N 35 -22.01 -1.80 -0.08
CA LYS N 35 -21.81 -0.35 0.06
C LYS N 35 -22.31 0.16 1.41
N LEU N 36 -23.40 -0.44 1.93
CA LEU N 36 -23.93 -0.02 3.21
C LEU N 36 -22.99 -0.31 4.37
N GLU N 37 -22.06 -1.24 4.19
CA GLU N 37 -21.13 -1.60 5.26
C GLU N 37 -20.12 -0.49 5.55
N ARG N 38 -19.83 0.36 4.57
CA ARG N 38 -18.84 1.42 4.71
C ARG N 38 -19.43 2.69 5.30
N VAL N 39 -20.72 2.69 5.65
CA VAL N 39 -21.38 3.88 6.19
C VAL N 39 -21.13 3.94 7.68
N GLN N 40 -20.46 4.99 8.13
CA GLN N 40 -20.22 5.24 9.54
C GLN N 40 -20.77 6.57 10.01
N SER N 41 -21.41 7.34 9.13
CA SER N 41 -22.03 8.60 9.50
C SER N 41 -23.12 8.90 8.47
N GLY N 42 -23.89 9.96 8.75
CA GLY N 42 -24.95 10.35 7.83
C GLY N 42 -24.43 10.90 6.52
N LEU N 43 -23.21 11.47 6.54
CA LEU N 43 -22.65 12.07 5.34
C LEU N 43 -22.42 11.02 4.25
N ASP N 44 -21.95 9.83 4.63
CA ASP N 44 -21.70 8.77 3.65
C ASP N 44 -23.00 8.33 2.98
N LEU N 45 -24.04 8.11 3.78
CA LEU N 45 -25.32 7.70 3.22
C LEU N 45 -25.91 8.80 2.33
N PHE N 46 -25.79 10.06 2.76
CA PHE N 46 -26.29 11.16 1.94
C PHE N 46 -25.56 11.26 0.62
N SER N 47 -24.23 11.06 0.63
CA SER N 47 -23.47 11.09 -0.62
C SER N 47 -23.90 9.96 -1.55
N MET N 48 -24.06 8.75 -1.01
CA MET N 48 -24.47 7.63 -1.85
C MET N 48 -25.86 7.86 -2.42
N LEU N 49 -26.77 8.45 -1.65
CA LEU N 49 -28.10 8.75 -2.17
C LEU N 49 -28.06 9.88 -3.20
N LEU N 50 -27.15 10.84 -3.04
CA LEU N 50 -26.99 11.89 -4.04
C LEU N 50 -26.50 11.32 -5.37
N GLU N 51 -25.58 10.37 -5.32
CA GLU N 51 -25.07 9.79 -6.56
C GLU N 51 -26.14 9.02 -7.32
N GLN N 52 -27.14 8.47 -6.62
CA GLN N 52 -28.19 7.68 -7.25
C GLN N 52 -29.42 8.50 -7.60
N ASN N 53 -29.36 9.82 -7.46
CA ASN N 53 -30.47 10.74 -7.76
C ASN N 53 -31.66 10.52 -6.84
N ASP N 54 -31.49 9.82 -5.72
CA ASP N 54 -32.56 9.70 -4.75
C ASP N 54 -32.73 10.98 -3.94
N LEU N 55 -31.64 11.72 -3.74
CA LEU N 55 -31.64 12.99 -3.01
C LEU N 55 -31.20 14.10 -3.95
N GLU N 56 -32.01 15.13 -4.08
CA GLU N 56 -31.71 16.27 -4.94
C GLU N 56 -32.17 17.54 -4.24
N PRO N 57 -31.55 18.68 -4.56
CA PRO N 57 -31.99 19.95 -3.94
C PRO N 57 -33.43 20.30 -4.25
N GLY N 58 -33.97 19.83 -5.37
CA GLY N 58 -35.36 20.05 -5.70
C GLY N 58 -36.29 18.89 -5.44
N HIS N 59 -35.79 17.77 -4.90
CA HIS N 59 -36.63 16.60 -4.62
C HIS N 59 -36.15 15.99 -3.30
N THR N 60 -36.82 16.34 -2.20
CA THR N 60 -36.40 15.92 -0.88
C THR N 60 -37.43 15.00 -0.22
N GLU N 61 -38.27 14.33 -1.00
CA GLU N 61 -39.33 13.51 -0.42
C GLU N 61 -38.76 12.37 0.42
N LEU N 62 -37.71 11.72 -0.08
CA LEU N 62 -37.12 10.60 0.66
C LEU N 62 -36.53 11.07 1.99
N LEU N 63 -35.88 12.24 2.00
CA LEU N 63 -35.32 12.77 3.24
C LEU N 63 -36.41 13.03 4.26
N ARG N 64 -37.51 13.65 3.83
CA ARG N 64 -38.60 13.94 4.77
C ARG N 64 -39.26 12.66 5.28
N GLU N 65 -39.42 11.66 4.40
CA GLU N 65 -39.99 10.39 4.86
C GLU N 65 -39.07 9.70 5.87
N LEU N 66 -37.77 9.70 5.62
CA LEU N 66 -36.84 9.10 6.57
C LEU N 66 -36.84 9.84 7.89
N LEU N 67 -36.87 11.18 7.86
CA LEU N 67 -36.87 11.94 9.11
C LEU N 67 -38.19 11.78 9.86
N ALA N 68 -39.30 11.59 9.16
CA ALA N 68 -40.56 11.34 9.82
C ALA N 68 -40.60 9.96 10.45
N SER N 69 -39.97 8.97 9.80
CA SER N 69 -39.92 7.64 10.39
C SER N 69 -39.14 7.63 11.71
N LEU N 70 -38.17 8.53 11.85
CA LEU N 70 -37.42 8.67 13.09
C LEU N 70 -38.11 9.56 14.12
N ARG N 71 -39.26 10.13 13.78
CA ARG N 71 -40.00 11.05 14.65
C ARG N 71 -39.14 12.24 15.07
N ARG N 72 -38.35 12.76 14.14
CA ARG N 72 -37.50 13.93 14.36
C ARG N 72 -38.10 15.10 13.60
N HIS N 73 -39.05 15.79 14.23
CA HIS N 73 -39.71 16.91 13.60
C HIS N 73 -38.90 18.20 13.65
N ASP N 74 -37.96 18.32 14.59
CA ASP N 74 -37.08 19.48 14.62
C ASP N 74 -36.21 19.54 13.36
N LEU N 75 -35.76 18.39 12.87
CA LEU N 75 -35.00 18.35 11.63
C LEU N 75 -35.89 18.61 10.41
N LEU N 76 -37.13 18.12 10.45
CA LEU N 76 -38.09 18.47 9.40
C LEU N 76 -38.32 19.98 9.35
N ARG N 77 -38.26 20.65 10.51
CA ARG N 77 -38.37 22.11 10.51
C ARG N 77 -37.21 22.76 9.77
N ARG N 78 -36.00 22.24 9.96
CA ARG N 78 -34.84 22.76 9.21
C ARG N 78 -35.00 22.52 7.72
N VAL N 79 -35.49 21.34 7.35
CA VAL N 79 -35.73 21.05 5.93
C VAL N 79 -36.75 22.02 5.35
N ASP N 80 -37.80 22.32 6.13
CA ASP N 80 -38.81 23.29 5.70
C ASP N 80 -38.20 24.67 5.52
N ASP N 81 -37.34 25.08 6.45
CA ASP N 81 -36.71 26.39 6.35
C ASP N 81 -35.81 26.48 5.13
N PHE N 82 -35.12 25.40 4.78
CA PHE N 82 -34.27 25.42 3.59
C PHE N 82 -35.09 25.65 2.33
N GLU N 83 -36.22 24.96 2.21
CA GLU N 83 -37.01 25.06 0.99
C GLU N 83 -37.72 26.41 0.86
N ALA N 84 -37.85 27.15 1.95
CA ALA N 84 -38.46 28.48 1.88
C ALA N 84 -37.54 29.51 1.24
N GLY N 85 -36.25 29.49 1.60
CA GLY N 85 -35.31 30.42 1.02
C GLY N 85 -34.78 29.99 -0.33
N ALA N 86 -35.09 28.74 -0.71
CA ALA N 86 -34.66 28.19 -1.99
C ALA N 86 -35.79 28.10 -3.01
N ALA N 87 -36.90 28.78 -2.77
CA ALA N 87 -38.04 28.75 -3.68
C ALA N 87 -37.90 29.81 -4.76
N MET O 1 0.60 11.41 -56.23
CA MET O 1 0.66 10.76 -54.93
C MET O 1 -0.20 9.51 -54.91
N ASP O 2 0.39 8.39 -54.53
CA ASP O 2 -0.32 7.10 -54.60
C ASP O 2 -1.28 6.97 -53.42
N PRO O 3 -2.58 6.82 -53.68
CA PRO O 3 -3.53 6.64 -52.57
C PRO O 3 -3.24 5.41 -51.72
N PHE O 4 -2.78 4.32 -52.33
CA PHE O 4 -2.43 3.14 -51.55
C PHE O 4 -1.28 3.43 -50.60
N LEU O 5 -0.26 4.15 -51.08
CA LEU O 5 0.85 4.50 -50.21
C LEU O 5 0.44 5.44 -49.09
N VAL O 6 -0.43 6.42 -49.37
CA VAL O 6 -0.86 7.29 -48.29
C VAL O 6 -1.72 6.52 -47.28
N LEU O 7 -2.52 5.57 -47.73
CA LEU O 7 -3.30 4.75 -46.81
C LEU O 7 -2.38 3.93 -45.91
N LEU O 8 -1.35 3.30 -46.51
CA LEU O 8 -0.42 2.52 -45.71
C LEU O 8 0.35 3.39 -44.73
N HIS O 9 0.75 4.59 -45.15
CA HIS O 9 1.45 5.50 -44.25
C HIS O 9 0.56 5.92 -43.08
N SER O 10 -0.71 6.22 -43.35
CA SER O 10 -1.62 6.61 -42.28
C SER O 10 -1.88 5.45 -41.32
N VAL O 11 -1.97 4.22 -41.85
CA VAL O 11 -2.13 3.06 -40.98
C VAL O 11 -0.89 2.87 -40.11
N SER O 12 0.30 3.02 -40.70
CA SER O 12 1.54 2.86 -39.95
C SER O 12 1.70 3.92 -38.88
N SER O 13 1.17 5.12 -39.11
CA SER O 13 1.28 6.20 -38.13
C SER O 13 0.36 6.03 -36.93
N SER O 14 -0.52 5.03 -36.94
CA SER O 14 -1.49 4.82 -35.86
C SER O 14 -1.20 3.55 -35.05
N LEU O 15 0.03 3.06 -35.09
CA LEU O 15 0.40 1.83 -34.40
C LEU O 15 1.46 2.12 -33.34
N SER O 16 1.45 1.31 -32.29
CA SER O 16 2.44 1.41 -31.22
C SER O 16 3.50 0.33 -31.39
N SER O 17 4.48 0.33 -30.49
CA SER O 17 5.57 -0.65 -30.56
C SER O 17 5.10 -2.06 -30.25
N SER O 18 4.19 -2.20 -29.27
CA SER O 18 3.66 -3.52 -28.95
C SER O 18 2.86 -4.09 -30.12
N GLU O 19 2.08 -3.24 -30.79
CA GLU O 19 1.33 -3.70 -31.96
C GLU O 19 2.27 -4.10 -33.08
N LEU O 20 3.38 -3.38 -33.25
CA LEU O 20 4.37 -3.76 -34.26
C LEU O 20 5.00 -5.10 -33.92
N THR O 21 5.31 -5.34 -32.64
CA THR O 21 5.84 -6.62 -32.23
C THR O 21 4.84 -7.74 -32.49
N GLU O 22 3.56 -7.48 -32.23
CA GLU O 22 2.52 -8.46 -32.52
C GLU O 22 2.44 -8.76 -34.01
N LEU O 23 2.54 -7.72 -34.85
CA LEU O 23 2.52 -7.92 -36.29
C LEU O 23 3.71 -8.72 -36.79
N LYS O 24 4.90 -8.46 -36.24
CA LYS O 24 6.09 -9.19 -36.68
C LYS O 24 6.01 -10.67 -36.36
N PHE O 25 5.33 -11.03 -35.26
CA PHE O 25 5.18 -12.44 -34.90
C PHE O 25 4.26 -13.17 -35.87
N LEU O 26 3.20 -12.51 -36.33
CA LEU O 26 2.25 -13.15 -37.24
C LEU O 26 2.80 -13.30 -38.65
N CYS O 27 3.92 -12.65 -38.97
CA CYS O 27 4.57 -12.77 -40.27
C CYS O 27 5.81 -13.65 -40.21
N LEU O 28 5.86 -14.57 -39.25
CA LEU O 28 7.05 -15.40 -39.08
C LEU O 28 7.28 -16.29 -40.30
N GLY O 29 6.20 -16.81 -40.89
CA GLY O 29 6.30 -17.66 -42.06
C GLY O 29 6.36 -16.94 -43.38
N ARG O 30 6.36 -15.61 -43.39
CA ARG O 30 6.36 -14.84 -44.63
C ARG O 30 7.66 -14.09 -44.86
N VAL O 31 8.31 -13.63 -43.80
CA VAL O 31 9.55 -12.87 -43.88
C VAL O 31 10.62 -13.60 -43.09
N GLY O 32 11.83 -13.65 -43.64
CA GLY O 32 12.92 -14.32 -42.97
C GLY O 32 13.35 -13.59 -41.69
N LYS O 33 14.05 -14.33 -40.84
CA LYS O 33 14.46 -13.78 -39.55
C LYS O 33 15.46 -12.64 -39.72
N ARG O 34 16.37 -12.76 -40.68
CA ARG O 34 17.35 -11.69 -40.91
C ARG O 34 16.67 -10.41 -41.36
N LYS O 35 15.70 -10.51 -42.28
CA LYS O 35 14.99 -9.32 -42.74
C LYS O 35 14.11 -8.73 -41.65
N LEU O 36 13.43 -9.57 -40.87
CA LEU O 36 12.53 -9.08 -39.84
C LEU O 36 13.26 -8.33 -38.74
N GLU O 37 14.57 -8.52 -38.61
CA GLU O 37 15.34 -7.84 -37.57
C GLU O 37 15.52 -6.36 -37.87
N ARG O 38 15.27 -5.92 -39.10
CA ARG O 38 15.46 -4.53 -39.50
C ARG O 38 14.17 -3.73 -39.47
N VAL O 39 13.07 -4.31 -39.01
CA VAL O 39 11.78 -3.63 -38.99
C VAL O 39 11.66 -2.82 -37.72
N GLN O 40 11.58 -1.50 -37.86
CA GLN O 40 11.40 -0.59 -36.74
C GLN O 40 10.09 0.18 -36.81
N SER O 41 9.34 0.03 -37.91
CA SER O 41 8.06 0.69 -38.07
C SER O 41 7.23 -0.13 -39.06
N GLY O 42 5.94 0.19 -39.13
CA GLY O 42 5.07 -0.51 -40.05
C GLY O 42 5.43 -0.29 -41.51
N LEU O 43 6.12 0.82 -41.81
CA LEU O 43 6.51 1.10 -43.19
C LEU O 43 7.46 0.04 -43.73
N ASP O 44 8.41 -0.41 -42.92
CA ASP O 44 9.37 -1.41 -43.35
C ASP O 44 8.68 -2.73 -43.68
N LEU O 45 7.79 -3.18 -42.79
CA LEU O 45 7.06 -4.41 -43.02
C LEU O 45 6.16 -4.30 -44.24
N PHE O 46 5.50 -3.14 -44.42
CA PHE O 46 4.64 -2.95 -45.58
C PHE O 46 5.45 -2.97 -46.86
N SER O 47 6.64 -2.37 -46.86
CA SER O 47 7.50 -2.41 -48.04
C SER O 47 7.91 -3.84 -48.37
N MET O 48 8.30 -4.61 -47.34
CA MET O 48 8.70 -5.99 -47.57
C MET O 48 7.54 -6.81 -48.13
N LEU O 49 6.33 -6.57 -47.62
CA LEU O 49 5.17 -7.31 -48.11
C LEU O 49 4.77 -6.87 -49.52
N LEU O 50 4.99 -5.60 -49.86
CA LEU O 50 4.72 -5.14 -51.22
C LEU O 50 5.70 -5.77 -52.21
N GLU O 51 6.96 -5.91 -51.82
CA GLU O 51 7.93 -6.50 -52.73
C GLU O 51 7.68 -7.97 -53.00
N GLN O 52 6.99 -8.65 -52.07
CA GLN O 52 6.69 -10.07 -52.22
C GLN O 52 5.33 -10.33 -52.84
N ASN O 53 4.62 -9.28 -53.26
CA ASN O 53 3.28 -9.36 -53.83
C ASN O 53 2.25 -9.90 -52.84
N ASP O 54 2.56 -9.89 -51.55
CA ASP O 54 1.58 -10.25 -50.54
C ASP O 54 0.55 -9.15 -50.34
N LEU O 55 0.94 -7.91 -50.62
CA LEU O 55 0.06 -6.75 -50.48
C LEU O 55 0.03 -5.98 -51.79
N GLU O 56 -1.17 -5.77 -52.33
CA GLU O 56 -1.37 -5.02 -53.56
C GLU O 56 -2.58 -4.11 -53.37
N PRO O 57 -2.66 -3.02 -54.15
CA PRO O 57 -3.85 -2.15 -54.05
C PRO O 57 -5.15 -2.87 -54.33
N GLY O 58 -5.14 -3.90 -55.18
CA GLY O 58 -6.32 -4.70 -55.44
C GLY O 58 -6.44 -5.96 -54.61
N HIS O 59 -5.56 -6.19 -53.64
CA HIS O 59 -5.60 -7.39 -52.81
C HIS O 59 -5.17 -7.01 -51.40
N THR O 60 -6.14 -6.83 -50.51
CA THR O 60 -5.87 -6.37 -49.15
C THR O 60 -6.28 -7.38 -48.09
N GLU O 61 -6.40 -8.66 -48.45
CA GLU O 61 -6.90 -9.66 -47.50
C GLU O 61 -5.96 -9.83 -46.32
N LEU O 62 -4.65 -9.88 -46.58
CA LEU O 62 -3.69 -10.07 -45.49
C LEU O 62 -3.69 -8.88 -44.53
N LEU O 63 -3.81 -7.67 -45.08
CA LEU O 63 -3.88 -6.48 -44.24
C LEU O 63 -5.10 -6.53 -43.33
N ARG O 64 -6.26 -6.91 -43.87
CA ARG O 64 -7.46 -7.00 -43.06
C ARG O 64 -7.34 -8.08 -42.00
N GLU O 65 -6.74 -9.22 -42.34
CA GLU O 65 -6.54 -10.28 -41.35
C GLU O 65 -5.64 -9.81 -40.21
N LEU O 66 -4.54 -9.13 -40.56
CA LEU O 66 -3.62 -8.63 -39.54
C LEU O 66 -4.29 -7.59 -38.66
N LEU O 67 -5.08 -6.69 -39.24
CA LEU O 67 -5.76 -5.68 -38.45
C LEU O 67 -6.86 -6.28 -37.58
N ALA O 68 -7.53 -7.32 -38.06
CA ALA O 68 -8.53 -7.99 -37.24
C ALA O 68 -7.90 -8.74 -36.08
N SER O 69 -6.71 -9.32 -36.29
CA SER O 69 -6.01 -9.97 -35.18
C SER O 69 -5.64 -8.98 -34.08
N LEU O 70 -5.32 -7.74 -34.46
CA LEU O 70 -5.03 -6.70 -33.49
C LEU O 70 -6.29 -6.07 -32.89
N ARG O 71 -7.47 -6.43 -33.40
CA ARG O 71 -8.75 -5.87 -32.95
C ARG O 71 -8.78 -4.35 -33.14
N ARG O 72 -8.28 -3.88 -34.27
CA ARG O 72 -8.28 -2.46 -34.62
C ARG O 72 -9.30 -2.26 -35.73
N HIS O 73 -10.56 -2.07 -35.36
CA HIS O 73 -11.62 -1.87 -36.33
C HIS O 73 -11.68 -0.44 -36.85
N ASP O 74 -11.13 0.53 -36.11
CA ASP O 74 -11.07 1.89 -36.63
C ASP O 74 -10.14 1.98 -37.83
N LEU O 75 -9.12 1.12 -37.89
CA LEU O 75 -8.26 1.05 -39.06
C LEU O 75 -8.91 0.24 -40.19
N LEU O 76 -9.70 -0.78 -39.84
CA LEU O 76 -10.45 -1.50 -40.85
C LEU O 76 -11.47 -0.60 -41.53
N ARG O 77 -12.02 0.38 -40.81
CA ARG O 77 -12.90 1.35 -41.44
C ARG O 77 -12.15 2.20 -42.47
N ARG O 78 -10.92 2.59 -42.16
CA ARG O 78 -10.12 3.34 -43.13
C ARG O 78 -9.82 2.49 -44.36
N VAL O 79 -9.51 1.21 -44.15
CA VAL O 79 -9.27 0.31 -45.28
C VAL O 79 -10.52 0.20 -46.14
N ASP O 80 -11.69 0.07 -45.51
CA ASP O 80 -12.94 0.02 -46.26
C ASP O 80 -13.16 1.31 -47.04
N ASP O 81 -12.85 2.45 -46.42
CA ASP O 81 -13.02 3.74 -47.09
C ASP O 81 -12.12 3.85 -48.31
N PHE O 82 -10.91 3.28 -48.24
CA PHE O 82 -10.02 3.33 -49.39
C PHE O 82 -10.60 2.59 -50.59
N GLU O 83 -11.17 1.40 -50.35
CA GLU O 83 -11.69 0.60 -51.45
C GLU O 83 -12.95 1.18 -52.05
N ALA O 84 -13.69 2.01 -51.31
CA ALA O 84 -14.88 2.64 -51.86
C ALA O 84 -14.53 3.66 -52.94
N GLY O 85 -13.48 4.46 -52.73
CA GLY O 85 -13.09 5.44 -53.72
C GLY O 85 -12.18 4.88 -54.80
N ALA O 86 -11.78 3.63 -54.65
CA ALA O 86 -10.90 2.96 -55.61
C ALA O 86 -11.63 1.97 -56.49
N ALA O 87 -12.96 2.07 -56.59
CA ALA O 87 -13.73 1.17 -57.41
C ALA O 87 -13.90 1.71 -58.83
N MET P 1 -26.76 30.58 28.66
CA MET P 1 -27.65 29.65 29.36
C MET P 1 -29.09 29.82 28.91
N ASP P 2 -29.68 28.75 28.40
CA ASP P 2 -31.05 28.79 27.93
C ASP P 2 -32.01 28.78 29.12
N PRO P 3 -32.87 29.80 29.26
CA PRO P 3 -33.83 29.78 30.37
C PRO P 3 -34.77 28.59 30.35
N PHE P 4 -35.19 28.16 29.16
CA PHE P 4 -36.09 27.00 29.08
C PHE P 4 -35.39 25.73 29.56
N LEU P 5 -34.12 25.55 29.18
CA LEU P 5 -33.36 24.40 29.66
C LEU P 5 -33.14 24.46 31.16
N VAL P 6 -32.88 25.66 31.70
CA VAL P 6 -32.74 25.79 33.15
C VAL P 6 -34.04 25.44 33.85
N LEU P 7 -35.18 25.91 33.32
CA LEU P 7 -36.47 25.59 33.92
C LEU P 7 -36.72 24.08 33.90
N LEU P 8 -36.44 23.43 32.77
CA LEU P 8 -36.65 21.99 32.68
C LEU P 8 -35.74 21.23 33.64
N HIS P 9 -34.48 21.65 33.76
CA HIS P 9 -33.57 21.01 34.71
C HIS P 9 -34.06 21.18 36.14
N SER P 10 -34.53 22.38 36.49
CA SER P 10 -35.05 22.61 37.83
C SER P 10 -36.28 21.75 38.11
N VAL P 11 -37.16 21.61 37.13
CA VAL P 11 -38.35 20.78 37.31
C VAL P 11 -37.95 19.31 37.48
N SER P 12 -37.00 18.84 36.66
CA SER P 12 -36.57 17.46 36.75
C SER P 12 -35.87 17.16 38.07
N SER P 13 -35.23 18.16 38.67
CA SER P 13 -34.54 17.95 39.94
C SER P 13 -35.49 17.83 41.13
N SER P 14 -36.78 18.10 40.95
CA SER P 14 -37.74 18.09 42.05
C SER P 14 -38.74 16.95 41.94
N LEU P 15 -38.41 15.88 41.22
CA LEU P 15 -39.30 14.74 41.06
C LEU P 15 -38.68 13.50 41.69
N SER P 16 -39.54 12.61 42.17
CA SER P 16 -39.13 11.34 42.74
C SER P 16 -39.24 10.24 41.69
N SER P 17 -38.87 9.02 42.07
CA SER P 17 -38.92 7.89 41.15
C SER P 17 -40.35 7.51 40.80
N SER P 18 -41.25 7.54 41.79
CA SER P 18 -42.64 7.20 41.53
C SER P 18 -43.29 8.21 40.58
N GLU P 19 -42.96 9.49 40.75
CA GLU P 19 -43.49 10.50 39.84
C GLU P 19 -42.99 10.28 38.42
N LEU P 20 -41.72 9.89 38.28
CA LEU P 20 -41.19 9.57 36.95
C LEU P 20 -41.90 8.37 36.35
N THR P 21 -42.17 7.35 37.16
CA THR P 21 -42.90 6.19 36.67
C THR P 21 -44.31 6.58 36.21
N GLU P 22 -44.97 7.47 36.95
CA GLU P 22 -46.28 7.95 36.55
C GLU P 22 -46.20 8.75 35.25
N LEU P 23 -45.16 9.59 35.10
CA LEU P 23 -45.00 10.36 33.88
C LEU P 23 -44.77 9.47 32.67
N LYS P 24 -43.96 8.42 32.81
CA LYS P 24 -43.71 7.53 31.68
C LYS P 24 -44.97 6.80 31.25
N PHE P 25 -45.92 6.59 32.17
CA PHE P 25 -47.17 5.94 31.81
C PHE P 25 -48.06 6.86 30.98
N LEU P 26 -48.09 8.15 31.32
CA LEU P 26 -48.94 9.09 30.59
C LEU P 26 -48.42 9.42 29.20
N CYS P 27 -47.16 9.10 28.90
CA CYS P 27 -46.57 9.33 27.59
C CYS P 27 -46.50 8.04 26.77
N LEU P 28 -47.42 7.12 27.02
CA LEU P 28 -47.42 5.84 26.30
C LEU P 28 -47.67 6.03 24.80
N GLY P 29 -48.60 6.90 24.46
CA GLY P 29 -48.94 7.15 23.07
C GLY P 29 -48.07 8.15 22.34
N ARG P 30 -47.08 8.73 23.02
CA ARG P 30 -46.19 9.72 22.41
C ARG P 30 -44.78 9.20 22.18
N VAL P 31 -44.29 8.32 23.04
CA VAL P 31 -42.94 7.77 22.94
C VAL P 31 -43.04 6.26 22.82
N GLY P 32 -42.20 5.68 21.95
CA GLY P 32 -42.20 4.25 21.78
C GLY P 32 -41.66 3.51 22.99
N LYS P 33 -42.01 2.22 23.07
CA LYS P 33 -41.65 1.42 24.23
C LYS P 33 -40.14 1.27 24.35
N ARG P 34 -39.46 1.04 23.23
CA ARG P 34 -38.00 0.86 23.27
C ARG P 34 -37.30 2.13 23.75
N LYS P 35 -37.76 3.30 23.29
CA LYS P 35 -37.18 4.56 23.75
C LYS P 35 -37.47 4.80 25.23
N LEU P 36 -38.68 4.46 25.69
CA LEU P 36 -39.06 4.68 27.08
C LEU P 36 -38.22 3.86 28.05
N GLU P 37 -37.63 2.77 27.59
CA GLU P 37 -36.82 1.92 28.47
C GLU P 37 -35.49 2.58 28.85
N ARG P 38 -35.11 3.67 28.17
CA ARG P 38 -33.86 4.37 28.42
C ARG P 38 -34.04 5.60 29.30
N VAL P 39 -35.21 5.78 29.90
CA VAL P 39 -35.49 6.96 30.71
C VAL P 39 -35.24 6.62 32.18
N GLN P 40 -34.28 7.32 32.79
CA GLN P 40 -33.99 7.18 34.20
C GLN P 40 -34.20 8.46 34.98
N SER P 41 -34.52 9.56 34.31
CA SER P 41 -34.78 10.83 34.96
C SER P 41 -35.68 11.66 34.05
N GLY P 42 -36.13 12.80 34.58
CA GLY P 42 -36.99 13.67 33.79
C GLY P 42 -36.26 14.30 32.62
N LEU P 43 -34.94 14.42 32.70
CA LEU P 43 -34.18 15.05 31.62
C LEU P 43 -34.27 14.24 30.34
N ASP P 44 -34.21 12.91 30.44
CA ASP P 44 -34.27 12.06 29.26
C ASP P 44 -35.62 12.19 28.55
N LEU P 45 -36.70 12.12 29.33
CA LEU P 45 -38.04 12.26 28.76
C LEU P 45 -38.24 13.66 28.17
N PHE P 46 -37.71 14.69 28.84
CA PHE P 46 -37.82 16.04 28.31
C PHE P 46 -37.07 16.19 26.99
N SER P 47 -35.89 15.58 26.89
CA SER P 47 -35.15 15.61 25.63
C SER P 47 -35.93 14.92 24.52
N MET P 48 -36.50 13.75 24.83
CA MET P 48 -37.31 13.03 23.84
C MET P 48 -38.49 13.87 23.38
N LEU P 49 -39.16 14.54 24.32
CA LEU P 49 -40.30 15.38 23.95
C LEU P 49 -39.88 16.60 23.16
N LEU P 50 -38.71 17.17 23.47
CA LEU P 50 -38.21 18.33 22.73
C LEU P 50 -37.90 17.95 21.28
N GLU P 51 -37.30 16.78 21.07
CA GLU P 51 -36.95 16.39 19.69
C GLU P 51 -38.18 16.15 18.84
N GLN P 52 -39.31 15.82 19.45
CA GLN P 52 -40.56 15.58 18.73
C GLN P 52 -41.44 16.81 18.61
N ASN P 53 -40.96 17.97 19.07
CA ASN P 53 -41.70 19.22 19.08
C ASN P 53 -42.97 19.16 19.91
N ASP P 54 -43.05 18.21 20.84
CA ASP P 54 -44.15 18.20 21.80
C ASP P 54 -43.96 19.25 22.88
N LEU P 55 -42.72 19.61 23.17
CA LEU P 55 -42.38 20.62 24.17
C LEU P 55 -41.57 21.72 23.49
N GLU P 56 -42.01 22.96 23.66
CA GLU P 56 -41.34 24.12 23.09
C GLU P 56 -41.41 25.27 24.07
N PRO P 57 -40.44 26.19 24.02
CA PRO P 57 -40.47 27.36 24.92
C PRO P 57 -41.74 28.20 24.78
N GLY P 58 -42.33 28.26 23.59
CA GLY P 58 -43.57 28.97 23.38
C GLY P 58 -44.81 28.11 23.39
N HIS P 59 -44.71 26.83 23.75
CA HIS P 59 -45.85 25.91 23.76
C HIS P 59 -45.59 24.89 24.87
N THR P 60 -46.24 25.10 26.02
CA THR P 60 -45.98 24.29 27.21
C THR P 60 -47.23 23.61 27.74
N GLU P 61 -48.26 23.42 26.91
CA GLU P 61 -49.52 22.86 27.39
C GLU P 61 -49.33 21.44 27.90
N LEU P 62 -48.54 20.63 27.19
CA LEU P 62 -48.33 19.24 27.60
C LEU P 62 -47.63 19.17 28.96
N LEU P 63 -46.63 20.04 29.19
CA LEU P 63 -45.96 20.07 30.48
C LEU P 63 -46.94 20.43 31.59
N ARG P 64 -47.81 21.41 31.35
CA ARG P 64 -48.80 21.80 32.35
C ARG P 64 -49.76 20.67 32.65
N GLU P 65 -50.22 19.94 31.62
CA GLU P 65 -51.12 18.82 31.84
C GLU P 65 -50.44 17.71 32.64
N LEU P 66 -49.18 17.40 32.30
CA LEU P 66 -48.45 16.38 33.03
C LEU P 66 -48.25 16.76 34.49
N LEU P 67 -47.93 18.04 34.75
CA LEU P 67 -47.75 18.47 36.13
C LEU P 67 -49.07 18.52 36.89
N ALA P 68 -50.17 18.83 36.20
CA ALA P 68 -51.47 18.84 36.86
C ALA P 68 -51.95 17.44 37.19
N SER P 69 -51.61 16.45 36.35
CA SER P 69 -51.95 15.07 36.67
C SER P 69 -51.24 14.59 37.94
N LEU P 70 -49.98 14.98 38.12
CA LEU P 70 -49.23 14.64 39.32
C LEU P 70 -49.67 15.44 40.54
N ARG P 71 -50.52 16.46 40.35
CA ARG P 71 -50.97 17.33 41.43
C ARG P 71 -49.81 18.08 42.07
N ARG P 72 -48.88 18.55 41.24
CA ARG P 72 -47.73 19.33 41.69
C ARG P 72 -47.94 20.78 41.23
N HIS P 73 -48.65 21.55 42.05
CA HIS P 73 -48.93 22.94 41.72
C HIS P 73 -47.78 23.88 42.03
N ASP P 74 -46.86 23.46 42.92
CA ASP P 74 -45.68 24.26 43.18
C ASP P 74 -44.79 24.36 41.94
N LEU P 75 -44.70 23.29 41.16
CA LEU P 75 -43.96 23.33 39.91
C LEU P 75 -44.71 24.09 38.83
N LEU P 76 -46.04 24.00 38.81
CA LEU P 76 -46.83 24.82 37.90
C LEU P 76 -46.62 26.30 38.17
N ARG P 77 -46.41 26.67 39.43
CA ARG P 77 -46.09 28.06 39.73
C ARG P 77 -44.77 28.48 39.10
N ARG P 78 -43.75 27.62 39.17
CA ARG P 78 -42.48 27.95 38.51
C ARG P 78 -42.65 28.09 37.01
N VAL P 79 -43.46 27.21 36.41
CA VAL P 79 -43.76 27.33 34.98
C VAL P 79 -44.43 28.67 34.69
N ASP P 80 -45.34 29.10 35.57
CA ASP P 80 -46.00 30.39 35.39
C ASP P 80 -45.02 31.54 35.44
N ASP P 81 -44.09 31.53 36.41
CA ASP P 81 -43.07 32.56 36.48
C ASP P 81 -42.16 32.54 35.25
N PHE P 82 -41.94 31.38 34.65
CA PHE P 82 -41.12 31.35 33.44
C PHE P 82 -41.78 32.14 32.31
N GLU P 83 -43.07 31.92 32.09
CA GLU P 83 -43.77 32.59 30.98
C GLU P 83 -43.89 34.10 31.21
N ALA P 84 -43.99 34.54 32.45
CA ALA P 84 -44.11 35.97 32.73
C ALA P 84 -42.86 36.75 32.32
N GLY P 85 -41.70 36.11 32.37
CA GLY P 85 -40.47 36.76 31.94
C GLY P 85 -40.22 36.65 30.46
N ALA P 86 -40.92 35.73 29.80
CA ALA P 86 -40.77 35.51 28.37
C ALA P 86 -41.89 36.13 27.54
N ALA P 87 -42.71 36.98 28.14
CA ALA P 87 -43.81 37.62 27.43
C ALA P 87 -43.30 38.66 26.44
N MET Q 1 8.47 -31.91 -19.00
CA MET Q 1 8.73 -31.01 -17.88
C MET Q 1 9.57 -31.68 -16.81
N ASP Q 2 10.34 -30.87 -16.08
CA ASP Q 2 11.13 -31.37 -14.98
C ASP Q 2 10.25 -31.60 -13.75
N PRO Q 3 10.21 -32.82 -13.20
CA PRO Q 3 9.42 -33.03 -11.97
C PRO Q 3 9.88 -32.17 -10.81
N PHE Q 4 11.19 -31.93 -10.68
CA PHE Q 4 11.68 -31.08 -9.60
C PHE Q 4 11.18 -29.65 -9.75
N LEU Q 5 11.22 -29.12 -10.98
CA LEU Q 5 10.71 -27.78 -11.22
C LEU Q 5 9.21 -27.69 -10.99
N VAL Q 6 8.47 -28.73 -11.37
CA VAL Q 6 7.03 -28.75 -11.10
C VAL Q 6 6.76 -28.74 -9.60
N LEU Q 7 7.53 -29.53 -8.83
CA LEU Q 7 7.36 -29.55 -7.38
C LEU Q 7 7.69 -28.19 -6.77
N LEU Q 8 8.76 -27.55 -7.25
CA LEU Q 8 9.12 -26.23 -6.72
C LEU Q 8 8.05 -25.19 -7.05
N HIS Q 9 7.48 -25.25 -8.26
CA HIS Q 9 6.39 -24.34 -8.62
C HIS Q 9 5.18 -24.56 -7.72
N SER Q 10 4.83 -25.82 -7.48
CA SER Q 10 3.71 -26.14 -6.59
C SER Q 10 3.95 -25.61 -5.18
N VAL Q 11 5.17 -25.78 -4.66
CA VAL Q 11 5.48 -25.29 -3.32
C VAL Q 11 5.39 -23.76 -3.28
N SER Q 12 5.90 -23.10 -4.32
CA SER Q 12 5.85 -21.64 -4.36
C SER Q 12 4.43 -21.13 -4.45
N SER Q 13 3.52 -21.88 -5.09
CA SER Q 13 2.14 -21.45 -5.22
C SER Q 13 1.36 -21.48 -3.91
N SER Q 14 1.89 -22.10 -2.86
CA SER Q 14 1.17 -22.27 -1.60
C SER Q 14 1.77 -21.44 -0.46
N LEU Q 15 2.44 -20.34 -0.77
CA LEU Q 15 3.09 -19.51 0.23
C LEU Q 15 2.50 -18.11 0.21
N SER Q 16 2.47 -17.47 1.38
CA SER Q 16 2.00 -16.11 1.53
C SER Q 16 3.18 -15.14 1.61
N SER Q 17 2.87 -13.85 1.70
CA SER Q 17 3.91 -12.84 1.78
C SER Q 17 4.70 -12.95 3.08
N SER Q 18 4.01 -13.20 4.19
CA SER Q 18 4.69 -13.35 5.48
C SER Q 18 5.62 -14.56 5.47
N GLU Q 19 5.16 -15.67 4.89
CA GLU Q 19 6.01 -16.85 4.79
C GLU Q 19 7.24 -16.58 3.93
N LEU Q 20 7.08 -15.84 2.83
CA LEU Q 20 8.23 -15.48 2.01
C LEU Q 20 9.20 -14.59 2.78
N THR Q 21 8.66 -13.63 3.54
CA THR Q 21 9.53 -12.76 4.36
C THR Q 21 10.30 -13.57 5.38
N GLU Q 22 9.64 -14.56 6.01
CA GLU Q 22 10.34 -15.43 6.95
C GLU Q 22 11.42 -16.24 6.24
N LEU Q 23 11.14 -16.73 5.04
CA LEU Q 23 12.12 -17.48 4.28
C LEU Q 23 13.34 -16.63 3.92
N LYS Q 24 13.13 -15.37 3.54
CA LYS Q 24 14.24 -14.52 3.18
C LYS Q 24 15.14 -14.21 4.37
N PHE Q 25 14.58 -14.14 5.57
CA PHE Q 25 15.39 -13.92 6.77
C PHE Q 25 16.27 -15.13 7.07
N LEU Q 26 15.74 -16.34 6.91
CA LEU Q 26 16.50 -17.55 7.22
C LEU Q 26 17.61 -17.82 6.21
N CYS Q 27 17.63 -17.11 5.08
CA CYS Q 27 18.68 -17.24 4.08
C CYS Q 27 19.59 -16.01 4.04
N LEU Q 28 19.74 -15.33 5.18
CA LEU Q 28 20.54 -14.11 5.24
C LEU Q 28 22.00 -14.38 4.91
N GLY Q 29 22.55 -15.47 5.44
CA GLY Q 29 23.94 -15.80 5.23
C GLY Q 29 24.25 -16.56 3.95
N ARG Q 30 23.23 -16.95 3.19
CA ARG Q 30 23.44 -17.73 1.97
C ARG Q 30 23.35 -16.89 0.71
N VAL Q 31 22.49 -15.87 0.70
CA VAL Q 31 22.30 -14.99 -0.45
C VAL Q 31 22.62 -13.56 -0.01
N GLY Q 32 23.26 -12.81 -0.90
CA GLY Q 32 23.62 -11.45 -0.58
C GLY Q 32 22.42 -10.53 -0.50
N LYS Q 33 22.62 -9.38 0.14
CA LYS Q 33 21.53 -8.44 0.37
C LYS Q 33 20.98 -7.89 -0.94
N ARG Q 34 21.87 -7.53 -1.87
CA ARG Q 34 21.43 -6.97 -3.14
C ARG Q 34 20.59 -7.96 -3.94
N LYS Q 35 21.01 -9.22 -3.96
CA LYS Q 35 20.24 -10.25 -4.65
C LYS Q 35 18.90 -10.51 -3.98
N LEU Q 36 18.88 -10.54 -2.64
CA LEU Q 36 17.65 -10.81 -1.91
C LEU Q 36 16.61 -9.71 -2.08
N GLU Q 37 17.04 -8.52 -2.52
CA GLU Q 37 16.09 -7.43 -2.72
C GLU Q 37 15.19 -7.64 -3.93
N ARG Q 38 15.59 -8.51 -4.87
CA ARG Q 38 14.83 -8.76 -6.08
C ARG Q 38 13.86 -9.93 -5.94
N VAL Q 39 13.78 -10.55 -4.76
CA VAL Q 39 12.93 -11.71 -4.55
C VAL Q 39 11.53 -11.22 -4.21
N GLN Q 40 10.57 -11.54 -5.09
CA GLN Q 40 9.18 -11.22 -4.87
C GLN Q 40 8.29 -12.44 -4.81
N SER Q 41 8.86 -13.64 -4.95
CA SER Q 41 8.10 -14.89 -4.86
C SER Q 41 9.07 -16.01 -4.55
N GLY Q 42 8.52 -17.17 -4.22
CA GLY Q 42 9.36 -18.32 -3.92
C GLY Q 42 10.18 -18.79 -5.09
N LEU Q 43 9.69 -18.54 -6.32
CA LEU Q 43 10.40 -19.00 -7.51
C LEU Q 43 11.77 -18.32 -7.64
N ASP Q 44 11.84 -17.02 -7.35
CA ASP Q 44 13.11 -16.30 -7.46
C ASP Q 44 14.14 -16.88 -6.49
N LEU Q 45 13.74 -17.07 -5.23
CA LEU Q 45 14.65 -17.62 -4.23
C LEU Q 45 15.06 -19.05 -4.60
N PHE Q 46 14.12 -19.85 -5.10
CA PHE Q 46 14.44 -21.22 -5.47
C PHE Q 46 15.43 -21.26 -6.63
N SER Q 47 15.27 -20.38 -7.61
CA SER Q 47 16.22 -20.33 -8.72
C SER Q 47 17.60 -19.90 -8.24
N MET Q 48 17.64 -18.90 -7.34
CA MET Q 48 18.93 -18.48 -6.79
C MET Q 48 19.61 -19.61 -6.02
N LEU Q 49 18.84 -20.38 -5.25
CA LEU Q 49 19.41 -21.52 -4.53
C LEU Q 49 19.85 -22.63 -5.48
N LEU Q 50 19.13 -22.81 -6.59
CA LEU Q 50 19.54 -23.80 -7.59
C LEU Q 50 20.86 -23.42 -8.23
N GLU Q 51 21.05 -22.13 -8.53
CA GLU Q 51 22.30 -21.71 -9.16
C GLU Q 51 23.50 -21.91 -8.25
N GLN Q 52 23.31 -21.85 -6.94
CA GLN Q 52 24.40 -21.99 -5.97
C GLN Q 52 24.60 -23.43 -5.51
N ASN Q 53 23.88 -24.40 -6.10
CA ASN Q 53 23.93 -25.80 -5.74
C ASN Q 53 23.46 -26.07 -4.31
N ASP Q 54 22.74 -25.12 -3.71
CA ASP Q 54 22.16 -25.36 -2.39
C ASP Q 54 20.91 -26.23 -2.50
N LEU Q 55 20.26 -26.22 -3.66
CA LEU Q 55 19.07 -27.02 -3.92
C LEU Q 55 19.32 -27.89 -5.15
N GLU Q 56 19.12 -29.19 -4.99
CA GLU Q 56 19.29 -30.15 -6.07
C GLU Q 56 18.18 -31.19 -5.99
N PRO Q 57 17.84 -31.83 -7.10
CA PRO Q 57 16.85 -32.93 -7.05
C PRO Q 57 17.25 -34.07 -6.14
N GLY Q 58 18.55 -34.31 -5.98
CA GLY Q 58 19.03 -35.34 -5.08
C GLY Q 58 19.45 -34.87 -3.70
N HIS Q 59 19.31 -33.58 -3.39
CA HIS Q 59 19.67 -33.04 -2.08
C HIS Q 59 18.63 -31.99 -1.72
N THR Q 60 17.63 -32.38 -0.91
CA THR Q 60 16.55 -31.48 -0.53
C THR Q 60 16.55 -31.18 0.97
N GLU Q 61 17.70 -31.28 1.62
CA GLU Q 61 17.77 -31.07 3.07
C GLU Q 61 17.42 -29.63 3.44
N LEU Q 62 17.94 -28.67 2.66
CA LEU Q 62 17.70 -27.26 2.98
C LEU Q 62 16.22 -26.92 2.83
N LEU Q 63 15.57 -27.45 1.79
CA LEU Q 63 14.14 -27.22 1.60
C LEU Q 63 13.34 -27.79 2.75
N ARG Q 64 13.68 -29.00 3.19
CA ARG Q 64 12.99 -29.61 4.33
C ARG Q 64 13.18 -28.80 5.60
N GLU Q 65 14.40 -28.32 5.87
CA GLU Q 65 14.63 -27.50 7.05
C GLU Q 65 13.85 -26.19 6.99
N LEU Q 66 13.84 -25.54 5.82
CA LEU Q 66 13.10 -24.30 5.68
C LEU Q 66 11.60 -24.51 5.88
N LEU Q 67 11.07 -25.60 5.34
CA LEU Q 67 9.64 -25.88 5.52
C LEU Q 67 9.33 -26.26 6.96
N ALA Q 68 10.25 -26.94 7.65
CA ALA Q 68 10.03 -27.26 9.06
C ALA Q 68 10.05 -26.01 9.92
N SER Q 69 10.89 -25.02 9.59
CA SER Q 69 10.87 -23.77 10.34
C SER Q 69 9.56 -23.02 10.15
N LEU Q 70 8.91 -23.17 8.99
CA LEU Q 70 7.62 -22.57 8.74
C LEU Q 70 6.46 -23.39 9.32
N ARG Q 71 6.74 -24.57 9.85
CA ARG Q 71 5.72 -25.48 10.37
C ARG Q 71 4.67 -25.82 9.32
N ARG Q 72 5.13 -26.06 8.09
CA ARG Q 72 4.26 -26.43 6.98
C ARG Q 72 4.53 -27.90 6.65
N HIS Q 73 3.84 -28.79 7.36
CA HIS Q 73 4.00 -30.23 7.15
C HIS Q 73 3.22 -30.74 5.95
N ASP Q 74 2.18 -30.03 5.51
CA ASP Q 74 1.47 -30.41 4.30
C ASP Q 74 2.39 -30.34 3.08
N LEU Q 75 3.25 -29.32 3.02
CA LEU Q 75 4.23 -29.21 1.95
C LEU Q 75 5.36 -30.22 2.11
N LEU Q 76 5.73 -30.55 3.35
CA LEU Q 76 6.70 -31.61 3.57
C LEU Q 76 6.19 -32.94 3.06
N ARG Q 77 4.87 -33.17 3.16
CA ARG Q 77 4.32 -34.41 2.59
C ARG Q 77 4.48 -34.44 1.07
N ARG Q 78 4.29 -33.30 0.40
CA ARG Q 78 4.53 -33.25 -1.04
C ARG Q 78 5.99 -33.52 -1.36
N VAL Q 79 6.91 -32.96 -0.58
CA VAL Q 79 8.33 -33.21 -0.80
C VAL Q 79 8.64 -34.70 -0.62
N ASP Q 80 8.02 -35.32 0.38
CA ASP Q 80 8.19 -36.77 0.57
C ASP Q 80 7.65 -37.55 -0.62
N ASP Q 81 6.50 -37.14 -1.14
CA ASP Q 81 5.91 -37.84 -2.29
C ASP Q 81 6.79 -37.72 -3.52
N PHE Q 82 7.45 -36.57 -3.70
CA PHE Q 82 8.31 -36.40 -4.87
C PHE Q 82 9.46 -37.40 -4.88
N GLU Q 83 10.07 -37.62 -3.72
CA GLU Q 83 11.24 -38.49 -3.64
C GLU Q 83 10.90 -39.96 -3.85
N ALA Q 84 9.70 -40.38 -3.46
CA ALA Q 84 9.33 -41.80 -3.60
C ALA Q 84 9.27 -42.22 -5.06
N GLY Q 85 8.78 -41.37 -5.95
CA GLY Q 85 8.70 -41.69 -7.36
C GLY Q 85 10.02 -41.50 -8.09
N ALA Q 86 10.97 -40.82 -7.43
CA ALA Q 86 12.27 -40.55 -8.03
C ALA Q 86 13.37 -41.48 -7.51
N ALA Q 87 13.00 -42.53 -6.78
CA ALA Q 87 13.97 -43.46 -6.23
C ALA Q 87 14.64 -44.28 -7.33
N MET R 1 -17.59 -29.49 -3.59
CA MET R 1 -17.52 -29.03 -2.20
C MET R 1 -16.96 -30.13 -1.31
N ASP R 2 -15.92 -29.80 -0.55
CA ASP R 2 -15.29 -30.76 0.35
C ASP R 2 -16.16 -30.96 1.58
N PRO R 3 -16.61 -32.18 1.87
CA PRO R 3 -17.44 -32.40 3.07
C PRO R 3 -16.73 -32.04 4.36
N PHE R 4 -15.42 -32.28 4.45
CA PHE R 4 -14.69 -31.90 5.65
C PHE R 4 -14.70 -30.38 5.85
N LEU R 5 -14.50 -29.63 4.78
CA LEU R 5 -14.55 -28.17 4.88
C LEU R 5 -15.95 -27.68 5.21
N VAL R 6 -16.98 -28.33 4.65
CA VAL R 6 -18.35 -27.95 5.01
C VAL R 6 -18.62 -28.21 6.49
N LEU R 7 -18.16 -29.35 7.01
CA LEU R 7 -18.33 -29.65 8.42
C LEU R 7 -17.60 -28.63 9.30
N LEU R 8 -16.37 -28.28 8.92
CA LEU R 8 -15.63 -27.30 9.71
C LEU R 8 -16.30 -25.93 9.69
N HIS R 9 -16.83 -25.52 8.53
CA HIS R 9 -17.54 -24.25 8.45
C HIS R 9 -18.79 -24.26 9.32
N SER R 10 -19.53 -25.38 9.31
CA SER R 10 -20.74 -25.49 10.12
C SER R 10 -20.40 -25.47 11.62
N VAL R 11 -19.30 -26.10 12.01
CA VAL R 11 -18.86 -26.05 13.39
C VAL R 11 -18.46 -24.62 13.77
N SER R 12 -17.77 -23.92 12.88
CA SER R 12 -17.35 -22.55 13.17
C SER R 12 -18.55 -21.62 13.30
N SER R 13 -19.62 -21.86 12.55
CA SER R 13 -20.81 -21.02 12.64
C SER R 13 -21.56 -21.16 13.96
N SER R 14 -21.23 -22.16 14.78
CA SER R 14 -21.97 -22.45 16.00
C SER R 14 -21.19 -22.11 17.26
N LEU R 15 -20.19 -21.24 17.16
CA LEU R 15 -19.34 -20.90 18.30
C LEU R 15 -19.40 -19.41 18.57
N SER R 16 -19.36 -19.05 19.85
CA SER R 16 -19.36 -17.66 20.28
C SER R 16 -17.93 -17.17 20.47
N SER R 17 -17.79 -15.88 20.79
CA SER R 17 -16.47 -15.30 20.97
C SER R 17 -15.77 -15.84 22.21
N SER R 18 -16.52 -16.07 23.29
CA SER R 18 -15.92 -16.64 24.50
C SER R 18 -15.42 -18.06 24.26
N GLU R 19 -16.17 -18.85 23.49
CA GLU R 19 -15.72 -20.19 23.15
C GLU R 19 -14.45 -20.14 22.28
N LEU R 20 -14.37 -19.17 21.38
CA LEU R 20 -13.16 -19.00 20.58
C LEU R 20 -11.98 -18.63 21.47
N THR R 21 -12.20 -17.75 22.45
CA THR R 21 -11.14 -17.40 23.38
C THR R 21 -10.68 -18.61 24.19
N GLU R 22 -11.62 -19.45 24.59
CA GLU R 22 -11.26 -20.69 25.29
C GLU R 22 -10.46 -21.62 24.39
N LEU R 23 -10.85 -21.72 23.12
CA LEU R 23 -10.13 -22.57 22.17
C LEU R 23 -8.72 -22.08 21.93
N LYS R 24 -8.53 -20.76 21.83
CA LYS R 24 -7.20 -20.24 21.57
C LYS R 24 -6.24 -20.49 22.75
N PHE R 25 -6.77 -20.54 23.97
CA PHE R 25 -5.94 -20.84 25.13
C PHE R 25 -5.46 -22.28 25.10
N LEU R 26 -6.33 -23.22 24.71
CA LEU R 26 -5.97 -24.63 24.68
C LEU R 26 -4.99 -24.96 23.57
N CYS R 27 -4.78 -24.07 22.61
CA CYS R 27 -3.83 -24.27 21.51
C CYS R 27 -2.56 -23.45 21.72
N LEU R 28 -2.25 -23.11 22.97
CA LEU R 28 -1.08 -22.28 23.25
C LEU R 28 0.21 -22.97 22.84
N GLY R 29 0.33 -24.26 23.12
CA GLY R 29 1.53 -25.00 22.78
C GLY R 29 1.63 -25.50 21.36
N ARG R 30 0.60 -25.27 20.55
CA ARG R 30 0.57 -25.76 19.17
C ARG R 30 0.76 -24.66 18.14
N VAL R 31 0.34 -23.44 18.44
CA VAL R 31 0.45 -22.30 17.53
C VAL R 31 1.20 -21.18 18.23
N GLY R 32 1.99 -20.43 17.48
CA GLY R 32 2.75 -19.34 18.05
C GLY R 32 1.87 -18.15 18.42
N LYS R 33 2.42 -17.28 19.27
CA LYS R 33 1.67 -16.13 19.76
C LYS R 33 1.33 -15.17 18.63
N ARG R 34 2.28 -14.93 17.73
CA ARG R 34 2.04 -13.98 16.64
C ARG R 34 0.94 -14.47 15.70
N LYS R 35 0.94 -15.76 15.39
CA LYS R 35 -0.11 -16.33 14.54
C LYS R 35 -1.46 -16.30 15.23
N LEU R 36 -1.50 -16.58 16.53
CA LEU R 36 -2.76 -16.63 17.26
C LEU R 36 -3.42 -15.26 17.38
N GLU R 37 -2.66 -14.18 17.20
CA GLU R 37 -3.23 -12.84 17.31
C GLU R 37 -4.12 -12.48 16.12
N ARG R 38 -4.00 -13.21 15.01
CA ARG R 38 -4.77 -12.93 13.81
C ARG R 38 -6.04 -13.77 13.72
N VAL R 39 -6.35 -14.55 14.76
CA VAL R 39 -7.52 -15.43 14.75
C VAL R 39 -8.72 -14.66 15.28
N GLN R 40 -9.71 -14.46 14.42
CA GLN R 40 -10.95 -13.80 14.80
C GLN R 40 -12.17 -14.69 14.64
N SER R 41 -11.99 -15.93 14.19
CA SER R 41 -13.09 -16.88 14.04
C SER R 41 -12.52 -18.28 14.07
N GLY R 42 -13.41 -19.27 14.16
CA GLY R 42 -12.96 -20.65 14.16
C GLY R 42 -12.33 -21.08 12.86
N LEU R 43 -12.70 -20.42 11.75
CA LEU R 43 -12.15 -20.76 10.45
C LEU R 43 -10.64 -20.53 10.40
N ASP R 44 -10.17 -19.42 10.97
CA ASP R 44 -8.74 -19.12 10.95
C ASP R 44 -7.95 -20.18 11.71
N LEU R 45 -8.42 -20.53 12.92
CA LEU R 45 -7.76 -21.56 13.71
C LEU R 45 -7.79 -22.90 13.01
N PHE R 46 -8.92 -23.25 12.39
CA PHE R 46 -9.02 -24.54 11.70
C PHE R 46 -8.08 -24.60 10.51
N SER R 47 -7.96 -23.50 9.76
CA SER R 47 -7.01 -23.47 8.64
C SER R 47 -5.59 -23.62 9.14
N MET R 48 -5.24 -22.90 10.21
CA MET R 48 -3.89 -22.99 10.76
C MET R 48 -3.58 -24.40 11.26
N LEU R 49 -4.57 -25.08 11.84
CA LEU R 49 -4.36 -26.45 12.28
C LEU R 49 -4.30 -27.43 11.13
N LEU R 50 -5.03 -27.15 10.04
CA LEU R 50 -4.95 -27.99 8.84
C LEU R 50 -3.56 -27.90 8.21
N GLU R 51 -2.97 -26.70 8.20
CA GLU R 51 -1.65 -26.56 7.58
C GLU R 51 -0.57 -27.35 8.33
N GLN R 52 -0.75 -27.57 9.63
CA GLN R 52 0.22 -28.29 10.43
C GLN R 52 -0.07 -29.78 10.54
N ASN R 53 -1.07 -30.28 9.81
CA ASN R 53 -1.50 -31.68 9.85
C ASN R 53 -2.04 -32.10 11.20
N ASP R 54 -2.36 -31.14 12.07
CA ASP R 54 -3.00 -31.48 13.34
C ASP R 54 -4.46 -31.86 13.13
N LEU R 55 -5.07 -31.38 12.05
CA LEU R 55 -6.44 -31.69 11.69
C LEU R 55 -6.47 -32.26 10.28
N GLU R 56 -7.04 -33.45 10.13
CA GLU R 56 -7.13 -34.13 8.85
C GLU R 56 -8.50 -34.78 8.73
N PRO R 57 -8.98 -34.99 7.51
CA PRO R 57 -10.29 -35.64 7.34
C PRO R 57 -10.36 -37.03 7.96
N GLY R 58 -9.25 -37.76 8.00
CA GLY R 58 -9.21 -39.07 8.63
C GLY R 58 -8.66 -39.10 10.04
N HIS R 59 -8.32 -37.94 10.63
CA HIS R 59 -7.73 -37.89 11.96
C HIS R 59 -8.31 -36.67 12.67
N THR R 60 -9.37 -36.89 13.44
CA THR R 60 -10.10 -35.80 14.09
C THR R 60 -10.05 -35.87 15.60
N GLU R 61 -9.00 -36.46 16.17
CA GLU R 61 -8.92 -36.63 17.62
C GLU R 61 -8.81 -35.28 18.33
N LEU R 62 -7.97 -34.38 17.79
CA LEU R 62 -7.77 -33.09 18.43
C LEU R 62 -9.06 -32.27 18.44
N LEU R 63 -9.81 -32.31 17.33
CA LEU R 63 -11.10 -31.64 17.29
C LEU R 63 -12.05 -32.18 18.35
N ARG R 64 -12.06 -33.50 18.52
CA ARG R 64 -12.94 -34.10 19.52
C ARG R 64 -12.55 -33.70 20.94
N GLU R 65 -11.25 -33.69 21.26
CA GLU R 65 -10.83 -33.24 22.59
C GLU R 65 -11.17 -31.77 22.81
N LEU R 66 -10.97 -30.93 21.80
CA LEU R 66 -11.29 -29.51 21.95
C LEU R 66 -12.78 -29.30 22.16
N LEU R 67 -13.63 -30.05 21.43
CA LEU R 67 -15.07 -29.92 21.62
C LEU R 67 -15.51 -30.48 22.96
N ALA R 68 -14.86 -31.54 23.45
CA ALA R 68 -15.23 -32.09 24.75
C ALA R 68 -14.82 -31.16 25.89
N SER R 69 -13.71 -30.43 25.73
CA SER R 69 -13.33 -29.45 26.74
C SER R 69 -14.37 -28.33 26.85
N LEU R 70 -15.01 -27.98 25.74
CA LEU R 70 -16.05 -26.96 25.74
C LEU R 70 -17.40 -27.49 26.19
N ARG R 71 -17.53 -28.80 26.41
CA ARG R 71 -18.79 -29.44 26.77
C ARG R 71 -19.87 -29.20 25.72
N ARG R 72 -19.49 -29.31 24.44
CA ARG R 72 -20.40 -29.11 23.31
C ARG R 72 -20.62 -30.47 22.66
N HIS R 73 -21.59 -31.22 23.18
CA HIS R 73 -21.89 -32.55 22.66
C HIS R 73 -22.77 -32.52 21.41
N ASP R 74 -23.52 -31.45 21.19
CA ASP R 74 -24.30 -31.31 19.97
C ASP R 74 -23.38 -31.21 18.74
N LEU R 75 -22.22 -30.57 18.90
CA LEU R 75 -21.24 -30.52 17.82
C LEU R 75 -20.49 -31.84 17.67
N LEU R 76 -20.24 -32.54 18.79
CA LEU R 76 -19.65 -33.87 18.71
C LEU R 76 -20.56 -34.82 17.96
N ARG R 77 -21.88 -34.65 18.09
CA ARG R 77 -22.80 -35.47 17.30
C ARG R 77 -22.64 -35.21 15.81
N ARG R 78 -22.47 -33.95 15.41
CA ARG R 78 -22.23 -33.64 14.00
C ARG R 78 -20.93 -34.26 13.52
N VAL R 79 -19.88 -34.20 14.34
CA VAL R 79 -18.61 -34.80 13.96
C VAL R 79 -18.76 -36.30 13.79
N ASP R 80 -19.50 -36.94 14.69
CA ASP R 80 -19.76 -38.38 14.56
C ASP R 80 -20.54 -38.68 13.28
N ASP R 81 -21.51 -37.82 12.95
CA ASP R 81 -22.28 -38.00 11.72
C ASP R 81 -21.39 -37.89 10.49
N PHE R 82 -20.42 -37.00 10.51
CA PHE R 82 -19.50 -36.89 9.38
C PHE R 82 -18.71 -38.18 9.15
N GLU R 83 -18.20 -38.77 10.23
CA GLU R 83 -17.35 -39.95 10.08
C GLU R 83 -18.14 -41.18 9.67
N ALA R 84 -19.43 -41.26 9.98
CA ALA R 84 -20.23 -42.40 9.58
C ALA R 84 -20.45 -42.44 8.07
N GLY R 85 -20.68 -41.29 7.45
CA GLY R 85 -20.91 -41.24 6.03
C GLY R 85 -19.64 -41.26 5.21
N ALA R 86 -18.49 -41.12 5.88
CA ALA R 86 -17.18 -41.20 5.24
C ALA R 86 -16.49 -42.53 5.51
N ALA R 87 -17.25 -43.61 5.65
CA ALA R 87 -16.67 -44.93 5.93
C ALA R 87 -16.30 -45.65 4.64
N MET S 1 35.42 -29.06 -34.21
CA MET S 1 34.81 -28.41 -33.05
C MET S 1 35.74 -28.46 -31.85
N ASP S 2 36.19 -27.30 -31.41
CA ASP S 2 37.08 -27.22 -30.26
C ASP S 2 36.28 -27.38 -28.97
N PRO S 3 36.56 -28.40 -28.15
CA PRO S 3 35.81 -28.56 -26.89
C PRO S 3 35.96 -27.38 -25.95
N PHE S 4 37.13 -26.75 -25.91
CA PHE S 4 37.31 -25.59 -25.04
C PHE S 4 36.43 -24.43 -25.48
N LEU S 5 36.37 -24.17 -26.79
CA LEU S 5 35.50 -23.13 -27.30
C LEU S 5 34.03 -23.46 -27.05
N VAL S 6 33.64 -24.73 -27.20
CA VAL S 6 32.27 -25.13 -26.90
C VAL S 6 31.95 -24.87 -25.42
N LEU S 7 32.87 -25.20 -24.52
CA LEU S 7 32.64 -24.96 -23.09
C LEU S 7 32.52 -23.47 -22.80
N LEU S 8 33.40 -22.66 -23.39
CA LEU S 8 33.32 -21.22 -23.17
C LEU S 8 32.02 -20.63 -23.71
N HIS S 9 31.58 -21.09 -24.87
CA HIS S 9 30.31 -20.62 -25.43
C HIS S 9 29.14 -21.02 -24.53
N SER S 10 29.15 -22.24 -24.01
CA SER S 10 28.09 -22.68 -23.10
C SER S 10 28.07 -21.85 -21.83
N VAL S 11 29.25 -21.53 -21.29
CA VAL S 11 29.31 -20.69 -20.09
C VAL S 11 28.78 -19.29 -20.40
N SER S 12 29.18 -18.73 -21.55
CA SER S 12 28.72 -17.40 -21.93
C SER S 12 27.21 -17.35 -22.14
N SER S 13 26.60 -18.46 -22.58
CA SER S 13 25.17 -18.46 -22.82
C SER S 13 24.34 -18.59 -21.55
N SER S 14 24.97 -18.76 -20.39
CA SER S 14 24.27 -18.93 -19.12
C SER S 14 24.47 -17.73 -18.19
N LEU S 15 24.84 -16.58 -18.72
CA LEU S 15 25.11 -15.40 -17.92
C LEU S 15 24.12 -14.29 -18.25
N SER S 16 23.84 -13.44 -17.27
CA SER S 16 22.95 -12.31 -17.43
C SER S 16 23.76 -11.03 -17.60
N SER S 17 23.05 -9.92 -17.84
CA SER S 17 23.73 -8.63 -18.02
C SER S 17 24.42 -8.18 -16.73
N SER S 18 23.76 -8.35 -15.59
CA SER S 18 24.35 -7.94 -14.33
C SER S 18 25.61 -8.74 -14.01
N GLU S 19 25.58 -10.04 -14.30
CA GLU S 19 26.78 -10.86 -14.08
C GLU S 19 27.91 -10.45 -15.02
N LEU S 20 27.59 -10.07 -16.25
CA LEU S 20 28.62 -9.56 -17.17
C LEU S 20 29.21 -8.25 -16.64
N THR S 21 28.37 -7.38 -16.10
CA THR S 21 28.86 -6.14 -15.49
C THR S 21 29.77 -6.45 -14.31
N GLU S 22 29.41 -7.44 -13.50
CA GLU S 22 30.28 -7.85 -12.39
C GLU S 22 31.61 -8.39 -12.91
N LEU S 23 31.57 -9.19 -13.98
CA LEU S 23 32.80 -9.75 -14.54
C LEU S 23 33.73 -8.67 -15.09
N LYS S 24 33.16 -7.66 -15.76
CA LYS S 24 34.00 -6.59 -16.32
C LYS S 24 34.70 -5.79 -15.24
N PHE S 25 34.10 -5.68 -14.06
CA PHE S 25 34.74 -4.96 -12.96
C PHE S 25 35.94 -5.72 -12.41
N LEU S 26 35.83 -7.04 -12.30
CA LEU S 26 36.93 -7.83 -11.76
C LEU S 26 38.11 -7.95 -12.72
N CYS S 27 37.95 -7.54 -13.97
CA CYS S 27 39.02 -7.54 -14.95
C CYS S 27 39.55 -6.14 -15.22
N LEU S 28 39.43 -5.24 -14.24
CA LEU S 28 39.84 -3.86 -14.43
C LEU S 28 41.36 -3.76 -14.66
N GLY S 29 42.13 -4.55 -13.92
CA GLY S 29 43.58 -4.52 -14.05
C GLY S 29 44.16 -5.40 -15.13
N ARG S 30 43.32 -6.13 -15.87
CA ARG S 30 43.79 -7.04 -16.91
C ARG S 30 43.52 -6.53 -18.31
N VAL S 31 42.40 -5.85 -18.52
CA VAL S 31 41.99 -5.35 -19.82
C VAL S 31 41.85 -3.83 -19.75
N GLY S 32 42.31 -3.15 -20.79
CA GLY S 32 42.24 -1.70 -20.80
C GLY S 32 40.81 -1.20 -20.91
N LYS S 33 40.63 0.07 -20.53
CA LYS S 33 39.30 0.67 -20.51
C LYS S 33 38.70 0.74 -21.90
N ARG S 34 39.50 1.10 -22.90
CA ARG S 34 39.00 1.19 -24.27
C ARG S 34 38.56 -0.17 -24.79
N LYS S 35 39.33 -1.22 -24.49
CA LYS S 35 38.96 -2.56 -24.91
C LYS S 35 37.72 -3.07 -24.17
N LEU S 36 37.60 -2.75 -22.88
CA LEU S 36 36.46 -3.22 -22.09
C LEU S 36 35.16 -2.55 -22.52
N GLU S 37 35.23 -1.44 -23.25
CA GLU S 37 34.03 -0.71 -23.63
C GLU S 37 33.21 -1.42 -24.71
N ARG S 38 33.83 -2.29 -25.50
CA ARG S 38 33.15 -2.97 -26.59
C ARG S 38 32.65 -4.35 -26.22
N VAL S 39 32.76 -4.72 -24.94
CA VAL S 39 32.34 -6.05 -24.48
C VAL S 39 30.84 -6.02 -24.24
N GLN S 40 30.09 -6.79 -25.03
CA GLN S 40 28.64 -6.88 -24.91
C GLN S 40 28.17 -8.26 -24.52
N SER S 41 29.07 -9.23 -24.42
CA SER S 41 28.72 -10.58 -23.99
C SER S 41 29.97 -11.24 -23.44
N GLY S 42 29.80 -12.44 -22.89
CA GLY S 42 30.94 -13.17 -22.35
C GLY S 42 31.93 -13.58 -23.40
N LEU S 43 31.48 -13.73 -24.64
CA LEU S 43 32.36 -14.17 -25.72
C LEU S 43 33.47 -13.16 -25.99
N ASP S 44 33.15 -11.87 -25.97
CA ASP S 44 34.16 -10.84 -26.23
C ASP S 44 35.23 -10.85 -25.15
N LEU S 45 34.82 -10.91 -23.89
CA LEU S 45 35.78 -10.95 -22.79
C LEU S 45 36.62 -12.23 -22.85
N PHE S 46 35.99 -13.37 -23.18
CA PHE S 46 36.74 -14.60 -23.29
C PHE S 46 37.77 -14.53 -24.42
N SER S 47 37.40 -13.92 -25.54
CA SER S 47 38.35 -13.75 -26.65
C SER S 47 39.53 -12.89 -26.22
N MET S 48 39.25 -11.77 -25.55
CA MET S 48 40.33 -10.89 -25.10
C MET S 48 41.25 -11.61 -24.12
N LEU S 49 40.67 -12.42 -23.22
CA LEU S 49 41.49 -13.16 -22.27
C LEU S 49 42.31 -14.25 -22.97
N LEU S 50 41.74 -14.88 -24.01
CA LEU S 50 42.48 -15.90 -24.75
C LEU S 50 43.67 -15.29 -25.47
N GLU S 51 43.50 -14.10 -26.06
CA GLU S 51 44.60 -13.49 -26.79
C GLU S 51 45.73 -13.05 -25.86
N GLN S 52 45.43 -12.81 -24.59
CA GLN S 52 46.43 -12.39 -23.62
C GLN S 52 47.05 -13.55 -22.85
N ASN S 53 46.70 -14.79 -23.20
CA ASN S 53 47.15 -16.00 -22.53
C ASN S 53 46.71 -16.07 -21.07
N ASP S 54 45.70 -15.30 -20.69
CA ASP S 54 45.14 -15.41 -19.35
C ASP S 54 44.26 -16.65 -19.22
N LEU S 55 43.65 -17.08 -20.32
CA LEU S 55 42.79 -18.24 -20.36
C LEU S 55 43.33 -19.23 -21.39
N GLU S 56 43.53 -20.47 -20.98
CA GLU S 56 44.05 -21.52 -21.84
C GLU S 56 43.33 -22.82 -21.53
N PRO S 57 43.27 -23.75 -22.49
CA PRO S 57 42.59 -25.04 -22.23
C PRO S 57 43.18 -25.80 -21.06
N GLY S 58 44.49 -25.73 -20.84
CA GLY S 58 45.13 -26.33 -19.69
C GLY S 58 45.38 -25.38 -18.54
N HIS S 59 44.76 -24.21 -18.53
CA HIS S 59 45.04 -23.18 -17.53
C HIS S 59 43.73 -22.43 -17.29
N THR S 60 42.98 -22.84 -16.26
CA THR S 60 41.61 -22.35 -16.06
C THR S 60 41.39 -21.76 -14.67
N GLU S 61 42.44 -21.41 -13.94
CA GLU S 61 42.26 -20.91 -12.58
C GLU S 61 41.55 -19.56 -12.56
N LEU S 62 41.85 -18.69 -13.53
CA LEU S 62 41.18 -17.39 -13.58
C LEU S 62 39.69 -17.55 -13.83
N LEU S 63 39.31 -18.46 -14.74
CA LEU S 63 37.90 -18.73 -14.99
C LEU S 63 37.21 -19.23 -13.72
N ARG S 64 37.85 -20.15 -13.01
CA ARG S 64 37.26 -20.69 -11.78
C ARG S 64 37.10 -19.61 -10.73
N GLU S 65 38.09 -18.73 -10.58
CA GLU S 65 37.97 -17.65 -9.60
C GLU S 65 36.86 -16.68 -9.97
N LEU S 66 36.74 -16.35 -11.27
CA LEU S 66 35.67 -15.46 -11.69
C LEU S 66 34.29 -16.08 -11.46
N LEU S 67 34.17 -17.38 -11.71
CA LEU S 67 32.90 -18.05 -11.46
C LEU S 67 32.60 -18.18 -9.97
N ALA S 68 33.63 -18.36 -9.14
CA ALA S 68 33.43 -18.45 -7.70
C ALA S 68 33.04 -17.10 -7.10
N SER S 69 33.55 -16.00 -7.66
CA SER S 69 33.14 -14.68 -7.19
C SER S 69 31.67 -14.40 -7.51
N LEU S 70 31.15 -14.97 -8.59
CA LEU S 70 29.75 -14.86 -8.94
C LEU S 70 28.88 -15.85 -8.17
N ARG S 71 29.49 -16.77 -7.42
CA ARG S 71 28.77 -17.82 -6.69
C ARG S 71 27.94 -18.68 -7.63
N ARG S 72 28.51 -19.03 -8.79
CA ARG S 72 27.86 -19.88 -9.78
C ARG S 72 28.59 -21.22 -9.77
N HIS S 73 28.17 -22.10 -8.87
CA HIS S 73 28.79 -23.42 -8.74
C HIS S 73 28.30 -24.41 -9.79
N ASP S 74 27.10 -24.18 -10.36
CA ASP S 74 26.62 -25.03 -11.44
C ASP S 74 27.53 -24.94 -12.66
N LEU S 75 28.03 -23.74 -12.95
CA LEU S 75 28.99 -23.58 -14.05
C LEU S 75 30.36 -24.13 -13.69
N LEU S 76 30.75 -24.03 -12.42
CA LEU S 76 31.98 -24.69 -11.98
C LEU S 76 31.90 -26.19 -12.18
N ARG S 77 30.72 -26.78 -12.03
CA ARG S 77 30.57 -28.20 -12.31
C ARG S 77 30.82 -28.51 -13.78
N ARG S 78 30.34 -27.65 -14.68
CA ARG S 78 30.64 -27.83 -16.10
C ARG S 78 32.13 -27.73 -16.37
N VAL S 79 32.79 -26.77 -15.72
CA VAL S 79 34.23 -26.63 -15.88
C VAL S 79 34.95 -27.89 -15.41
N ASP S 80 34.50 -28.45 -14.27
CA ASP S 80 35.09 -29.69 -13.78
C ASP S 80 34.87 -30.84 -14.76
N ASP S 81 33.66 -30.92 -15.33
CA ASP S 81 33.38 -31.99 -16.29
C ASP S 81 34.27 -31.87 -17.52
N PHE S 82 34.60 -30.64 -17.91
CA PHE S 82 35.48 -30.46 -19.07
C PHE S 82 36.86 -31.05 -18.82
N GLU S 83 37.43 -30.79 -17.64
CA GLU S 83 38.77 -31.29 -17.34
C GLU S 83 38.81 -32.80 -17.17
N ALA S 84 37.69 -33.41 -16.78
CA ALA S 84 37.67 -34.86 -16.59
C ALA S 84 37.86 -35.61 -17.90
N GLY S 85 37.29 -35.13 -18.99
CA GLY S 85 37.42 -35.79 -20.27
C GLY S 85 38.65 -35.37 -21.04
N ALA S 86 39.31 -34.29 -20.57
CA ALA S 86 40.51 -33.77 -21.22
C ALA S 86 41.80 -34.25 -20.57
N ALA S 87 41.71 -35.18 -19.63
CA ALA S 87 42.89 -35.69 -18.95
C ALA S 87 43.70 -36.60 -19.87
N MET T 1 -42.04 -23.03 13.55
CA MET T 1 -42.01 -22.99 15.01
C MET T 1 -41.70 -24.36 15.60
N ASP T 2 -40.66 -24.42 16.41
CA ASP T 2 -40.29 -25.67 17.07
C ASP T 2 -41.19 -25.92 18.27
N PRO T 3 -41.94 -27.03 18.31
CA PRO T 3 -42.79 -27.30 19.48
C PRO T 3 -42.01 -27.42 20.77
N PHE T 4 -40.82 -28.01 20.73
CA PHE T 4 -40.01 -28.13 21.95
C PHE T 4 -39.58 -26.77 22.46
N LEU T 5 -39.16 -25.87 21.56
CA LEU T 5 -38.79 -24.53 21.98
C LEU T 5 -39.98 -23.76 22.51
N VAL T 6 -41.16 -23.94 21.90
CA VAL T 6 -42.37 -23.29 22.42
C VAL T 6 -42.69 -23.78 23.81
N LEU T 7 -42.59 -25.11 24.04
CA LEU T 7 -42.86 -25.65 25.37
C LEU T 7 -41.87 -25.12 26.40
N LEU T 8 -40.59 -25.08 26.05
CA LEU T 8 -39.59 -24.55 26.97
C LEU T 8 -39.82 -23.07 27.28
N HIS T 9 -40.19 -22.28 26.27
CA HIS T 9 -40.49 -20.88 26.49
C HIS T 9 -41.70 -20.71 27.41
N SER T 10 -42.74 -21.52 27.20
CA SER T 10 -43.92 -21.45 28.06
C SER T 10 -43.59 -21.82 29.50
N VAL T 11 -42.75 -22.84 29.69
CA VAL T 11 -42.33 -23.21 31.04
C VAL T 11 -41.52 -22.09 31.68
N SER T 12 -40.60 -21.49 30.91
CA SER T 12 -39.76 -20.42 31.46
C SER T 12 -40.58 -19.20 31.84
N SER T 13 -41.67 -18.92 31.12
CA SER T 13 -42.49 -17.75 31.42
C SER T 13 -43.35 -17.93 32.67
N SER T 14 -43.41 -19.13 33.25
CA SER T 14 -44.25 -19.40 34.41
C SER T 14 -43.43 -19.64 35.68
N LEU T 15 -42.22 -19.08 35.76
CA LEU T 15 -41.34 -19.26 36.90
C LEU T 15 -41.03 -17.91 37.53
N SER T 16 -40.73 -17.93 38.82
CA SER T 16 -40.36 -16.74 39.57
C SER T 16 -38.85 -16.75 39.83
N SER T 17 -38.38 -15.72 40.53
CA SER T 17 -36.95 -15.58 40.79
C SER T 17 -36.44 -16.62 41.77
N SER T 18 -37.20 -16.89 42.83
CA SER T 18 -36.78 -17.89 43.81
C SER T 18 -36.74 -19.28 43.18
N GLU T 19 -37.70 -19.58 42.31
CA GLU T 19 -37.68 -20.86 41.60
C GLU T 19 -36.45 -20.98 40.71
N LEU T 20 -36.06 -19.90 40.05
CA LEU T 20 -34.85 -19.92 39.23
C LEU T 20 -33.62 -20.14 40.09
N THR T 21 -33.57 -19.50 41.27
CA THR T 21 -32.45 -19.72 42.18
C THR T 21 -32.39 -21.17 42.63
N GLU T 22 -33.54 -21.77 42.92
CA GLU T 22 -33.57 -23.19 43.28
C GLU T 22 -33.10 -24.07 42.12
N LEU T 23 -33.52 -23.74 40.90
CA LEU T 23 -33.11 -24.53 39.73
C LEU T 23 -31.61 -24.44 39.49
N LYS T 24 -31.01 -23.26 39.69
CA LYS T 24 -29.58 -23.14 39.48
C LYS T 24 -28.79 -23.94 40.51
N PHE T 25 -29.32 -24.08 41.73
CA PHE T 25 -28.64 -24.86 42.76
C PHE T 25 -28.60 -26.36 42.41
N LEU T 26 -29.72 -26.87 41.88
CA LEU T 26 -29.79 -28.29 41.56
C LEU T 26 -28.97 -28.67 40.33
N CYS T 27 -28.45 -27.69 39.60
CA CYS T 27 -27.59 -27.94 38.44
C CYS T 27 -26.13 -27.60 38.73
N LEU T 28 -25.73 -27.70 40.00
CA LEU T 28 -24.37 -27.34 40.38
C LEU T 28 -23.35 -28.26 39.74
N GLY T 29 -23.65 -29.56 39.68
CA GLY T 29 -22.74 -30.53 39.11
C GLY T 29 -22.83 -30.70 37.60
N ARG T 30 -23.70 -29.95 36.95
CA ARG T 30 -23.89 -30.04 35.50
C ARG T 30 -23.35 -28.84 34.74
N VAL T 31 -23.51 -27.64 35.29
CA VAL T 31 -23.07 -26.40 34.67
C VAL T 31 -22.01 -25.76 35.55
N GLY T 32 -20.96 -25.25 34.91
CA GLY T 32 -19.90 -24.61 35.66
C GLY T 32 -20.33 -23.32 36.31
N LYS T 33 -19.55 -22.90 37.31
CA LYS T 33 -19.89 -21.72 38.08
C LYS T 33 -19.88 -20.45 37.23
N ARG T 34 -18.88 -20.34 36.34
CA ARG T 34 -18.79 -19.15 35.50
C ARG T 34 -19.97 -19.05 34.55
N LYS T 35 -20.41 -20.17 33.96
CA LYS T 35 -21.55 -20.14 33.08
C LYS T 35 -22.85 -19.90 33.84
N LEU T 36 -22.98 -20.48 35.03
CA LEU T 36 -24.19 -20.30 35.83
C LEU T 36 -24.39 -18.86 36.27
N GLU T 37 -23.32 -18.05 36.27
CA GLU T 37 -23.43 -16.66 36.70
C GLU T 37 -24.15 -15.78 35.67
N ARG T 38 -24.30 -16.27 34.44
CA ARG T 38 -24.93 -15.48 33.37
C ARG T 38 -26.41 -15.81 33.20
N VAL T 39 -26.97 -16.67 34.05
CA VAL T 39 -28.36 -17.09 33.93
C VAL T 39 -29.24 -16.08 34.66
N GLN T 40 -30.14 -15.45 33.91
CA GLN T 40 -31.11 -14.51 34.47
C GLN T 40 -32.55 -14.96 34.25
N SER T 41 -32.76 -16.04 33.49
CA SER T 41 -34.09 -16.57 33.24
C SER T 41 -33.95 -18.04 32.90
N GLY T 42 -35.09 -18.74 32.85
CA GLY T 42 -35.07 -20.16 32.54
C GLY T 42 -34.57 -20.45 31.14
N LEU T 43 -34.70 -19.49 30.22
CA LEU T 43 -34.28 -19.71 28.85
C LEU T 43 -32.77 -19.93 28.76
N ASP T 44 -31.99 -19.17 29.53
CA ASP T 44 -30.53 -19.32 29.50
C ASP T 44 -30.11 -20.71 29.98
N LEU T 45 -30.68 -21.15 31.10
CA LEU T 45 -30.38 -22.47 31.62
C LEU T 45 -30.81 -23.57 30.66
N PHE T 46 -31.98 -23.41 30.03
CA PHE T 46 -32.45 -24.40 29.07
C PHE T 46 -31.54 -24.47 27.86
N SER T 47 -31.06 -23.32 27.38
CA SER T 47 -30.13 -23.32 26.26
C SER T 47 -28.83 -24.02 26.62
N MET T 48 -28.31 -23.74 27.82
CA MET T 48 -27.09 -24.40 28.25
C MET T 48 -27.27 -25.91 28.36
N LEU T 49 -28.43 -26.35 28.87
CA LEU T 49 -28.70 -27.78 28.96
C LEU T 49 -28.89 -28.42 27.59
N LEU T 50 -29.48 -27.68 26.64
CA LEU T 50 -29.63 -28.19 25.28
C LEU T 50 -28.28 -28.37 24.61
N GLU T 51 -27.34 -27.46 24.85
CA GLU T 51 -26.03 -27.58 24.24
C GLU T 51 -25.26 -28.80 24.72
N GLN T 52 -25.53 -29.25 25.94
CA GLN T 52 -24.83 -30.39 26.53
C GLN T 52 -25.54 -31.71 26.30
N ASN T 53 -26.65 -31.71 25.54
CA ASN T 53 -27.48 -32.88 25.30
C ASN T 53 -28.12 -33.42 26.56
N ASP T 54 -28.20 -32.61 27.61
CA ASP T 54 -28.94 -33.00 28.80
C ASP T 54 -30.44 -32.90 28.59
N LEU T 55 -30.87 -32.00 27.71
CA LEU T 55 -32.28 -31.81 27.38
C LEU T 55 -32.48 -32.04 25.89
N GLU T 56 -33.39 -32.94 25.54
CA GLU T 56 -33.71 -33.28 24.16
C GLU T 56 -35.21 -33.46 24.04
N PRO T 57 -35.75 -33.27 22.83
CA PRO T 57 -37.20 -33.51 22.65
C PRO T 57 -37.62 -34.94 22.99
N GLY T 58 -36.76 -35.92 22.75
CA GLY T 58 -37.02 -37.29 23.15
C GLY T 58 -36.39 -37.70 24.47
N HIS T 59 -35.88 -36.76 25.25
CA HIS T 59 -35.15 -37.05 26.48
C HIS T 59 -35.46 -35.93 27.46
N THR T 60 -36.50 -36.12 28.28
CA THR T 60 -37.01 -35.06 29.13
C THR T 60 -37.04 -35.44 30.61
N GLU T 61 -36.34 -36.51 31.00
CA GLU T 61 -36.39 -36.94 32.39
C GLU T 61 -35.80 -35.89 33.33
N LEU T 62 -34.72 -35.23 32.91
CA LEU T 62 -34.11 -34.20 33.76
C LEU T 62 -35.08 -33.05 34.01
N LEU T 63 -35.80 -32.62 32.98
CA LEU T 63 -36.78 -31.54 33.14
C LEU T 63 -37.89 -31.96 34.10
N ARG T 64 -38.37 -33.20 33.97
CA ARG T 64 -39.40 -33.69 34.87
C ARG T 64 -38.91 -33.75 36.31
N GLU T 65 -37.67 -34.19 36.52
CA GLU T 65 -37.11 -34.24 37.87
C GLU T 65 -36.98 -32.84 38.46
N LEU T 66 -36.51 -31.88 37.66
CA LEU T 66 -36.39 -30.52 38.14
C LEU T 66 -37.75 -29.93 38.50
N LEU T 67 -38.77 -30.17 37.67
CA LEU T 67 -40.10 -29.67 37.98
C LEU T 67 -40.71 -30.36 39.19
N ALA T 68 -40.45 -31.65 39.36
CA ALA T 68 -40.97 -32.37 40.52
C ALA T 68 -40.31 -31.91 41.81
N SER T 69 -39.03 -31.56 41.76
CA SER T 69 -38.37 -31.03 42.96
C SER T 69 -38.99 -29.69 43.39
N LEU T 70 -39.48 -28.90 42.43
CA LEU T 70 -40.12 -27.64 42.74
C LEU T 70 -41.60 -27.78 43.10
N ARG T 71 -42.15 -29.01 43.03
CA ARG T 71 -43.55 -29.27 43.32
C ARG T 71 -44.46 -28.46 42.40
N ARG T 72 -44.11 -28.36 41.14
CA ARG T 72 -44.92 -27.68 40.12
C ARG T 72 -45.49 -28.75 39.19
N HIS T 73 -46.64 -29.31 39.59
CA HIS T 73 -47.31 -30.32 38.80
C HIS T 73 -48.12 -29.75 37.65
N ASP T 74 -48.50 -28.47 37.72
CA ASP T 74 -49.19 -27.84 36.59
C ASP T 74 -48.29 -27.77 35.37
N LEU T 75 -46.99 -27.51 35.57
CA LEU T 75 -46.03 -27.53 34.47
C LEU T 75 -45.74 -28.96 34.01
N LEU T 76 -45.74 -29.92 34.93
CA LEU T 76 -45.60 -31.32 34.55
C LEU T 76 -46.75 -31.76 33.66
N ARG T 77 -47.95 -31.22 33.88
CA ARG T 77 -49.07 -31.55 32.99
C ARG T 77 -48.82 -31.04 31.58
N ARG T 78 -48.25 -29.84 31.44
CA ARG T 78 -47.90 -29.33 30.11
C ARG T 78 -46.82 -30.20 29.46
N VAL T 79 -45.83 -30.62 30.25
CA VAL T 79 -44.80 -31.51 29.71
C VAL T 79 -45.42 -32.82 29.23
N ASP T 80 -46.38 -33.35 29.99
CA ASP T 80 -47.08 -34.56 29.58
C ASP T 80 -47.86 -34.32 28.29
N ASP T 81 -48.51 -33.16 28.16
CA ASP T 81 -49.29 -32.87 26.98
C ASP T 81 -48.40 -32.72 25.74
N PHE T 82 -47.17 -32.25 25.92
CA PHE T 82 -46.26 -32.12 24.79
C PHE T 82 -45.92 -33.49 24.20
N GLU T 83 -45.61 -34.46 25.06
CA GLU T 83 -45.17 -35.77 24.58
C GLU T 83 -46.29 -36.54 23.89
N ALA T 84 -47.54 -36.27 24.26
CA ALA T 84 -48.66 -36.94 23.61
C ALA T 84 -48.78 -36.57 22.13
N GLY T 85 -48.53 -35.31 21.79
CA GLY T 85 -48.62 -34.87 20.41
C GLY T 85 -47.42 -35.25 19.57
N ALA T 86 -46.32 -35.60 20.24
CA ALA T 86 -45.08 -36.00 19.56
C ALA T 86 -44.92 -37.51 19.49
N ALA T 87 -45.94 -38.27 19.87
CA ALA T 87 -45.88 -39.72 19.83
C ALA T 87 -46.33 -40.24 18.47
N MET U 1 -2.82 -16.69 -43.57
CA MET U 1 -2.65 -16.62 -42.13
C MET U 1 -2.51 -18.01 -41.52
N ASP U 2 -1.48 -18.19 -40.70
CA ASP U 2 -1.24 -19.48 -40.07
C ASP U 2 -2.17 -19.68 -38.88
N PRO U 3 -3.01 -20.72 -38.89
CA PRO U 3 -3.88 -20.97 -37.72
C PRO U 3 -3.10 -21.21 -36.44
N PHE U 4 -1.96 -21.90 -36.53
CA PHE U 4 -1.15 -22.15 -35.35
C PHE U 4 -0.60 -20.85 -34.76
N LEU U 5 -0.12 -19.96 -35.63
CA LEU U 5 0.36 -18.66 -35.17
C LEU U 5 -0.77 -17.82 -34.57
N VAL U 6 -1.95 -17.87 -35.19
CA VAL U 6 -3.09 -17.15 -34.63
C VAL U 6 -3.45 -17.69 -33.25
N LEU U 7 -3.45 -19.01 -33.08
CA LEU U 7 -3.75 -19.61 -31.78
C LEU U 7 -2.72 -19.20 -30.74
N LEU U 8 -1.44 -19.21 -31.11
CA LEU U 8 -0.40 -18.81 -30.17
C LEU U 8 -0.53 -17.34 -29.78
N HIS U 9 -0.84 -16.48 -30.75
CA HIS U 9 -1.05 -15.06 -30.45
C HIS U 9 -2.24 -14.87 -29.51
N SER U 10 -3.33 -15.60 -29.75
CA SER U 10 -4.50 -15.51 -28.88
C SER U 10 -4.18 -15.97 -27.46
N VAL U 11 -3.42 -17.07 -27.33
CA VAL U 11 -3.02 -17.54 -26.01
C VAL U 11 -2.15 -16.51 -25.31
N SER U 12 -1.21 -15.91 -26.04
CA SER U 12 -0.33 -14.91 -25.45
C SER U 12 -1.09 -13.67 -25.00
N SER U 13 -2.15 -13.31 -25.72
CA SER U 13 -2.95 -12.14 -25.35
C SER U 13 -3.73 -12.31 -24.06
N SER U 14 -3.83 -13.52 -23.52
CA SER U 14 -4.65 -13.81 -22.36
C SER U 14 -3.82 -14.14 -21.11
N LEU U 15 -2.56 -13.73 -21.07
CA LEU U 15 -1.69 -14.01 -19.95
C LEU U 15 -1.29 -12.72 -19.25
N SER U 16 -1.02 -12.82 -17.95
CA SER U 16 -0.55 -11.70 -17.16
C SER U 16 0.95 -11.81 -16.94
N SER U 17 1.53 -10.77 -16.32
CA SER U 17 2.97 -10.76 -16.11
C SER U 17 3.40 -11.83 -15.10
N SER U 18 2.58 -12.07 -14.08
CA SER U 18 2.89 -13.12 -13.11
C SER U 18 2.86 -14.48 -13.78
N GLU U 19 1.90 -14.72 -14.67
CA GLU U 19 1.85 -15.97 -15.41
C GLU U 19 3.06 -16.13 -16.31
N LEU U 20 3.52 -15.04 -16.93
CA LEU U 20 4.74 -15.10 -17.74
C LEU U 20 5.95 -15.44 -16.89
N THR U 21 6.04 -14.85 -15.69
CA THR U 21 7.15 -15.16 -14.79
C THR U 21 7.11 -16.62 -14.38
N GLU U 22 5.91 -17.16 -14.13
CA GLU U 22 5.77 -18.58 -13.83
C GLU U 22 6.19 -19.45 -15.01
N LEU U 23 5.81 -19.05 -16.23
CA LEU U 23 6.18 -19.82 -17.42
C LEU U 23 7.69 -19.83 -17.64
N LYS U 24 8.35 -18.70 -17.40
CA LYS U 24 9.80 -18.65 -17.57
C LYS U 24 10.53 -19.53 -16.57
N PHE U 25 9.96 -19.75 -15.39
CA PHE U 25 10.58 -20.62 -14.41
C PHE U 25 10.52 -22.08 -14.85
N LEU U 26 9.39 -22.50 -15.41
CA LEU U 26 9.23 -23.90 -15.83
C LEU U 26 10.03 -24.23 -17.09
N CYS U 27 10.60 -23.24 -17.76
CA CYS U 27 11.44 -23.46 -18.93
C CYS U 27 12.92 -23.22 -18.63
N LEU U 28 13.32 -23.43 -17.37
CA LEU U 28 14.70 -23.18 -16.98
C LEU U 28 15.65 -24.15 -17.67
N GLY U 29 15.26 -25.41 -17.80
CA GLY U 29 16.09 -26.41 -18.44
C GLY U 29 16.02 -26.46 -19.94
N ARG U 30 15.14 -25.68 -20.56
CA ARG U 30 14.96 -25.69 -22.00
C ARG U 30 15.58 -24.49 -22.70
N VAL U 31 15.57 -23.33 -22.05
CA VAL U 31 16.06 -22.09 -22.64
C VAL U 31 17.17 -21.53 -21.74
N GLY U 32 18.22 -21.02 -22.36
CA GLY U 32 19.33 -20.48 -21.61
C GLY U 32 18.97 -19.20 -20.89
N LYS U 33 19.79 -18.88 -19.88
CA LYS U 33 19.52 -17.72 -19.04
C LYS U 33 19.63 -16.42 -19.83
N ARG U 34 20.62 -16.31 -20.71
CA ARG U 34 20.78 -15.10 -21.50
C ARG U 34 19.60 -14.89 -22.44
N LYS U 35 19.13 -15.96 -23.09
CA LYS U 35 17.96 -15.85 -23.95
C LYS U 35 16.70 -15.55 -23.16
N LEU U 36 16.54 -16.14 -21.98
CA LEU U 36 15.36 -15.94 -21.17
C LEU U 36 15.22 -14.50 -20.67
N GLU U 37 16.32 -13.75 -20.64
CA GLU U 37 16.27 -12.37 -20.16
C GLU U 37 15.59 -11.44 -21.15
N ARG U 38 15.46 -11.83 -22.41
CA ARG U 38 14.87 -10.99 -23.44
C ARG U 38 13.38 -11.26 -23.61
N VAL U 39 12.79 -12.11 -22.79
CA VAL U 39 11.38 -12.47 -22.90
C VAL U 39 10.56 -11.45 -22.13
N GLN U 40 9.69 -10.72 -22.84
CA GLN U 40 8.79 -9.76 -22.23
C GLN U 40 7.33 -10.08 -22.49
N SER U 41 7.04 -11.13 -23.26
CA SER U 41 5.68 -11.54 -23.54
C SER U 41 5.70 -13.00 -23.97
N GLY U 42 4.51 -13.61 -24.01
CA GLY U 42 4.41 -15.00 -24.39
C GLY U 42 4.88 -15.26 -25.80
N LEU U 43 4.81 -14.25 -26.67
CA LEU U 43 5.23 -14.43 -28.06
C LEU U 43 6.72 -14.72 -28.17
N ASP U 44 7.55 -14.05 -27.37
CA ASP U 44 8.99 -14.28 -27.43
C ASP U 44 9.33 -15.72 -27.01
N LEU U 45 8.74 -16.17 -25.91
CA LEU U 45 8.98 -17.53 -25.45
C LEU U 45 8.47 -18.56 -26.46
N PHE U 46 7.30 -18.28 -27.07
CA PHE U 46 6.76 -19.20 -28.07
C PHE U 46 7.66 -19.26 -29.30
N SER U 47 8.23 -18.12 -29.72
CA SER U 47 9.15 -18.13 -30.84
C SER U 47 10.41 -18.94 -30.52
N MET U 48 10.95 -18.75 -29.32
CA MET U 48 12.13 -19.53 -28.92
C MET U 48 11.82 -21.02 -28.90
N LEU U 49 10.64 -21.40 -28.41
CA LEU U 49 10.26 -22.81 -28.40
C LEU U 49 10.03 -23.34 -29.81
N LEU U 50 9.52 -22.51 -30.71
CA LEU U 50 9.33 -22.93 -32.10
C LEU U 50 10.67 -23.20 -32.77
N GLU U 51 11.68 -22.36 -32.51
CA GLU U 51 12.98 -22.55 -33.14
C GLU U 51 13.66 -23.84 -32.69
N GLN U 52 13.34 -24.31 -31.48
CA GLN U 52 13.98 -25.50 -30.93
C GLN U 52 13.17 -26.77 -31.17
N ASN U 53 12.08 -26.70 -31.95
CA ASN U 53 11.19 -27.81 -32.22
C ASN U 53 10.51 -28.35 -30.97
N ASP U 54 10.44 -27.55 -29.91
CA ASP U 54 9.68 -27.95 -28.73
C ASP U 54 8.18 -27.79 -28.96
N LEU U 55 7.79 -26.84 -29.79
CA LEU U 55 6.40 -26.58 -30.14
C LEU U 55 6.22 -26.72 -31.64
N GLU U 56 5.26 -27.54 -32.05
CA GLU U 56 4.98 -27.77 -33.46
C GLU U 56 3.47 -27.80 -33.66
N PRO U 57 2.99 -27.48 -34.86
CA PRO U 57 1.54 -27.55 -35.11
C PRO U 57 0.96 -28.94 -34.89
N GLY U 58 1.74 -29.99 -35.12
CA GLY U 58 1.30 -31.34 -34.85
C GLY U 58 1.71 -31.91 -33.51
N HIS U 59 2.47 -31.17 -32.70
CA HIS U 59 2.93 -31.65 -31.39
C HIS U 59 2.79 -30.50 -30.41
N THR U 60 1.74 -30.57 -29.57
CA THR U 60 1.45 -29.50 -28.61
C THR U 60 1.44 -29.99 -27.17
N GLU U 61 2.20 -31.04 -26.87
CA GLU U 61 2.18 -31.62 -25.53
C GLU U 61 2.74 -30.64 -24.49
N LEU U 62 3.85 -29.98 -24.82
CA LEU U 62 4.49 -29.07 -23.87
C LEU U 62 3.58 -27.87 -23.57
N LEU U 63 2.90 -27.35 -24.59
CA LEU U 63 1.98 -26.23 -24.37
C LEU U 63 0.85 -26.65 -23.43
N ARG U 64 0.30 -27.85 -23.64
CA ARG U 64 -0.75 -28.34 -22.77
C ARG U 64 -0.26 -28.51 -21.34
N GLU U 65 0.94 -29.06 -21.15
CA GLU U 65 1.47 -29.22 -19.80
C GLU U 65 1.70 -27.88 -19.12
N LEU U 66 2.24 -26.89 -19.86
CA LEU U 66 2.45 -25.57 -19.29
C LEU U 66 1.12 -24.92 -18.90
N LEU U 67 0.10 -25.03 -19.76
CA LEU U 67 -1.20 -24.47 -19.43
C LEU U 67 -1.85 -25.19 -18.25
N ALA U 68 -1.63 -26.50 -18.13
CA ALA U 68 -2.19 -27.24 -17.01
C ALA U 68 -1.52 -26.89 -15.69
N SER U 69 -0.21 -26.58 -15.73
CA SER U 69 0.46 -26.16 -14.51
C SER U 69 -0.07 -24.81 -14.02
N LEU U 70 -0.43 -23.92 -14.94
CA LEU U 70 -1.00 -22.63 -14.57
C LEU U 70 -2.47 -22.72 -14.19
N ARG U 71 -3.09 -23.89 -14.31
CA ARG U 71 -4.52 -24.09 -14.02
C ARG U 71 -5.38 -23.19 -14.90
N ARG U 72 -5.00 -23.05 -16.16
CA ARG U 72 -5.77 -22.28 -17.15
C ARG U 72 -6.44 -23.28 -18.09
N HIS U 73 -7.60 -23.77 -17.70
CA HIS U 73 -8.33 -24.74 -18.50
C HIS U 73 -9.13 -24.10 -19.63
N ASP U 74 -9.45 -22.81 -19.52
CA ASP U 74 -10.12 -22.12 -20.62
C ASP U 74 -9.22 -22.05 -21.85
N LEU U 75 -7.92 -21.82 -21.64
CA LEU U 75 -6.97 -21.84 -22.75
C LEU U 75 -6.77 -23.25 -23.28
N LEU U 76 -6.80 -24.26 -22.39
CA LEU U 76 -6.73 -25.64 -22.84
C LEU U 76 -7.92 -25.99 -23.73
N ARG U 77 -9.08 -25.41 -23.46
CA ARG U 77 -10.23 -25.63 -24.34
C ARG U 77 -9.97 -25.07 -25.74
N ARG U 78 -9.33 -23.90 -25.83
CA ARG U 78 -8.99 -23.36 -27.15
C ARG U 78 -7.96 -24.25 -27.85
N VAL U 79 -6.99 -24.76 -27.11
CA VAL U 79 -6.00 -25.66 -27.71
C VAL U 79 -6.68 -26.92 -28.23
N ASP U 80 -7.67 -27.43 -27.48
CA ASP U 80 -8.45 -28.58 -27.95
C ASP U 80 -9.22 -28.22 -29.22
N ASP U 81 -9.79 -27.01 -29.26
CA ASP U 81 -10.56 -26.59 -30.43
C ASP U 81 -9.68 -26.47 -31.66
N PHE U 82 -8.42 -26.06 -31.48
CA PHE U 82 -7.52 -25.94 -32.63
C PHE U 82 -7.31 -27.28 -33.32
N GLU U 83 -7.07 -28.34 -32.54
CA GLU U 83 -6.75 -29.64 -33.13
C GLU U 83 -7.97 -30.31 -33.75
N ALA U 84 -9.18 -29.91 -33.35
CA ALA U 84 -10.37 -30.46 -33.99
C ALA U 84 -10.55 -29.93 -35.41
N GLY U 85 -10.26 -28.66 -35.63
CA GLY U 85 -10.36 -28.08 -36.96
C GLY U 85 -9.14 -28.34 -37.82
N ALA U 86 -8.07 -28.83 -37.19
CA ALA U 86 -6.84 -29.18 -37.88
C ALA U 86 -6.65 -30.68 -38.07
N ALA U 87 -7.68 -31.46 -37.77
CA ALA U 87 -7.59 -32.92 -37.92
C ALA U 87 -7.75 -33.33 -39.37
N MET V 1 -23.43 -6.64 -23.39
CA MET V 1 -23.20 -6.87 -21.97
C MET V 1 -23.61 -8.29 -21.59
N ASP V 2 -22.66 -9.05 -21.05
CA ASP V 2 -22.88 -10.46 -20.77
C ASP V 2 -23.83 -10.62 -19.59
N PRO V 3 -24.96 -11.31 -19.75
CA PRO V 3 -25.86 -11.53 -18.62
C PRO V 3 -25.22 -12.28 -17.46
N PHE V 4 -24.34 -13.24 -17.75
CA PHE V 4 -23.66 -13.97 -16.69
C PHE V 4 -22.76 -13.05 -15.88
N LEU V 5 -22.02 -12.17 -16.56
CA LEU V 5 -21.19 -11.21 -15.86
C LEU V 5 -22.02 -10.23 -15.05
N VAL V 6 -23.16 -9.79 -15.60
CA VAL V 6 -24.05 -8.90 -14.85
C VAL V 6 -24.56 -9.59 -13.59
N LEU V 7 -24.98 -10.85 -13.70
CA LEU V 7 -25.47 -11.57 -12.53
C LEU V 7 -24.37 -11.75 -11.49
N LEU V 8 -23.15 -12.08 -11.93
CA LEU V 8 -22.05 -12.23 -10.98
C LEU V 8 -21.72 -10.92 -10.28
N HIS V 9 -21.73 -9.81 -11.01
CA HIS V 9 -21.48 -8.51 -10.39
C HIS V 9 -22.57 -8.17 -9.38
N SER V 10 -23.84 -8.44 -9.72
CA SER V 10 -24.93 -8.18 -8.80
C SER V 10 -24.82 -9.03 -7.54
N VAL V 11 -24.44 -10.30 -7.68
CA VAL V 11 -24.26 -11.16 -6.52
C VAL V 11 -23.10 -10.66 -5.65
N SER V 12 -22.00 -10.26 -6.29
CA SER V 12 -20.87 -9.75 -5.54
C SER V 12 -21.20 -8.46 -4.78
N SER V 13 -22.10 -7.64 -5.33
CA SER V 13 -22.49 -6.41 -4.67
C SER V 13 -23.30 -6.63 -3.40
N SER V 14 -23.78 -7.85 -3.14
CA SER V 14 -24.65 -8.15 -2.01
C SER V 14 -23.95 -8.97 -0.93
N LEU V 15 -22.63 -8.88 -0.83
CA LEU V 15 -21.87 -9.67 0.13
C LEU V 15 -21.08 -8.75 1.04
N SER V 16 -20.99 -9.13 2.31
CA SER V 16 -20.20 -8.41 3.29
C SER V 16 -18.81 -9.05 3.40
N SER V 17 -17.96 -8.47 4.25
CA SER V 17 -16.60 -8.97 4.40
C SER V 17 -16.60 -10.35 5.07
N SER V 18 -17.49 -10.57 6.04
CA SER V 18 -17.56 -11.87 6.70
C SER V 18 -17.97 -12.96 5.73
N GLU V 19 -18.94 -12.68 4.85
CA GLU V 19 -19.34 -13.65 3.84
C GLU V 19 -18.20 -13.97 2.89
N LEU V 20 -17.42 -12.95 2.50
CA LEU V 20 -16.27 -13.19 1.63
C LEU V 20 -15.22 -14.05 2.34
N THR V 21 -14.97 -13.79 3.62
CA THR V 21 -14.03 -14.62 4.37
C THR V 21 -14.52 -16.06 4.45
N GLU V 22 -15.82 -16.26 4.66
CA GLU V 22 -16.37 -17.62 4.67
C GLU V 22 -16.22 -18.28 3.30
N LEU V 23 -16.45 -17.53 2.22
CA LEU V 23 -16.33 -18.09 0.87
C LEU V 23 -14.90 -18.48 0.55
N LYS V 24 -13.92 -17.70 1.02
CA LYS V 24 -12.53 -18.04 0.76
C LYS V 24 -12.10 -19.31 1.49
N PHE V 25 -12.68 -19.58 2.66
CA PHE V 25 -12.36 -20.80 3.37
C PHE V 25 -12.90 -22.03 2.65
N LEU V 26 -14.10 -21.92 2.07
CA LEU V 26 -14.70 -23.04 1.37
C LEU V 26 -14.02 -23.36 0.05
N CYS V 27 -13.22 -22.44 -0.49
CA CYS V 27 -12.47 -22.68 -1.71
C CYS V 27 -11.00 -22.93 -1.43
N LEU V 28 -10.70 -23.51 -0.26
CA LEU V 28 -9.31 -23.76 0.11
C LEU V 28 -8.67 -24.81 -0.80
N GLY V 29 -9.41 -25.85 -1.14
CA GLY V 29 -8.89 -26.92 -1.97
C GLY V 29 -8.94 -26.68 -3.45
N ARG V 30 -9.47 -25.54 -3.89
CA ARG V 30 -9.59 -25.24 -5.32
C ARG V 30 -8.61 -24.17 -5.79
N VAL V 31 -8.37 -23.15 -4.97
CA VAL V 31 -7.49 -22.03 -5.32
C VAL V 31 -6.30 -22.06 -4.37
N GLY V 32 -5.11 -21.81 -4.92
CA GLY V 32 -3.91 -21.81 -4.12
C GLY V 32 -3.87 -20.66 -3.13
N LYS V 33 -3.02 -20.83 -2.12
CA LYS V 33 -2.94 -19.85 -1.03
C LYS V 33 -2.43 -18.50 -1.54
N ARG V 34 -1.45 -18.50 -2.44
CA ARG V 34 -0.89 -17.26 -2.94
C ARG V 34 -1.93 -16.45 -3.71
N LYS V 35 -2.74 -17.13 -4.53
CA LYS V 35 -3.77 -16.43 -5.29
C LYS V 35 -4.90 -15.92 -4.38
N LEU V 36 -5.27 -16.72 -3.37
CA LEU V 36 -6.36 -16.34 -2.48
C LEU V 36 -6.04 -15.09 -1.67
N GLU V 37 -4.76 -14.79 -1.45
CA GLU V 37 -4.37 -13.59 -0.71
C GLU V 37 -4.72 -12.32 -1.48
N ARG V 38 -4.90 -12.40 -2.79
CA ARG V 38 -5.23 -11.25 -3.63
C ARG V 38 -6.73 -11.03 -3.76
N VAL V 39 -7.55 -11.84 -3.10
CA VAL V 39 -9.00 -11.73 -3.20
C VAL V 39 -9.48 -10.69 -2.19
N GLN V 40 -10.04 -9.59 -2.70
CA GLN V 40 -10.56 -8.52 -1.87
C GLN V 40 -12.05 -8.28 -2.11
N SER V 41 -12.66 -9.01 -3.03
CA SER V 41 -14.09 -8.91 -3.29
C SER V 41 -14.52 -10.19 -3.98
N GLY V 42 -15.83 -10.35 -4.12
CA GLY V 42 -16.35 -11.52 -4.81
C GLY V 42 -15.95 -11.58 -6.27
N LEU V 43 -15.69 -10.42 -6.88
CA LEU V 43 -15.34 -10.37 -8.29
C LEU V 43 -14.03 -11.10 -8.56
N ASP V 44 -13.03 -10.92 -7.68
CA ASP V 44 -11.74 -11.58 -7.86
C ASP V 44 -11.88 -13.10 -7.81
N LEU V 45 -12.60 -13.59 -6.81
CA LEU V 45 -12.83 -15.03 -6.69
C LEU V 45 -13.61 -15.56 -7.89
N PHE V 46 -14.60 -14.81 -8.35
CA PHE V 46 -15.39 -15.26 -9.50
C PHE V 46 -14.55 -15.31 -10.76
N SER V 47 -13.66 -14.33 -10.96
CA SER V 47 -12.76 -14.37 -12.10
C SER V 47 -11.83 -15.58 -12.03
N MET V 48 -11.28 -15.84 -10.85
CA MET V 48 -10.40 -17.00 -10.69
C MET V 48 -11.15 -18.30 -10.97
N LEU V 49 -12.40 -18.40 -10.52
CA LEU V 49 -13.18 -19.60 -10.78
C LEU V 49 -13.57 -19.74 -12.24
N LEU V 50 -13.84 -18.61 -12.91
CA LEU V 50 -14.13 -18.65 -14.34
C LEU V 50 -12.93 -19.13 -15.14
N GLU V 51 -11.72 -18.71 -14.75
CA GLU V 51 -10.53 -19.14 -15.48
C GLU V 51 -10.30 -20.64 -15.35
N GLN V 52 -10.68 -21.24 -14.21
CA GLN V 52 -10.47 -22.66 -13.96
C GLN V 52 -11.62 -23.52 -14.45
N ASN V 53 -12.61 -22.94 -15.10
CA ASN V 53 -13.79 -23.63 -15.62
C ASN V 53 -14.64 -24.25 -14.53
N ASP V 54 -14.51 -23.79 -13.28
CA ASP V 54 -15.41 -24.22 -12.22
C ASP V 54 -16.77 -23.55 -12.35
N LEU V 55 -16.78 -22.30 -12.82
CA LEU V 55 -18.01 -21.53 -12.98
C LEU V 55 -18.22 -21.23 -14.46
N GLU V 56 -19.37 -21.64 -14.99
CA GLU V 56 -19.73 -21.44 -16.38
C GLU V 56 -21.18 -21.00 -16.45
N PRO V 57 -21.58 -20.32 -17.53
CA PRO V 57 -23.00 -19.94 -17.68
C PRO V 57 -23.93 -21.14 -17.69
N GLY V 58 -23.48 -22.29 -18.22
CA GLY V 58 -24.28 -23.49 -18.22
C GLY V 58 -24.01 -24.46 -17.08
N HIS V 59 -23.18 -24.08 -16.10
CA HIS V 59 -22.87 -24.94 -14.96
C HIS V 59 -22.70 -24.05 -13.73
N THR V 60 -23.70 -24.04 -12.86
CA THR V 60 -23.69 -23.18 -11.68
C THR V 60 -23.82 -23.99 -10.38
N GLU V 61 -23.43 -25.27 -10.40
CA GLU V 61 -23.57 -26.10 -9.20
C GLU V 61 -22.70 -25.57 -8.06
N LEU V 62 -21.46 -25.18 -8.37
CA LEU V 62 -20.57 -24.69 -7.33
C LEU V 62 -21.08 -23.38 -6.74
N LEU V 63 -21.59 -22.48 -7.59
CA LEU V 63 -22.15 -21.23 -7.09
C LEU V 63 -23.34 -21.47 -6.18
N ARG V 64 -24.22 -22.40 -6.59
CA ARG V 64 -25.40 -22.71 -5.77
C ARG V 64 -25.00 -23.33 -4.44
N GLU V 65 -24.02 -24.22 -4.45
CA GLU V 65 -23.56 -24.82 -3.20
C GLU V 65 -22.94 -23.78 -2.28
N LEU V 66 -22.13 -22.87 -2.83
CA LEU V 66 -21.53 -21.82 -2.01
C LEU V 66 -22.59 -20.91 -1.42
N LEU V 67 -23.60 -20.53 -2.22
CA LEU V 67 -24.65 -19.67 -1.71
C LEU V 67 -25.53 -20.38 -0.69
N ALA V 68 -25.72 -21.69 -0.83
CA ALA V 68 -26.48 -22.45 0.15
C ALA V 68 -25.71 -22.59 1.46
N SER V 69 -24.39 -22.70 1.40
CA SER V 69 -23.59 -22.75 2.63
C SER V 69 -23.71 -21.45 3.42
N LEU V 70 -23.88 -20.32 2.73
CA LEU V 70 -24.08 -19.04 3.39
C LEU V 70 -25.52 -18.83 3.82
N ARG V 71 -26.43 -19.73 3.45
CA ARG V 71 -27.85 -19.61 3.76
C ARG V 71 -28.45 -18.33 3.18
N ARG V 72 -27.99 -17.96 1.99
CA ARG V 72 -28.48 -16.76 1.29
C ARG V 72 -29.41 -17.24 0.17
N HIS V 73 -30.68 -17.43 0.51
CA HIS V 73 -31.66 -17.89 -0.46
C HIS V 73 -32.19 -16.78 -1.37
N ASP V 74 -32.08 -15.53 -0.94
CA ASP V 74 -32.46 -14.42 -1.82
C ASP V 74 -31.55 -14.34 -3.03
N LEU V 75 -30.27 -14.68 -2.86
CA LEU V 75 -29.35 -14.73 -3.99
C LEU V 75 -29.57 -15.99 -4.84
N LEU V 76 -29.95 -17.10 -4.20
CA LEU V 76 -30.32 -18.29 -4.96
C LEU V 76 -31.53 -18.03 -5.83
N ARG V 77 -32.46 -17.19 -5.39
CA ARG V 77 -33.58 -16.81 -6.23
C ARG V 77 -33.12 -16.04 -7.47
N ARG V 78 -32.13 -15.15 -7.31
CA ARG V 78 -31.56 -14.46 -8.46
C ARG V 78 -30.91 -15.44 -9.43
N VAL V 79 -30.17 -16.41 -8.89
CA VAL V 79 -29.54 -17.42 -9.74
C VAL V 79 -30.59 -18.21 -10.51
N ASP V 80 -31.68 -18.57 -9.83
CA ASP V 80 -32.78 -19.27 -10.51
C ASP V 80 -33.38 -18.40 -11.60
N ASP V 81 -33.54 -17.11 -11.33
CA ASP V 81 -34.09 -16.20 -12.33
C ASP V 81 -33.20 -16.10 -13.55
N PHE V 82 -31.88 -16.15 -13.36
CA PHE V 82 -30.97 -16.08 -14.50
C PHE V 82 -31.14 -17.29 -15.42
N GLU V 83 -31.18 -18.49 -14.85
CA GLU V 83 -31.28 -19.69 -15.66
C GLU V 83 -32.64 -19.83 -16.34
N ALA V 84 -33.68 -19.21 -15.79
CA ALA V 84 -35.00 -19.27 -16.41
C ALA V 84 -35.04 -18.51 -17.73
N GLY V 85 -34.40 -17.35 -17.80
CA GLY V 85 -34.39 -16.57 -19.01
C GLY V 85 -33.33 -17.01 -20.00
N ALA V 86 -32.47 -17.95 -19.58
CA ALA V 86 -31.40 -18.47 -20.42
C ALA V 86 -31.74 -19.82 -21.02
N ALA V 87 -32.99 -20.25 -20.95
CA ALA V 87 -33.41 -21.54 -21.47
C ALA V 87 -33.88 -21.41 -22.93
N MET W 1 21.17 -23.82 -61.10
CA MET W 1 21.23 -23.47 -59.68
C MET W 1 21.78 -24.63 -58.85
N ASP W 2 22.78 -24.33 -58.03
CA ASP W 2 23.38 -25.34 -57.17
C ASP W 2 22.51 -25.54 -55.93
N PRO W 3 21.99 -26.74 -55.69
CA PRO W 3 21.17 -26.97 -54.49
C PRO W 3 21.91 -26.72 -53.20
N PHE W 4 23.21 -27.02 -53.14
CA PHE W 4 23.98 -26.75 -51.94
C PHE W 4 24.06 -25.26 -51.66
N LEU W 5 24.30 -24.45 -52.70
CA LEU W 5 24.33 -23.01 -52.53
C LEU W 5 22.96 -22.47 -52.14
N VAL W 6 21.90 -23.03 -52.71
CA VAL W 6 20.55 -22.61 -52.32
C VAL W 6 20.29 -22.90 -50.85
N LEU W 7 20.69 -24.09 -50.38
CA LEU W 7 20.51 -24.44 -48.97
C LEU W 7 21.31 -23.51 -48.07
N LEU W 8 22.55 -23.21 -48.46
CA LEU W 8 23.36 -22.31 -47.65
C LEU W 8 22.78 -20.91 -47.60
N HIS W 9 22.26 -20.41 -48.73
CA HIS W 9 21.61 -19.10 -48.74
C HIS W 9 20.37 -19.09 -47.85
N SER W 10 19.57 -20.16 -47.91
CA SER W 10 18.39 -20.24 -47.06
C SER W 10 18.76 -20.26 -45.59
N VAL W 11 19.80 -21.02 -45.22
CA VAL W 11 20.24 -21.03 -43.83
C VAL W 11 20.73 -19.66 -43.40
N SER W 12 21.50 -18.99 -44.25
CA SER W 12 22.01 -17.66 -43.91
C SER W 12 20.89 -16.65 -43.74
N SER W 13 19.81 -16.76 -44.52
CA SER W 13 18.71 -15.82 -44.41
C SER W 13 17.89 -15.98 -43.14
N SER W 14 18.14 -17.02 -42.35
CA SER W 14 17.36 -17.31 -41.14
C SER W 14 18.14 -17.08 -39.85
N LEU W 15 19.23 -16.31 -39.91
CA LEU W 15 20.07 -16.07 -38.75
C LEU W 15 20.07 -14.59 -38.40
N SER W 16 20.20 -14.30 -37.11
CA SER W 16 20.26 -12.93 -36.62
C SER W 16 21.71 -12.51 -36.41
N SER W 17 21.90 -11.27 -35.99
CA SER W 17 23.26 -10.77 -35.77
C SER W 17 23.90 -11.44 -34.56
N SER W 18 23.13 -11.71 -33.51
CA SER W 18 23.67 -12.39 -32.34
C SER W 18 24.11 -13.80 -32.69
N GLU W 19 23.33 -14.51 -33.50
CA GLU W 19 23.72 -15.85 -33.92
C GLU W 19 24.98 -15.82 -34.78
N LEU W 20 25.11 -14.81 -35.64
CA LEU W 20 26.34 -14.67 -36.43
C LEU W 20 27.54 -14.40 -35.53
N THR W 21 27.35 -13.57 -34.50
CA THR W 21 28.44 -13.31 -33.55
C THR W 21 28.84 -14.60 -32.83
N GLU W 22 27.87 -15.40 -32.43
CA GLU W 22 28.18 -16.67 -31.78
C GLU W 22 28.90 -17.62 -32.74
N LEU W 23 28.48 -17.65 -34.01
CA LEU W 23 29.13 -18.50 -35.00
C LEU W 23 30.57 -18.08 -35.24
N LYS W 24 30.85 -16.77 -35.30
CA LYS W 24 32.22 -16.32 -35.52
C LYS W 24 33.14 -16.70 -34.38
N PHE W 25 32.61 -16.79 -33.16
CA PHE W 25 33.43 -17.22 -32.02
C PHE W 25 33.78 -18.70 -32.10
N LEU W 26 32.84 -19.53 -32.56
CA LEU W 26 33.09 -20.96 -32.67
C LEU W 26 34.04 -21.32 -33.80
N CYS W 27 34.37 -20.38 -34.68
CA CYS W 27 35.32 -20.59 -35.76
C CYS W 27 36.63 -19.85 -35.53
N LEU W 28 36.98 -19.61 -34.25
CA LEU W 28 38.17 -18.85 -33.94
C LEU W 28 39.44 -19.58 -34.38
N GLY W 29 39.50 -20.89 -34.17
CA GLY W 29 40.66 -21.66 -34.55
C GLY W 29 40.70 -22.08 -36.00
N ARG W 30 39.67 -21.78 -36.78
CA ARG W 30 39.59 -22.20 -38.17
C ARG W 30 39.85 -21.05 -39.15
N VAL W 31 39.42 -19.84 -38.82
CA VAL W 31 39.58 -18.68 -39.68
C VAL W 31 40.41 -17.64 -38.93
N GLY W 32 41.34 -17.01 -39.64
CA GLY W 32 42.18 -16.00 -39.03
C GLY W 32 41.42 -14.76 -38.64
N LYS W 33 42.03 -13.96 -37.76
CA LYS W 33 41.38 -12.78 -37.22
C LYS W 33 41.11 -11.74 -38.31
N ARG W 34 42.06 -11.55 -39.23
CA ARG W 34 41.88 -10.55 -40.28
C ARG W 34 40.71 -10.91 -41.20
N LYS W 35 40.57 -12.19 -41.54
CA LYS W 35 39.47 -12.59 -42.41
C LYS W 35 38.13 -12.53 -41.70
N LEU W 36 38.10 -12.86 -40.40
CA LEU W 36 36.86 -12.84 -39.65
C LEU W 36 36.28 -11.44 -39.49
N GLU W 37 37.11 -10.40 -39.66
CA GLU W 37 36.66 -9.03 -39.49
C GLU W 37 35.72 -8.58 -40.61
N ARG W 38 35.87 -9.13 -41.81
CA ARG W 38 35.06 -8.72 -42.95
C ARG W 38 33.80 -9.56 -43.10
N VAL W 39 33.49 -10.43 -42.14
CA VAL W 39 32.30 -11.26 -42.19
C VAL W 39 31.12 -10.45 -41.67
N GLN W 40 30.14 -10.21 -42.52
CA GLN W 40 28.95 -9.43 -42.17
C GLN W 40 27.66 -10.22 -42.31
N SER W 41 27.72 -11.44 -42.83
CA SER W 41 26.55 -12.30 -42.95
C SER W 41 27.04 -13.74 -43.01
N GLY W 42 26.09 -14.67 -42.90
CA GLY W 42 26.43 -16.08 -42.97
C GLY W 42 27.05 -16.47 -44.30
N LEU W 43 26.73 -15.74 -45.36
CA LEU W 43 27.25 -16.07 -46.69
C LEU W 43 28.77 -15.92 -46.75
N ASP W 44 29.31 -14.86 -46.13
CA ASP W 44 30.76 -14.66 -46.14
C ASP W 44 31.47 -15.79 -45.42
N LEU W 45 30.99 -16.16 -44.24
CA LEU W 45 31.61 -17.25 -43.49
C LEU W 45 31.48 -18.58 -44.24
N PHE W 46 30.34 -18.81 -44.87
CA PHE W 46 30.15 -20.04 -45.62
C PHE W 46 31.08 -20.11 -46.83
N SER W 47 31.29 -18.98 -47.51
CA SER W 47 32.23 -18.95 -48.62
C SER W 47 33.65 -19.24 -48.14
N MET W 48 34.05 -18.62 -47.01
CA MET W 48 35.38 -18.88 -46.47
C MET W 48 35.55 -20.34 -46.10
N LEU W 49 34.52 -20.95 -45.50
CA LEU W 49 34.59 -22.37 -45.15
C LEU W 49 34.61 -23.25 -46.39
N LEU W 50 33.92 -22.85 -47.46
CA LEU W 50 33.96 -23.61 -48.71
C LEU W 50 35.36 -23.59 -49.31
N GLU W 51 36.04 -22.44 -49.28
CA GLU W 51 37.37 -22.37 -49.88
C GLU W 51 38.38 -23.27 -49.16
N GLN W 52 38.20 -23.49 -47.86
CA GLN W 52 39.15 -24.28 -47.08
C GLN W 52 38.78 -25.75 -46.99
N ASN W 53 37.76 -26.19 -47.73
CA ASN W 53 37.25 -27.56 -47.70
C ASN W 53 36.72 -27.97 -46.34
N ASP W 54 36.41 -27.01 -45.48
CA ASP W 54 35.74 -27.32 -44.22
C ASP W 54 34.27 -27.66 -44.45
N LEU W 55 33.66 -27.07 -45.48
CA LEU W 55 32.28 -27.33 -45.86
C LEU W 55 32.25 -27.88 -47.28
N GLU W 56 31.62 -29.02 -47.46
CA GLU W 56 31.49 -29.66 -48.76
C GLU W 56 30.10 -30.25 -48.90
N PRO W 57 29.59 -30.37 -50.13
CA PRO W 57 28.26 -30.97 -50.31
C PRO W 57 28.14 -32.39 -49.76
N GLY W 58 29.22 -33.16 -49.79
CA GLY W 58 29.22 -34.48 -49.19
C GLY W 58 29.77 -34.55 -47.79
N HIS W 59 30.04 -33.43 -47.15
CA HIS W 59 30.62 -33.39 -45.80
C HIS W 59 30.07 -32.16 -45.09
N THR W 60 28.98 -32.35 -44.33
CA THR W 60 28.30 -31.24 -43.66
C THR W 60 28.32 -31.40 -42.14
N GLU W 61 29.31 -32.11 -41.59
CA GLU W 61 29.34 -32.34 -40.16
C GLU W 61 29.60 -31.06 -39.39
N LEU W 62 30.48 -30.19 -39.91
CA LEU W 62 30.75 -28.93 -39.24
C LEU W 62 29.52 -28.04 -39.21
N LEU W 63 28.76 -28.00 -40.30
CA LEU W 63 27.51 -27.23 -40.32
C LEU W 63 26.53 -27.75 -39.29
N ARG W 64 26.42 -29.09 -39.18
CA ARG W 64 25.51 -29.66 -38.20
C ARG W 64 25.93 -29.34 -36.77
N GLU W 65 27.23 -29.42 -36.48
CA GLU W 65 27.69 -29.08 -35.15
C GLU W 65 27.45 -27.61 -34.82
N LEU W 66 27.71 -26.72 -35.79
CA LEU W 66 27.46 -25.30 -35.58
C LEU W 66 25.99 -25.02 -35.33
N LEU W 67 25.10 -25.69 -36.07
CA LEU W 67 23.67 -25.48 -35.89
C LEU W 67 23.18 -26.09 -34.58
N ALA W 68 23.79 -27.18 -34.14
CA ALA W 68 23.40 -27.77 -32.86
C ALA W 68 23.86 -26.92 -31.69
N SER W 69 25.03 -26.27 -31.81
CA SER W 69 25.47 -25.37 -30.75
C SER W 69 24.54 -24.17 -30.61
N LEU W 70 23.93 -23.73 -31.70
CA LEU W 70 22.95 -22.66 -31.67
C LEU W 70 21.57 -23.14 -31.26
N ARG W 71 21.37 -24.45 -31.11
CA ARG W 71 20.09 -25.05 -30.75
C ARG W 71 19.00 -24.70 -31.76
N ARG W 72 19.37 -24.69 -33.04
CA ARG W 72 18.44 -24.42 -34.14
C ARG W 72 18.17 -25.74 -34.84
N HIS W 73 17.20 -26.49 -34.33
CA HIS W 73 16.85 -27.79 -34.90
C HIS W 73 15.99 -27.67 -36.15
N ASP W 74 15.26 -26.56 -36.30
CA ASP W 74 14.49 -26.35 -37.53
C ASP W 74 15.41 -26.26 -38.75
N LEU W 75 16.55 -25.58 -38.61
CA LEU W 75 17.53 -25.53 -39.69
C LEU W 75 18.20 -26.88 -39.92
N LEU W 76 18.42 -27.64 -38.84
CA LEU W 76 18.92 -29.00 -38.98
C LEU W 76 17.94 -29.87 -39.78
N ARG W 77 16.64 -29.60 -39.65
CA ARG W 77 15.67 -30.31 -40.48
C ARG W 77 15.85 -29.98 -41.96
N ARG W 78 16.12 -28.71 -42.29
CA ARG W 78 16.40 -28.36 -43.68
C ARG W 78 17.64 -29.07 -44.19
N VAL W 79 18.68 -29.12 -43.35
CA VAL W 79 19.90 -29.83 -43.74
C VAL W 79 19.61 -31.31 -43.99
N ASP W 80 18.79 -31.91 -43.12
CA ASP W 80 18.42 -33.31 -43.29
C ASP W 80 17.66 -33.52 -44.59
N ASP W 81 16.73 -32.60 -44.90
CA ASP W 81 15.96 -32.71 -46.13
C ASP W 81 16.84 -32.60 -47.36
N PHE W 82 17.86 -31.74 -47.32
CA PHE W 82 18.76 -31.60 -48.46
C PHE W 82 19.48 -32.91 -48.75
N GLU W 83 19.99 -33.58 -47.72
CA GLU W 83 20.71 -34.84 -47.94
C GLU W 83 19.81 -35.96 -48.40
N ALA W 84 18.50 -35.87 -48.13
CA ALA W 84 17.58 -36.90 -48.59
C ALA W 84 17.40 -36.87 -50.10
N GLY W 85 17.31 -35.70 -50.70
CA GLY W 85 17.13 -35.58 -52.13
C GLY W 85 18.42 -35.67 -52.91
N ALA W 86 19.56 -35.60 -52.21
CA ALA W 86 20.88 -35.66 -52.82
C ALA W 86 21.58 -36.99 -52.58
N ALA W 87 20.83 -38.04 -52.27
CA ALA W 87 21.41 -39.36 -52.01
C ALA W 87 22.06 -39.93 -53.27
N MET X 1 -40.03 4.47 -0.30
CA MET X 1 -40.25 3.92 1.02
C MET X 1 -40.97 2.58 0.94
N ASP X 2 -40.29 1.53 1.37
CA ASP X 2 -40.89 0.20 1.35
C ASP X 2 -41.87 0.05 2.51
N PRO X 3 -43.16 -0.20 2.23
CA PRO X 3 -44.12 -0.38 3.32
C PRO X 3 -43.78 -1.53 4.25
N PHE X 4 -43.24 -2.63 3.71
CA PHE X 4 -42.86 -3.76 4.57
C PHE X 4 -41.74 -3.38 5.52
N LEU X 5 -40.74 -2.65 5.01
CA LEU X 5 -39.66 -2.17 5.87
C LEU X 5 -40.18 -1.19 6.92
N VAL X 6 -41.12 -0.32 6.54
CA VAL X 6 -41.71 0.60 7.52
C VAL X 6 -42.45 -0.17 8.61
N LEU X 7 -43.22 -1.20 8.24
CA LEU X 7 -43.92 -2.01 9.24
C LEU X 7 -42.94 -2.72 10.16
N LEU X 8 -41.88 -3.29 9.60
CA LEU X 8 -40.89 -3.98 10.43
C LEU X 8 -40.17 -3.03 11.37
N HIS X 9 -39.83 -1.83 10.90
CA HIS X 9 -39.20 -0.84 11.77
C HIS X 9 -40.15 -0.41 12.89
N SER X 10 -41.42 -0.22 12.56
CA SER X 10 -42.41 0.13 13.58
C SER X 10 -42.56 -0.97 14.62
N VAL X 11 -42.57 -2.23 14.19
CA VAL X 11 -42.66 -3.34 15.12
C VAL X 11 -41.42 -3.40 16.00
N SER X 12 -40.24 -3.21 15.40
CA SER X 12 -39.00 -3.27 16.17
C SER X 12 -38.91 -2.15 17.19
N SER X 13 -39.50 -0.98 16.89
CA SER X 13 -39.44 0.14 17.81
C SER X 13 -40.38 0.00 19.00
N SER X 14 -41.12 -1.10 19.09
CA SER X 14 -42.08 -1.32 20.18
C SER X 14 -41.73 -2.54 21.02
N LEU X 15 -40.46 -2.94 21.06
CA LEU X 15 -40.02 -4.10 21.83
C LEU X 15 -38.99 -3.68 22.86
N SER X 16 -38.95 -4.40 23.97
CA SER X 16 -37.96 -4.18 25.01
C SER X 16 -36.86 -5.24 24.92
N SER X 17 -35.89 -5.14 25.84
CA SER X 17 -34.76 -6.07 25.81
C SER X 17 -35.19 -7.48 26.17
N SER X 18 -36.14 -7.62 27.11
CA SER X 18 -36.62 -8.95 27.49
C SER X 18 -37.33 -9.63 26.32
N GLU X 19 -38.15 -8.87 25.58
CA GLU X 19 -38.82 -9.45 24.42
C GLU X 19 -37.82 -9.84 23.34
N LEU X 20 -36.76 -9.05 23.17
CA LEU X 20 -35.72 -9.42 22.21
C LEU X 20 -35.02 -10.70 22.63
N THR X 21 -34.72 -10.84 23.93
CA THR X 21 -34.11 -12.07 24.42
C THR X 21 -35.03 -13.27 24.19
N GLU X 22 -36.33 -13.09 24.43
CA GLU X 22 -37.28 -14.17 24.19
C GLU X 22 -37.34 -14.53 22.71
N LEU X 23 -37.33 -13.52 21.83
CA LEU X 23 -37.37 -13.77 20.40
C LEU X 23 -36.13 -14.51 19.91
N LYS X 24 -34.95 -14.16 20.43
CA LYS X 24 -33.73 -14.85 20.01
C LYS X 24 -33.75 -16.33 20.41
N PHE X 25 -34.40 -16.67 21.53
CA PHE X 25 -34.49 -18.06 21.94
C PHE X 25 -35.38 -18.87 21.00
N LEU X 26 -36.47 -18.28 20.52
CA LEU X 26 -37.37 -18.99 19.61
C LEU X 26 -36.79 -19.16 18.22
N CYS X 27 -35.71 -18.45 17.88
CA CYS X 27 -35.03 -18.60 16.60
C CYS X 27 -33.73 -19.38 16.74
N LEU X 28 -33.65 -20.26 17.74
CA LEU X 28 -32.42 -21.00 17.99
C LEU X 28 -32.10 -21.95 16.83
N GLY X 29 -33.12 -22.59 16.27
CA GLY X 29 -32.92 -23.52 15.18
C GLY X 29 -32.91 -22.90 13.80
N ARG X 30 -33.04 -21.58 13.70
CA ARG X 30 -33.10 -20.90 12.41
C ARG X 30 -31.86 -20.07 12.12
N VAL X 31 -31.26 -19.47 13.15
CA VAL X 31 -30.08 -18.63 12.99
C VAL X 31 -28.95 -19.22 13.82
N GLY X 32 -27.74 -19.20 13.27
CA GLY X 32 -26.61 -19.77 13.96
C GLY X 32 -26.22 -18.96 15.19
N LYS X 33 -25.48 -19.61 16.09
CA LYS X 33 -25.12 -18.98 17.35
C LYS X 33 -24.22 -17.77 17.13
N ARG X 34 -23.28 -17.87 16.18
CA ARG X 34 -22.37 -16.76 15.93
C ARG X 34 -23.11 -15.53 15.41
N LYS X 35 -24.08 -15.74 14.50
CA LYS X 35 -24.87 -14.64 13.99
C LYS X 35 -25.77 -14.05 15.07
N LEU X 36 -26.37 -14.89 15.91
CA LEU X 36 -27.27 -14.42 16.95
C LEU X 36 -26.56 -13.57 18.00
N GLU X 37 -25.23 -13.69 18.11
CA GLU X 37 -24.49 -12.90 19.09
C GLU X 37 -24.39 -11.44 18.69
N ARG X 38 -24.66 -11.10 17.43
CA ARG X 38 -24.60 -9.73 16.94
C ARG X 38 -25.95 -9.02 16.97
N VAL X 39 -27.01 -9.71 17.40
CA VAL X 39 -28.35 -9.14 17.39
C VAL X 39 -28.52 -8.26 18.62
N GLN X 40 -28.67 -6.96 18.40
CA GLN X 40 -28.87 -6.00 19.48
C GLN X 40 -30.23 -5.31 19.40
N SER X 41 -31.01 -5.57 18.36
CA SER X 41 -32.33 -4.98 18.19
C SER X 41 -33.12 -5.86 17.23
N GLY X 42 -34.42 -5.58 17.14
CA GLY X 42 -35.27 -6.36 16.26
C GLY X 42 -34.93 -6.17 14.79
N LEU X 43 -34.31 -5.03 14.45
CA LEU X 43 -33.95 -4.77 13.06
C LEU X 43 -32.93 -5.79 12.54
N ASP X 44 -31.93 -6.13 13.35
CA ASP X 44 -30.93 -7.09 12.93
C ASP X 44 -31.55 -8.47 12.69
N LEU X 45 -32.40 -8.91 13.62
CA LEU X 45 -33.06 -10.20 13.47
C LEU X 45 -33.95 -10.22 12.24
N PHE X 46 -34.71 -9.13 12.02
CA PHE X 46 -35.58 -9.06 10.86
C PHE X 46 -34.78 -9.08 9.57
N SER X 47 -33.64 -8.39 9.53
CA SER X 47 -32.79 -8.41 8.35
C SER X 47 -32.26 -9.82 8.08
N MET X 48 -31.81 -10.50 9.13
CA MET X 48 -31.31 -11.87 8.97
C MET X 48 -32.41 -12.79 8.46
N LEU X 49 -33.63 -12.64 8.98
CA LEU X 49 -34.73 -13.48 8.52
C LEU X 49 -35.13 -13.14 7.08
N LEU X 50 -35.00 -11.86 6.69
CA LEU X 50 -35.26 -11.48 5.30
C LEU X 50 -34.26 -12.13 4.36
N GLU X 51 -32.98 -12.19 4.74
CA GLU X 51 -31.97 -12.77 3.86
C GLU X 51 -32.17 -14.27 3.68
N GLN X 52 -32.80 -14.93 4.64
CA GLN X 52 -33.02 -16.37 4.58
C GLN X 52 -34.38 -16.74 4.00
N ASN X 53 -35.15 -15.76 3.52
CA ASN X 53 -36.48 -15.94 2.96
C ASN X 53 -37.47 -16.51 3.97
N ASP X 54 -37.19 -16.40 5.26
CA ASP X 54 -38.18 -16.77 6.27
C ASP X 54 -39.26 -15.71 6.38
N LEU X 55 -38.91 -14.46 6.14
CA LEU X 55 -39.85 -13.34 6.20
C LEU X 55 -39.91 -12.66 4.85
N GLU X 56 -41.11 -12.58 4.28
CA GLU X 56 -41.34 -11.97 2.98
C GLU X 56 -42.59 -11.10 3.07
N PRO X 57 -42.70 -10.09 2.21
CA PRO X 57 -43.91 -9.24 2.23
C PRO X 57 -45.19 -10.01 1.96
N GLY X 58 -45.12 -11.16 1.28
CA GLY X 58 -46.28 -11.99 1.06
C GLY X 58 -46.41 -13.19 1.96
N HIS X 59 -45.46 -13.42 2.88
CA HIS X 59 -45.50 -14.57 3.77
C HIS X 59 -45.08 -14.10 5.16
N THR X 60 -46.05 -13.95 6.07
CA THR X 60 -45.79 -13.42 7.41
C THR X 60 -46.19 -14.40 8.50
N GLU X 61 -46.18 -15.70 8.21
CA GLU X 61 -46.61 -16.69 9.21
C GLU X 61 -45.65 -16.73 10.39
N LEU X 62 -44.34 -16.71 10.13
CA LEU X 62 -43.36 -16.77 11.20
C LEU X 62 -43.43 -15.54 12.10
N LEU X 63 -43.62 -14.35 11.50
CA LEU X 63 -43.77 -13.14 12.29
C LEU X 63 -45.00 -13.22 13.19
N ARG X 64 -46.11 -13.71 12.64
CA ARG X 64 -47.32 -13.84 13.44
C ARG X 64 -47.14 -14.84 14.58
N GLU X 65 -46.48 -15.97 14.32
CA GLU X 65 -46.23 -16.94 15.38
C GLU X 65 -45.35 -16.35 16.48
N LEU X 66 -44.29 -15.63 16.09
CA LEU X 66 -43.42 -15.02 17.08
C LEU X 66 -44.16 -13.97 17.90
N LEU X 67 -45.00 -13.16 17.27
CA LEU X 67 -45.75 -12.14 18.00
C LEU X 67 -46.83 -12.74 18.89
N ALA X 68 -47.39 -13.89 18.48
CA ALA X 68 -48.37 -14.56 19.32
C ALA X 68 -47.71 -15.23 20.53
N SER X 69 -46.48 -15.71 20.37
CA SER X 69 -45.76 -16.28 21.51
C SER X 69 -45.46 -15.22 22.56
N LEU X 70 -45.23 -13.97 22.14
CA LEU X 70 -45.00 -12.88 23.07
C LEU X 70 -46.28 -12.27 23.62
N ARG X 71 -47.44 -12.72 23.13
CA ARG X 71 -48.75 -12.21 23.56
C ARG X 71 -48.89 -10.71 23.31
N ARG X 72 -48.42 -10.27 22.14
CA ARG X 72 -48.53 -8.87 21.73
C ARG X 72 -49.56 -8.80 20.61
N HIS X 73 -50.83 -8.69 20.98
CA HIS X 73 -51.91 -8.60 20.01
C HIS X 73 -52.04 -7.22 19.38
N ASP X 74 -51.55 -6.18 20.06
CA ASP X 74 -51.55 -4.85 19.48
C ASP X 74 -50.66 -4.79 18.24
N LEU X 75 -49.50 -5.46 18.27
CA LEU X 75 -48.64 -5.52 17.10
C LEU X 75 -49.20 -6.45 16.03
N LEU X 76 -49.91 -7.51 16.44
CA LEU X 76 -50.61 -8.34 15.46
C LEU X 76 -51.69 -7.54 14.73
N ARG X 77 -52.30 -6.56 15.40
CA ARG X 77 -53.24 -5.69 14.71
C ARG X 77 -52.56 -4.86 13.64
N ARG X 78 -51.35 -4.37 13.92
CA ARG X 78 -50.59 -3.65 12.90
C ARG X 78 -50.24 -4.55 11.73
N VAL X 79 -49.86 -5.80 12.02
CA VAL X 79 -49.56 -6.74 10.94
C VAL X 79 -50.79 -6.99 10.09
N ASP X 80 -51.96 -7.12 10.73
CA ASP X 80 -53.21 -7.29 10.00
C ASP X 80 -53.51 -6.07 9.14
N ASP X 81 -53.28 -4.86 9.67
CA ASP X 81 -53.57 -3.65 8.93
C ASP X 81 -52.66 -3.50 7.72
N PHE X 82 -51.40 -3.96 7.83
CA PHE X 82 -50.50 -3.90 6.69
C PHE X 82 -51.02 -4.73 5.53
N GLU X 83 -51.49 -5.95 5.82
CA GLU X 83 -51.95 -6.85 4.76
C GLU X 83 -53.25 -6.38 4.14
N ALA X 84 -54.08 -5.64 4.88
CA ALA X 84 -55.34 -5.15 4.32
C ALA X 84 -55.12 -4.12 3.22
N GLY X 85 -54.15 -3.22 3.39
CA GLY X 85 -53.89 -2.20 2.40
C GLY X 85 -53.00 -2.66 1.27
N ALA X 86 -52.35 -3.82 1.44
CA ALA X 86 -51.47 -4.37 0.42
C ALA X 86 -52.12 -5.48 -0.40
N ALA X 87 -53.44 -5.65 -0.27
CA ALA X 87 -54.15 -6.70 -0.99
C ALA X 87 -54.38 -6.29 -2.44
#